data_9HL6
#
_entry.id   9HL6
#
_cell.length_a   1.00
_cell.length_b   1.00
_cell.length_c   1.00
_cell.angle_alpha   90.00
_cell.angle_beta   90.00
_cell.angle_gamma   90.00
#
loop_
_entity.id
_entity.type
_entity.pdbx_description
1 polymer Mucolipin-1
2 branched 2-acetamido-2-deoxy-beta-D-glucopyranose-(1-4)-2-acetamido-2-deoxy-beta-D-glucopyranose
3 non-polymer PENTANE
4 non-polymer N-OCTANE
5 non-polymer HEXADECANE
6 non-polymer HEXANE
7 non-polymer '(2R)-3-{[(S)-hydroxy{[(1S,2R,3R,4S,5S,6R)-2,4,6-trihydroxy-3,5-bis(phosphonooxy)cyclohexyl]oxy}phosphoryl]oxy}propane-1,2-diyl dioctanoate'
8 non-polymer 4-[[(3R)-3-[1-(4-chloranyl-2-fluoranyl-phenyl)piperidin-4-yl]-3-methyl-2H-indol-1-yl]sulfonyl]-N,N-dimethyl-benzenesulfonamide
9 water water
#
_entity_poly.entity_id   1
_entity_poly.type   'polypeptide(L)'
_entity_poly.pdbx_seq_one_letter_code
;MHHHHHHHHGGSDYKDHDGDYKDHDIDYKDDDDKGGSGGSENLYFQGPGTAPAGPRGSETERLLTPNPGYGTQAGPSPAP
PTPPEEEDLRRRLKYFFMSPCDKFRAKGRKPCKLMLQVVKILVVTVQLILFGLSNQLAVTFREENTIAFRHLFLLGYSDG
ADDTFAAYTREQLYQAIFHAVDQYLALPDVSLGRYAYVRGGGDPWTNGSGLALCQRYYHRGHVDPANDTFDIDPMVVTDC
IQVDPPERPPPPPSDDLTLLESSSSYKNLTLKFHKLVNVTIHFRLKTINLQSLINNEIPDCYTFSVLITFDNKAHSGRIP
ISLETQAHIQECKHPSVFQHGDNSFRLLFDVVVILTCSLSFLLCARSLLRGFLLQNEFVGFMWRQRGRVISLWERLEFVN
GWYILLVTSDVLTISGTIMKIGIEAKNLASYDVCSILLGTSTLLVWVGVIRYLTFFHNYNILIATLRVALPSVMRFCCCV
AVIYLGYCFCGWIVLGPYHVKFRSLSMVSECLFSLINGDDMFVTFAAMQAQQGRSSLVWLFSQLYLYSFISLFIYMVLSL
FIALITGAYDTIKHPGGAGAEESELQAYIAQCQDSPTSGKFRRGSGSACSLLCCCGRDPSEEHSLLVN
;
_entity_poly.pdbx_strand_id   A,C,B,D
#
loop_
_chem_comp.id
_chem_comp.type
_chem_comp.name
_chem_comp.formula
A1IV1 non-polymer 4-[[(3R)-3-[1-(4-chloranyl-2-fluoranyl-phenyl)piperidin-4-yl]-3-methyl-2H-indol-1-yl]sulfonyl]-N,N-dimethyl-benzenesulfonamide 'C28 H31 Cl F N3 O4 S2'
EUJ non-polymer '(2R)-3-{[(S)-hydroxy{[(1S,2R,3R,4S,5S,6R)-2,4,6-trihydroxy-3,5-bis(phosphonooxy)cyclohexyl]oxy}phosphoryl]oxy}propane-1,2-diyl dioctanoate' 'C25 H49 O19 P3'
HEX non-polymer HEXANE 'C6 H14'
LNK non-polymer PENTANE 'C5 H12'
NAG D-saccharide, beta linking 2-acetamido-2-deoxy-beta-D-glucopyranose 'C8 H15 N O6'
OCT non-polymer N-OCTANE 'C8 H18'
R16 non-polymer HEXADECANE 'C16 H34'
#
# COMPACT_ATOMS: atom_id res chain seq x y z
N LEU A 89 48.49 -3.65 41.73
CA LEU A 89 47.77 -4.47 40.77
C LEU A 89 46.30 -4.04 40.70
N ARG A 90 45.68 -3.86 41.87
CA ARG A 90 44.31 -3.38 41.90
C ARG A 90 44.20 -1.99 41.29
N ARG A 91 45.15 -1.12 41.61
CA ARG A 91 45.16 0.22 41.02
C ARG A 91 45.34 0.14 39.51
N ARG A 92 46.22 -0.75 39.05
CA ARG A 92 46.44 -0.88 37.61
C ARG A 92 45.18 -1.34 36.90
N LEU A 93 44.48 -2.32 37.46
CA LEU A 93 43.22 -2.76 36.85
C LEU A 93 42.19 -1.62 36.85
N LYS A 94 42.07 -0.91 37.98
CA LYS A 94 41.14 0.21 38.04
C LYS A 94 41.43 1.20 36.92
N TYR A 95 42.70 1.59 36.76
CA TYR A 95 43.06 2.51 35.68
C TYR A 95 42.73 1.92 34.32
N PHE A 96 43.01 0.63 34.15
CA PHE A 96 42.68 -0.03 32.88
C PHE A 96 41.21 0.12 32.55
N PHE A 97 40.34 0.13 33.56
CA PHE A 97 38.90 0.22 33.32
C PHE A 97 38.35 1.63 33.45
N MET A 98 39.21 2.65 33.52
CA MET A 98 38.75 4.02 33.66
C MET A 98 38.37 4.61 32.30
N SER A 99 37.55 5.66 32.35
CA SER A 99 37.10 6.35 31.16
C SER A 99 38.18 7.27 30.61
N PRO A 100 38.05 7.69 29.34
CA PRO A 100 39.09 8.55 28.76
C PRO A 100 39.34 9.82 29.55
N CYS A 101 38.28 10.47 30.04
CA CYS A 101 38.46 11.67 30.85
C CYS A 101 39.17 11.33 32.17
N ASP A 102 38.77 10.23 32.81
CA ASP A 102 39.41 9.83 34.05
C ASP A 102 40.87 9.45 33.80
N LYS A 103 41.15 8.78 32.69
CA LYS A 103 42.52 8.42 32.37
C LYS A 103 43.36 9.68 32.11
N PHE A 104 42.77 10.67 31.45
CA PHE A 104 43.47 11.94 31.25
C PHE A 104 43.77 12.60 32.60
N ARG A 105 42.80 12.60 33.51
CA ARG A 105 43.02 13.18 34.82
C ARG A 105 44.10 12.44 35.60
N ALA A 106 44.12 11.11 35.49
CA ALA A 106 45.05 10.31 36.27
C ALA A 106 46.46 10.34 35.71
N LYS A 107 46.62 10.44 34.39
CA LYS A 107 47.94 10.37 33.78
C LYS A 107 48.17 11.42 32.70
N GLY A 108 47.19 12.28 32.42
CA GLY A 108 47.36 13.25 31.36
C GLY A 108 47.33 12.67 29.96
N ARG A 109 46.90 11.42 29.81
CA ARG A 109 46.90 10.76 28.51
C ARG A 109 46.02 11.54 27.54
N LYS A 110 46.55 11.78 26.35
CA LYS A 110 45.79 12.46 25.30
C LYS A 110 44.89 11.47 24.58
N PRO A 111 43.59 11.75 24.43
CA PRO A 111 42.69 10.75 23.82
C PRO A 111 42.84 10.67 22.31
N CYS A 112 43.96 10.11 21.87
CA CYS A 112 44.24 10.04 20.44
C CYS A 112 43.21 9.18 19.72
N LYS A 113 42.80 8.08 20.33
CA LYS A 113 41.89 7.15 19.66
C LYS A 113 40.54 7.80 19.36
N LEU A 114 40.03 8.62 20.29
CA LEU A 114 38.75 9.28 20.06
C LEU A 114 38.81 10.22 18.86
N MET A 115 39.87 11.03 18.80
CA MET A 115 40.03 11.93 17.65
C MET A 115 40.19 11.13 16.37
N LEU A 116 40.90 10.00 16.45
CA LEU A 116 41.04 9.14 15.28
C LEU A 116 39.69 8.62 14.83
N GLN A 117 38.82 8.24 15.77
CA GLN A 117 37.49 7.75 15.39
C GLN A 117 36.68 8.84 14.72
N VAL A 118 36.75 10.07 15.23
CA VAL A 118 36.00 11.16 14.60
C VAL A 118 36.51 11.40 13.18
N VAL A 119 37.84 11.46 13.03
CA VAL A 119 38.43 11.67 11.71
C VAL A 119 38.06 10.52 10.78
N LYS A 120 38.06 9.29 11.30
CA LYS A 120 37.69 8.13 10.48
C LYS A 120 36.25 8.23 10.02
N ILE A 121 35.34 8.60 10.91
CA ILE A 121 33.95 8.75 10.50
C ILE A 121 33.88 9.71 9.33
N LEU A 122 34.52 10.86 9.46
CA LEU A 122 34.45 11.86 8.40
C LEU A 122 35.01 11.32 7.09
N VAL A 123 36.25 10.81 7.11
CA VAL A 123 36.92 10.45 5.87
C VAL A 123 36.29 9.23 5.23
N VAL A 124 35.89 8.24 6.03
CA VAL A 124 35.29 7.03 5.48
C VAL A 124 33.94 7.35 4.86
N THR A 125 33.13 8.20 5.50
CA THR A 125 31.86 8.59 4.88
C THR A 125 32.11 9.33 3.58
N VAL A 126 33.08 10.24 3.55
CA VAL A 126 33.36 10.97 2.32
C VAL A 126 33.81 10.02 1.23
N GLN A 127 34.67 9.05 1.56
CA GLN A 127 35.15 8.11 0.56
C GLN A 127 34.01 7.26 0.02
N LEU A 128 33.09 6.82 0.88
CA LEU A 128 31.95 6.07 0.41
C LEU A 128 31.11 6.90 -0.57
N ILE A 129 30.86 8.16 -0.21
CA ILE A 129 30.06 9.01 -1.10
C ILE A 129 30.76 9.19 -2.44
N LEU A 130 32.08 9.41 -2.41
CA LEU A 130 32.81 9.61 -3.66
C LEU A 130 32.79 8.35 -4.53
N PHE A 131 32.94 7.18 -3.92
CA PHE A 131 32.84 5.93 -4.67
C PHE A 131 31.45 5.75 -5.28
N GLY A 132 30.42 6.23 -4.57
CA GLY A 132 29.07 6.11 -5.08
C GLY A 132 28.88 6.69 -6.46
N LEU A 133 29.65 7.73 -6.80
CA LEU A 133 29.51 8.33 -8.13
C LEU A 133 29.88 7.34 -9.23
N SER A 134 31.05 6.71 -9.13
CA SER A 134 31.46 5.74 -10.14
C SER A 134 30.53 4.53 -10.13
N ASN A 135 30.14 4.07 -8.94
CA ASN A 135 29.24 2.93 -8.85
C ASN A 135 27.94 3.22 -9.58
N GLN A 136 27.35 4.40 -9.32
CA GLN A 136 26.11 4.77 -9.96
C GLN A 136 26.27 4.88 -11.46
N LEU A 137 27.38 5.45 -11.93
CA LEU A 137 27.59 5.55 -13.37
C LEU A 137 27.57 4.17 -14.03
N ALA A 138 28.29 3.21 -13.44
CA ALA A 138 28.33 1.88 -14.02
C ALA A 138 26.95 1.23 -14.05
N VAL A 139 26.25 1.28 -12.91
CA VAL A 139 24.95 0.60 -12.81
C VAL A 139 23.96 1.24 -13.78
N THR A 140 23.95 2.57 -13.85
CA THR A 140 23.04 3.26 -14.75
C THR A 140 23.33 2.89 -16.21
N PHE A 141 24.59 2.86 -16.60
CA PHE A 141 24.91 2.48 -17.97
C PHE A 141 24.33 1.11 -18.29
N ARG A 142 24.57 0.13 -17.42
CA ARG A 142 24.05 -1.21 -17.67
C ARG A 142 22.52 -1.21 -17.81
N GLU A 143 21.82 -0.62 -16.83
CA GLU A 143 20.37 -0.70 -16.83
C GLU A 143 19.75 0.04 -18.02
N GLU A 144 20.27 1.24 -18.33
CA GLU A 144 19.71 2.01 -19.43
C GLU A 144 19.93 1.31 -20.76
N ASN A 145 21.11 0.73 -20.97
CA ASN A 145 21.32 -0.02 -22.19
C ASN A 145 20.35 -1.19 -22.30
N THR A 146 20.10 -1.88 -21.19
CA THR A 146 19.16 -3.01 -21.23
C THR A 146 17.75 -2.55 -21.58
N ILE A 147 17.31 -1.44 -21.00
CA ILE A 147 15.98 -0.91 -21.32
C ILE A 147 15.89 -0.54 -22.80
N ALA A 148 16.94 0.10 -23.32
CA ALA A 148 16.96 0.43 -24.74
C ALA A 148 16.89 -0.82 -25.60
N PHE A 149 17.60 -1.88 -25.21
CA PHE A 149 17.55 -3.13 -25.98
C PHE A 149 16.15 -3.71 -25.98
N ARG A 150 15.47 -3.66 -24.83
CA ARG A 150 14.09 -4.16 -24.78
C ARG A 150 13.21 -3.37 -25.74
N HIS A 151 13.36 -2.05 -25.79
CA HIS A 151 12.54 -1.26 -26.70
C HIS A 151 12.92 -1.48 -28.15
N LEU A 152 14.19 -1.80 -28.43
CA LEU A 152 14.64 -1.95 -29.81
C LEU A 152 14.27 -3.30 -30.39
N PHE A 153 14.39 -4.38 -29.62
CA PHE A 153 14.34 -5.72 -30.18
C PHE A 153 13.04 -6.46 -29.91
N LEU A 154 12.26 -6.05 -28.93
CA LEU A 154 11.01 -6.75 -28.58
C LEU A 154 9.84 -6.03 -29.25
N LEU A 155 9.16 -6.73 -30.15
CA LEU A 155 8.10 -6.14 -30.94
C LEU A 155 6.90 -5.81 -30.06
N GLY A 156 6.51 -4.54 -30.03
CA GLY A 156 5.36 -4.12 -29.26
C GLY A 156 5.60 -4.07 -27.76
N TYR A 157 6.84 -3.96 -27.32
CA TYR A 157 7.14 -3.91 -25.90
C TYR A 157 6.84 -2.53 -25.33
N SER A 158 6.34 -2.51 -24.10
CA SER A 158 6.11 -1.27 -23.36
C SER A 158 6.63 -1.44 -21.94
N ASP A 159 6.98 -0.32 -21.33
CA ASP A 159 7.48 -0.34 -19.96
C ASP A 159 6.44 -0.92 -19.01
N GLY A 160 6.91 -1.71 -18.05
CA GLY A 160 6.04 -2.32 -17.07
C GLY A 160 5.40 -3.62 -17.52
N ALA A 161 5.68 -4.10 -18.73
CA ALA A 161 5.05 -5.29 -19.27
C ALA A 161 5.95 -6.53 -19.17
N ASP A 162 7.07 -6.44 -18.46
CA ASP A 162 8.05 -7.52 -18.50
C ASP A 162 7.45 -8.83 -18.00
N ASP A 163 6.65 -8.78 -16.93
CA ASP A 163 6.15 -9.99 -16.32
C ASP A 163 5.09 -10.69 -17.15
N THR A 164 4.39 -9.98 -18.03
CA THR A 164 3.31 -10.56 -18.81
C THR A 164 3.58 -10.62 -20.30
N PHE A 165 4.67 -10.04 -20.77
CA PHE A 165 4.98 -10.02 -22.19
C PHE A 165 5.08 -11.44 -22.74
N ALA A 166 4.26 -11.75 -23.75
CA ALA A 166 4.17 -13.11 -24.25
C ALA A 166 3.52 -13.12 -25.62
N ALA A 167 3.72 -14.21 -26.34
CA ALA A 167 3.07 -14.47 -27.62
C ALA A 167 2.01 -15.55 -27.45
N TYR A 168 0.98 -15.50 -28.29
CA TYR A 168 -0.14 -16.42 -28.19
C TYR A 168 -0.53 -17.08 -29.49
N THR A 169 0.01 -16.64 -30.63
CA THR A 169 -0.26 -17.28 -31.91
C THR A 169 1.06 -17.53 -32.63
N ARG A 170 1.03 -18.46 -33.57
CA ARG A 170 2.22 -18.74 -34.37
C ARG A 170 2.66 -17.50 -35.13
N GLU A 171 1.70 -16.72 -35.62
CA GLU A 171 2.01 -15.51 -36.36
C GLU A 171 2.71 -14.49 -35.46
N GLN A 172 2.22 -14.33 -34.23
CA GLN A 172 2.87 -13.42 -33.29
C GLN A 172 4.31 -13.84 -33.01
N LEU A 173 4.54 -15.14 -32.81
CA LEU A 173 5.88 -15.61 -32.49
C LEU A 173 6.83 -15.38 -33.67
N TYR A 174 6.39 -15.73 -34.88
CA TYR A 174 7.23 -15.51 -36.05
C TYR A 174 7.56 -14.03 -36.22
N GLN A 175 6.55 -13.16 -36.04
CA GLN A 175 6.78 -11.74 -36.17
C GLN A 175 7.77 -11.23 -35.13
N ALA A 176 7.66 -11.70 -33.89
CA ALA A 176 8.58 -11.25 -32.85
C ALA A 176 10.03 -11.67 -33.18
N ILE A 177 10.21 -12.92 -33.60
CA ILE A 177 11.55 -13.40 -33.92
C ILE A 177 12.15 -12.60 -35.07
N PHE A 178 11.39 -12.46 -36.16
CA PHE A 178 11.91 -11.74 -37.32
C PHE A 178 12.13 -10.27 -37.02
N HIS A 179 11.29 -9.67 -36.18
CA HIS A 179 11.52 -8.28 -35.79
C HIS A 179 12.83 -8.13 -35.04
N ALA A 180 13.11 -9.05 -34.11
CA ALA A 180 14.37 -8.97 -33.37
C ALA A 180 15.57 -9.08 -34.32
N VAL A 181 15.54 -10.04 -35.24
CA VAL A 181 16.68 -10.19 -36.14
C VAL A 181 16.81 -8.99 -37.07
N ASP A 182 15.70 -8.49 -37.60
CA ASP A 182 15.75 -7.32 -38.49
C ASP A 182 16.28 -6.10 -37.76
N GLN A 183 15.87 -5.89 -36.50
CA GLN A 183 16.39 -4.76 -35.75
C GLN A 183 17.87 -4.91 -35.48
N TYR A 184 18.32 -6.13 -35.19
CA TYR A 184 19.76 -6.36 -35.05
C TYR A 184 20.50 -5.96 -36.31
N LEU A 185 19.94 -6.28 -37.48
CA LEU A 185 20.62 -5.95 -38.73
C LEU A 185 20.52 -4.46 -39.06
N ALA A 186 19.50 -3.77 -38.58
CA ALA A 186 19.31 -2.35 -38.85
C ALA A 186 19.92 -1.44 -37.80
N LEU A 187 20.47 -2.00 -36.72
CA LEU A 187 20.92 -1.19 -35.59
C LEU A 187 21.76 0.02 -35.96
N PRO A 188 22.75 -0.07 -36.85
CA PRO A 188 23.57 1.11 -37.15
C PRO A 188 22.79 2.29 -37.71
N ASP A 189 21.62 2.07 -38.30
CA ASP A 189 20.85 3.14 -38.92
C ASP A 189 19.76 3.72 -38.03
N VAL A 190 19.29 2.97 -37.03
CA VAL A 190 18.13 3.39 -36.26
C VAL A 190 18.48 3.75 -34.81
N SER A 191 19.46 3.08 -34.21
CA SER A 191 19.71 3.23 -32.79
C SER A 191 20.28 4.60 -32.46
N LEU A 192 19.93 5.10 -31.27
CA LEU A 192 20.51 6.33 -30.76
C LEU A 192 21.88 6.11 -30.15
N GLY A 193 22.16 4.90 -29.67
CA GLY A 193 23.50 4.56 -29.23
C GLY A 193 24.40 4.15 -30.36
N ARG A 194 25.69 4.08 -30.07
CA ARG A 194 26.70 3.65 -31.02
C ARG A 194 27.21 2.28 -30.59
N TYR A 195 26.95 1.27 -31.40
CA TYR A 195 27.30 -0.11 -31.07
C TYR A 195 28.16 -0.71 -32.16
N ALA A 196 29.04 -1.61 -31.76
CA ALA A 196 29.85 -2.39 -32.68
C ALA A 196 29.48 -3.86 -32.53
N TYR A 197 29.52 -4.58 -33.64
CA TYR A 197 29.20 -6.01 -33.64
C TYR A 197 30.39 -6.83 -33.18
N VAL A 198 30.08 -8.02 -32.66
CA VAL A 198 31.08 -9.00 -32.27
C VAL A 198 30.80 -10.29 -33.03
N ARG A 199 31.84 -10.88 -33.61
CA ARG A 199 31.72 -12.07 -34.43
C ARG A 199 32.51 -13.23 -33.84
N GLY A 200 31.98 -14.44 -34.03
CA GLY A 200 32.70 -15.64 -33.66
C GLY A 200 32.91 -15.75 -32.16
N GLY A 201 34.05 -16.30 -31.77
CA GLY A 201 34.39 -16.42 -30.37
C GLY A 201 33.75 -17.57 -29.65
N GLY A 202 33.43 -18.65 -30.35
CA GLY A 202 32.93 -19.85 -29.72
C GLY A 202 31.41 -19.95 -29.74
N ASP A 203 30.92 -21.02 -29.12
CA ASP A 203 29.50 -21.31 -29.16
C ASP A 203 28.72 -20.23 -28.44
N PRO A 204 27.48 -19.96 -28.88
CA PRO A 204 26.76 -20.63 -29.97
C PRO A 204 27.08 -20.06 -31.34
N TRP A 205 28.04 -19.15 -31.46
CA TRP A 205 28.35 -18.50 -32.73
C TRP A 205 29.42 -19.29 -33.47
N THR A 206 29.20 -19.53 -34.76
CA THR A 206 30.29 -19.97 -35.62
C THR A 206 31.19 -18.78 -35.97
N ASN A 207 32.35 -19.09 -36.52
CA ASN A 207 33.28 -18.02 -36.90
C ASN A 207 32.61 -17.11 -37.92
N GLY A 208 32.74 -15.80 -37.70
CA GLY A 208 32.18 -14.82 -38.60
C GLY A 208 30.72 -14.51 -38.38
N SER A 209 30.06 -15.17 -37.44
CA SER A 209 28.64 -14.99 -37.19
C SER A 209 28.43 -14.07 -35.99
N GLY A 210 27.52 -13.12 -36.14
CA GLY A 210 27.22 -12.18 -35.07
C GLY A 210 26.02 -12.58 -34.24
N LEU A 211 25.03 -13.21 -34.87
CA LEU A 211 23.78 -13.55 -34.19
C LEU A 211 23.48 -15.03 -34.36
N ALA A 212 23.09 -15.68 -33.27
CA ALA A 212 22.70 -17.09 -33.29
C ALA A 212 21.22 -17.19 -32.96
N LEU A 213 20.45 -17.80 -33.86
CA LEU A 213 19.01 -18.01 -33.68
C LEU A 213 18.78 -19.51 -33.59
N CYS A 214 18.46 -19.99 -32.40
CA CYS A 214 18.44 -21.43 -32.14
C CYS A 214 17.07 -21.86 -31.63
N GLN A 215 16.60 -23.01 -32.12
CA GLN A 215 15.39 -23.62 -31.61
C GLN A 215 15.72 -24.99 -31.05
N ARG A 216 15.15 -25.29 -29.89
CA ARG A 216 15.38 -26.53 -29.16
C ARG A 216 14.07 -27.27 -29.03
N TYR A 217 14.07 -28.54 -29.41
CA TYR A 217 12.88 -29.38 -29.43
C TYR A 217 13.23 -30.83 -29.10
N TYR A 218 12.21 -31.62 -28.80
CA TYR A 218 12.42 -33.03 -28.48
C TYR A 218 12.91 -33.80 -29.70
N HIS A 219 13.75 -34.80 -29.45
CA HIS A 219 14.30 -35.61 -30.53
C HIS A 219 13.18 -36.34 -31.29
N ARG A 220 12.24 -36.93 -30.56
CA ARG A 220 11.05 -37.55 -31.14
C ARG A 220 9.84 -37.03 -30.38
N GLY A 221 8.87 -36.48 -31.11
CA GLY A 221 7.81 -35.72 -30.48
C GLY A 221 6.39 -35.98 -30.90
N HIS A 222 5.99 -37.23 -31.13
N HIS A 222 5.99 -37.23 -31.13
CA HIS A 222 4.64 -37.49 -31.61
CA HIS A 222 4.63 -37.50 -31.60
C HIS A 222 3.64 -37.24 -30.48
C HIS A 222 3.64 -37.24 -30.48
N VAL A 223 2.72 -36.30 -30.69
CA VAL A 223 1.74 -35.91 -29.68
C VAL A 223 0.36 -35.96 -30.32
N ASP A 224 -0.56 -36.74 -29.75
CA ASP A 224 -1.86 -37.01 -30.34
C ASP A 224 -2.92 -36.95 -29.26
N PRO A 225 -3.28 -35.74 -28.80
CA PRO A 225 -4.31 -35.62 -27.77
C PRO A 225 -5.67 -36.14 -28.21
N ALA A 226 -5.95 -36.18 -29.51
CA ALA A 226 -7.22 -36.71 -29.97
C ALA A 226 -7.39 -38.17 -29.56
N ASN A 227 -6.31 -38.95 -29.66
CA ASN A 227 -6.31 -40.35 -29.25
C ASN A 227 -5.75 -40.54 -27.85
N ASP A 228 -5.49 -39.45 -27.12
CA ASP A 228 -4.91 -39.53 -25.79
C ASP A 228 -3.60 -40.32 -25.82
N THR A 229 -2.76 -40.01 -26.80
CA THR A 229 -1.56 -40.80 -27.08
C THR A 229 -0.35 -39.88 -27.25
N PHE A 230 0.83 -40.42 -26.99
CA PHE A 230 2.05 -39.72 -27.35
C PHE A 230 3.23 -40.67 -27.29
N ASP A 231 4.22 -40.37 -28.11
CA ASP A 231 5.50 -41.08 -28.18
C ASP A 231 6.60 -40.03 -28.18
N ILE A 232 7.35 -39.96 -27.08
CA ILE A 232 8.31 -38.90 -26.84
C ILE A 232 9.67 -39.51 -26.52
N ASP A 233 10.70 -39.01 -27.17
CA ASP A 233 12.08 -39.15 -26.72
C ASP A 233 12.53 -37.78 -26.23
N PRO A 234 12.56 -37.54 -24.92
CA PRO A 234 12.71 -36.17 -24.43
C PRO A 234 14.11 -35.60 -24.52
N MET A 235 15.02 -36.29 -25.20
CA MET A 235 16.34 -35.72 -25.48
C MET A 235 16.18 -34.47 -26.33
N VAL A 236 16.89 -33.40 -25.97
CA VAL A 236 16.74 -32.10 -26.61
C VAL A 236 17.71 -31.98 -27.76
N VAL A 237 17.19 -31.62 -28.93
CA VAL A 237 17.97 -31.32 -30.13
C VAL A 237 17.95 -29.82 -30.33
N THR A 238 19.11 -29.25 -30.63
CA THR A 238 19.27 -27.84 -30.91
C THR A 238 19.57 -27.64 -32.39
N ASP A 239 18.86 -26.72 -33.03
CA ASP A 239 19.10 -26.35 -34.42
C ASP A 239 19.33 -24.84 -34.47
N CYS A 240 20.50 -24.43 -34.97
CA CYS A 240 20.95 -23.05 -34.87
C CYS A 240 21.15 -22.49 -36.28
N ILE A 241 20.67 -21.27 -36.49
CA ILE A 241 20.91 -20.51 -37.71
C ILE A 241 21.83 -19.35 -37.36
N GLN A 242 22.85 -19.13 -38.19
CA GLN A 242 23.85 -18.11 -37.96
C GLN A 242 23.60 -16.93 -38.90
N VAL A 243 23.60 -15.73 -38.35
CA VAL A 243 23.41 -14.50 -39.11
C VAL A 243 24.65 -13.65 -38.93
N ASP A 244 25.26 -13.25 -40.03
CA ASP A 244 26.38 -12.35 -39.99
C ASP A 244 25.89 -10.90 -39.95
N PRO A 245 26.54 -10.03 -39.20
CA PRO A 245 26.15 -8.62 -39.20
C PRO A 245 26.38 -8.00 -40.57
N PRO A 246 25.64 -6.93 -40.90
CA PRO A 246 25.74 -6.31 -42.23
C PRO A 246 27.15 -5.82 -42.54
N SER A 265 18.37 -15.81 -44.92
CA SER A 265 18.06 -17.24 -44.83
C SER A 265 17.42 -17.58 -43.49
N TYR A 266 17.54 -16.66 -42.52
CA TYR A 266 16.83 -16.85 -41.26
C TYR A 266 15.32 -16.70 -41.44
N LYS A 267 14.88 -16.09 -42.54
CA LYS A 267 13.45 -15.96 -42.81
C LYS A 267 12.81 -17.29 -43.18
N ASN A 268 13.60 -18.32 -43.45
CA ASN A 268 13.10 -19.66 -43.75
C ASN A 268 12.93 -20.51 -42.49
N LEU A 269 13.09 -19.92 -41.31
CA LEU A 269 12.94 -20.67 -40.08
C LEU A 269 11.56 -21.33 -40.03
N THR A 270 11.54 -22.61 -39.68
CA THR A 270 10.31 -23.39 -39.53
C THR A 270 10.29 -23.97 -38.13
N LEU A 271 9.40 -23.47 -37.29
CA LEU A 271 9.32 -23.93 -35.91
C LEU A 271 8.55 -25.23 -35.82
N LYS A 272 9.04 -26.14 -34.99
CA LYS A 272 8.37 -27.41 -34.71
C LYS A 272 7.51 -27.23 -33.46
N PHE A 273 6.34 -26.64 -33.65
CA PHE A 273 5.56 -26.12 -32.53
C PHE A 273 5.17 -27.23 -31.56
N HIS A 274 4.78 -28.39 -32.06
CA HIS A 274 4.21 -29.42 -31.19
C HIS A 274 5.24 -30.01 -30.22
N LYS A 275 6.53 -29.96 -30.56
CA LYS A 275 7.58 -30.46 -29.67
C LYS A 275 8.62 -29.39 -29.36
N LEU A 276 8.30 -28.12 -29.59
CA LEU A 276 9.25 -27.04 -29.37
C LEU A 276 9.49 -26.83 -27.88
N VAL A 277 10.76 -26.79 -27.49
CA VAL A 277 11.11 -26.50 -26.10
C VAL A 277 11.37 -25.01 -25.90
N ASN A 278 12.22 -24.40 -26.72
CA ASN A 278 12.32 -22.94 -26.68
C ASN A 278 13.06 -22.42 -27.90
N VAL A 279 13.06 -21.10 -28.02
CA VAL A 279 13.81 -20.40 -29.06
C VAL A 279 14.64 -19.32 -28.40
N THR A 280 15.90 -19.22 -28.79
CA THR A 280 16.81 -18.23 -28.22
C THR A 280 17.52 -17.46 -29.33
N ILE A 281 17.76 -16.18 -29.07
CA ILE A 281 18.57 -15.34 -29.93
C ILE A 281 19.72 -14.81 -29.09
N HIS A 282 20.95 -15.04 -29.53
CA HIS A 282 22.16 -14.62 -28.83
C HIS A 282 22.95 -13.68 -29.71
N PHE A 283 23.36 -12.54 -29.16
CA PHE A 283 24.31 -11.70 -29.87
C PHE A 283 25.01 -10.76 -28.89
N ARG A 284 26.16 -10.25 -29.30
CA ARG A 284 26.96 -9.37 -28.46
C ARG A 284 27.16 -8.02 -29.13
N LEU A 285 27.17 -6.96 -28.33
CA LEU A 285 27.35 -5.59 -28.81
C LEU A 285 28.39 -4.89 -27.98
N LYS A 286 29.22 -4.07 -28.61
CA LYS A 286 30.26 -3.31 -27.93
C LYS A 286 29.90 -1.83 -27.93
N THR A 287 30.10 -1.18 -26.79
CA THR A 287 29.82 0.24 -26.66
C THR A 287 30.78 0.84 -25.64
N ILE A 288 30.79 2.17 -25.56
CA ILE A 288 31.71 2.91 -24.70
C ILE A 288 30.90 3.76 -23.74
N ASN A 289 31.21 3.65 -22.45
CA ASN A 289 30.49 4.38 -21.40
C ASN A 289 31.06 5.79 -21.29
N LEU A 290 30.58 6.68 -22.16
CA LEU A 290 31.14 8.02 -22.26
C LEU A 290 30.79 8.89 -21.05
N GLN A 291 29.69 8.59 -20.36
CA GLN A 291 29.28 9.45 -19.25
C GLN A 291 30.33 9.55 -18.16
N SER A 292 31.27 8.59 -18.11
CA SER A 292 32.34 8.67 -17.12
C SER A 292 33.13 9.96 -17.23
N LEU A 293 33.14 10.60 -18.40
CA LEU A 293 33.85 11.86 -18.55
C LEU A 293 33.37 12.90 -17.55
N ILE A 294 32.09 12.84 -17.15
CA ILE A 294 31.57 13.83 -16.21
C ILE A 294 32.18 13.67 -14.82
N ASN A 295 32.73 12.50 -14.51
CA ASN A 295 33.40 12.26 -13.25
C ASN A 295 34.92 12.37 -13.38
N ASN A 296 35.40 12.95 -14.47
CA ASN A 296 36.84 13.06 -14.74
C ASN A 296 37.51 11.69 -14.75
N GLU A 297 36.86 10.71 -15.37
CA GLU A 297 37.38 9.36 -15.49
C GLU A 297 37.44 8.97 -16.96
N ILE A 298 38.33 8.05 -17.28
CA ILE A 298 38.44 7.54 -18.65
C ILE A 298 37.32 6.55 -18.90
N PRO A 299 36.54 6.70 -19.98
CA PRO A 299 35.48 5.75 -20.27
C PRO A 299 35.98 4.32 -20.43
N ASP A 300 35.18 3.37 -19.98
CA ASP A 300 35.46 1.95 -20.15
C ASP A 300 34.77 1.43 -21.41
N CYS A 301 35.22 0.26 -21.86
CA CYS A 301 34.65 -0.42 -23.01
C CYS A 301 33.77 -1.56 -22.52
N TYR A 302 32.48 -1.51 -22.84
CA TYR A 302 31.52 -2.52 -22.43
C TYR A 302 31.20 -3.47 -23.57
N THR A 303 31.09 -4.75 -23.24
CA THR A 303 30.50 -5.74 -24.13
C THR A 303 29.24 -6.27 -23.48
N PHE A 304 28.11 -6.11 -24.15
CA PHE A 304 26.82 -6.61 -23.70
C PHE A 304 26.52 -7.91 -24.44
N SER A 305 26.34 -8.98 -23.69
CA SER A 305 25.87 -10.24 -24.23
C SER A 305 24.35 -10.30 -24.04
N VAL A 306 23.62 -10.35 -25.13
CA VAL A 306 22.16 -10.19 -25.15
C VAL A 306 21.54 -11.54 -25.49
N LEU A 307 20.62 -11.98 -24.65
CA LEU A 307 19.89 -13.23 -24.83
C LEU A 307 18.40 -12.93 -24.83
N ILE A 308 17.73 -13.27 -25.92
CA ILE A 308 16.28 -13.15 -26.02
C ILE A 308 15.70 -14.56 -26.02
N THR A 309 14.78 -14.83 -25.10
CA THR A 309 14.21 -16.15 -24.90
C THR A 309 12.71 -16.13 -25.19
N PHE A 310 12.28 -17.04 -26.04
CA PHE A 310 10.87 -17.37 -26.26
C PHE A 310 10.68 -18.75 -25.65
N ASP A 311 10.06 -18.80 -24.48
CA ASP A 311 10.05 -19.99 -23.63
C ASP A 311 8.75 -20.77 -23.79
N ASN A 312 8.86 -22.03 -24.22
CA ASN A 312 7.71 -22.90 -24.42
C ASN A 312 7.77 -24.13 -23.52
N LYS A 313 8.45 -24.05 -22.38
CA LYS A 313 8.64 -25.23 -21.55
C LYS A 313 7.34 -25.69 -20.90
N ALA A 314 6.35 -24.81 -20.74
CA ALA A 314 5.07 -25.21 -20.18
C ALA A 314 4.14 -25.85 -21.21
N HIS A 315 4.40 -25.65 -22.51
CA HIS A 315 3.55 -26.19 -23.57
C HIS A 315 2.08 -25.86 -23.32
N SER A 316 1.82 -24.61 -22.92
CA SER A 316 0.49 -24.21 -22.45
C SER A 316 -0.25 -23.31 -23.43
N GLY A 317 0.30 -23.10 -24.63
CA GLY A 317 -0.28 -22.15 -25.56
C GLY A 317 0.14 -20.71 -25.35
N ARG A 318 0.89 -20.43 -24.29
CA ARG A 318 1.39 -19.09 -23.99
C ARG A 318 2.91 -19.16 -23.91
N ILE A 319 3.59 -18.37 -24.73
CA ILE A 319 5.06 -18.39 -24.77
C ILE A 319 5.58 -17.05 -24.26
N PRO A 320 6.07 -16.98 -23.02
CA PRO A 320 6.66 -15.73 -22.54
C PRO A 320 7.95 -15.39 -23.27
N ILE A 321 8.16 -14.08 -23.44
CA ILE A 321 9.30 -13.53 -24.15
C ILE A 321 10.08 -12.65 -23.19
N SER A 322 11.38 -12.85 -23.11
CA SER A 322 12.21 -12.05 -22.21
C SER A 322 13.53 -11.70 -22.88
N LEU A 323 14.15 -10.62 -22.40
CA LEU A 323 15.47 -10.19 -22.84
C LEU A 323 16.34 -9.99 -21.61
N GLU A 324 17.55 -10.56 -21.63
CA GLU A 324 18.51 -10.39 -20.55
C GLU A 324 19.86 -10.01 -21.13
N THR A 325 20.65 -9.30 -20.32
CA THR A 325 21.98 -8.86 -20.72
C THR A 325 23.00 -9.21 -19.64
N GLN A 326 24.20 -9.54 -20.09
CA GLN A 326 25.38 -9.65 -19.24
C GLN A 326 26.39 -8.62 -19.71
N ALA A 327 26.91 -7.82 -18.80
CA ALA A 327 27.87 -6.77 -19.15
C ALA A 327 29.27 -7.17 -18.72
N HIS A 328 30.23 -7.05 -19.63
CA HIS A 328 31.64 -7.28 -19.34
C HIS A 328 32.41 -6.00 -19.62
N ILE A 329 33.17 -5.55 -18.64
CA ILE A 329 33.89 -4.28 -18.71
C ILE A 329 35.36 -4.55 -18.99
N GLN A 330 35.93 -3.78 -19.91
CA GLN A 330 37.34 -3.85 -20.24
C GLN A 330 37.90 -2.43 -20.33
N GLU A 331 39.21 -2.33 -20.23
CA GLU A 331 39.89 -1.08 -20.53
C GLU A 331 40.02 -0.94 -22.04
N CYS A 332 39.75 0.25 -22.55
CA CYS A 332 39.85 0.47 -23.97
C CYS A 332 41.32 0.56 -24.40
N LYS A 333 41.56 0.30 -25.68
CA LYS A 333 42.91 0.22 -26.22
C LYS A 333 43.41 1.62 -26.57
N HIS A 334 44.38 2.11 -25.80
CA HIS A 334 45.01 3.41 -26.00
C HIS A 334 43.97 4.49 -26.24
N PRO A 335 43.16 4.81 -25.24
CA PRO A 335 42.18 5.90 -25.41
C PRO A 335 42.85 7.26 -25.46
N SER A 336 42.06 8.32 -25.61
CA SER A 336 42.62 9.67 -25.71
C SER A 336 41.55 10.66 -25.28
N VAL A 337 41.74 11.29 -24.13
CA VAL A 337 40.86 12.36 -23.65
C VAL A 337 41.69 13.62 -23.52
N PHE A 338 41.23 14.69 -24.18
CA PHE A 338 42.01 15.91 -24.28
C PHE A 338 42.06 16.63 -22.94
N GLN A 339 43.28 16.93 -22.49
CA GLN A 339 43.51 17.69 -21.25
C GLN A 339 42.74 17.08 -20.09
N HIS A 340 42.80 15.76 -19.99
CA HIS A 340 42.13 15.06 -18.90
C HIS A 340 42.72 15.48 -17.55
N PHE A 345 42.34 15.00 -4.96
CA PHE A 345 42.80 13.85 -5.72
C PHE A 345 42.34 12.56 -5.06
N ARG A 346 41.71 11.68 -5.85
CA ARG A 346 41.13 10.48 -5.29
C ARG A 346 42.20 9.57 -4.68
N LEU A 347 43.34 9.43 -5.36
CA LEU A 347 44.38 8.54 -4.86
C LEU A 347 44.92 9.03 -3.52
N LEU A 348 45.15 10.33 -3.39
CA LEU A 348 45.65 10.87 -2.13
C LEU A 348 44.64 10.67 -1.00
N PHE A 349 43.36 10.89 -1.27
CA PHE A 349 42.35 10.67 -0.26
C PHE A 349 42.27 9.20 0.14
N ASP A 350 42.40 8.29 -0.82
CA ASP A 350 42.40 6.87 -0.50
C ASP A 350 43.59 6.53 0.40
N VAL A 351 44.76 7.09 0.08
CA VAL A 351 45.94 6.86 0.92
C VAL A 351 45.71 7.41 2.32
N VAL A 352 45.07 8.58 2.42
CA VAL A 352 44.79 9.16 3.74
C VAL A 352 43.87 8.24 4.54
N VAL A 353 42.83 7.70 3.90
CA VAL A 353 41.94 6.78 4.58
C VAL A 353 42.72 5.55 5.04
N ILE A 354 43.61 5.04 4.18
CA ILE A 354 44.37 3.85 4.55
C ILE A 354 45.26 4.14 5.75
N LEU A 355 45.91 5.31 5.76
CA LEU A 355 46.79 5.65 6.89
C LEU A 355 45.99 5.80 8.18
N THR A 356 44.84 6.48 8.11
CA THR A 356 44.02 6.63 9.31
C THR A 356 43.58 5.28 9.86
N CYS A 357 43.12 4.40 8.97
CA CYS A 357 42.66 3.09 9.42
C CYS A 357 43.82 2.26 9.95
N SER A 358 45.00 2.36 9.33
CA SER A 358 46.16 1.63 9.82
C SER A 358 46.58 2.08 11.21
N LEU A 359 46.59 3.40 11.44
CA LEU A 359 46.92 3.90 12.77
C LEU A 359 45.89 3.45 13.80
N SER A 360 44.60 3.49 13.44
CA SER A 360 43.58 2.99 14.35
C SER A 360 43.80 1.52 14.65
N PHE A 361 44.12 0.73 13.62
CA PHE A 361 44.33 -0.70 13.80
C PHE A 361 45.50 -0.95 14.74
N LEU A 362 46.59 -0.21 14.57
CA LEU A 362 47.76 -0.42 15.44
C LEU A 362 47.45 -0.05 16.88
N LEU A 363 46.76 1.07 17.10
CA LEU A 363 46.41 1.45 18.46
C LEU A 363 45.47 0.42 19.09
N CYS A 364 44.50 -0.09 18.33
CA CYS A 364 43.59 -1.09 18.88
C CYS A 364 44.32 -2.38 19.19
N ALA A 365 45.26 -2.80 18.33
CA ALA A 365 46.03 -4.00 18.60
C ALA A 365 46.87 -3.82 19.86
N ARG A 366 47.46 -2.64 20.03
CA ARG A 366 48.22 -2.37 21.25
C ARG A 366 47.33 -2.47 22.49
N SER A 367 46.13 -1.89 22.42
CA SER A 367 45.21 -1.96 23.55
C SER A 367 44.81 -3.41 23.84
N LEU A 368 44.53 -4.19 22.80
CA LEU A 368 44.14 -5.57 23.00
C LEU A 368 45.27 -6.38 23.63
N LEU A 369 46.51 -6.14 23.19
CA LEU A 369 47.65 -6.83 23.80
C LEU A 369 47.79 -6.45 25.26
N ARG A 370 47.64 -5.16 25.58
CA ARG A 370 47.69 -4.73 26.97
C ARG A 370 46.63 -5.42 27.81
N GLY A 371 45.41 -5.50 27.28
CA GLY A 371 44.34 -6.18 28.00
C GLY A 371 44.64 -7.65 28.21
N PHE A 372 45.19 -8.31 27.19
CA PHE A 372 45.55 -9.72 27.33
C PHE A 372 46.62 -9.93 28.41
N LEU A 373 47.63 -9.07 28.43
CA LEU A 373 48.66 -9.17 29.44
C LEU A 373 48.07 -8.96 30.84
N LEU A 374 47.21 -7.95 30.98
CA LEU A 374 46.59 -7.71 32.29
C LEU A 374 45.75 -8.90 32.72
N GLN A 375 45.01 -9.49 31.78
CA GLN A 375 44.29 -10.72 32.10
C GLN A 375 45.24 -11.76 32.64
N ASN A 376 46.19 -12.21 31.80
CA ASN A 376 47.16 -13.21 32.22
C ASN A 376 47.69 -12.94 33.62
N GLU A 377 48.06 -11.69 33.90
CA GLU A 377 48.57 -11.34 35.22
C GLU A 377 47.54 -11.62 36.30
N PHE A 378 46.31 -11.11 36.11
CA PHE A 378 45.29 -11.23 37.15
C PHE A 378 44.90 -12.69 37.38
N VAL A 379 44.77 -13.46 36.30
CA VAL A 379 44.40 -14.87 36.45
C VAL A 379 45.51 -15.64 37.15
N GLY A 380 46.77 -15.40 36.79
CA GLY A 380 47.86 -16.04 37.49
C GLY A 380 47.88 -15.70 38.96
N PHE A 381 47.64 -14.43 39.30
CA PHE A 381 47.58 -14.03 40.69
C PHE A 381 46.42 -14.71 41.41
N MET A 382 45.27 -14.79 40.75
CA MET A 382 44.09 -15.40 41.38
C MET A 382 44.29 -16.88 41.63
N TRP A 383 45.08 -17.55 40.79
CA TRP A 383 45.35 -18.97 41.04
C TRP A 383 46.24 -19.17 42.25
N ARG A 384 47.15 -18.24 42.52
CA ARG A 384 48.09 -18.33 43.63
C ARG A 384 47.61 -17.57 44.86
N GLN A 385 46.30 -17.52 45.08
CA GLN A 385 45.75 -16.77 46.20
C GLN A 385 44.32 -17.21 46.51
N LEU A 392 36.34 -19.15 32.69
CA LEU A 392 36.59 -18.58 31.38
C LEU A 392 35.72 -17.36 31.14
N TRP A 393 34.49 -17.42 31.65
CA TRP A 393 33.59 -16.28 31.48
C TRP A 393 34.14 -15.03 32.14
N GLU A 394 34.84 -15.18 33.27
CA GLU A 394 35.52 -14.04 33.87
C GLU A 394 36.76 -13.63 33.09
N ARG A 395 37.34 -14.55 32.30
CA ARG A 395 38.48 -14.19 31.46
C ARG A 395 38.06 -13.28 30.31
N LEU A 396 36.86 -13.47 29.77
CA LEU A 396 36.37 -12.61 28.71
C LEU A 396 35.80 -11.32 29.30
N GLU A 397 36.58 -10.67 30.15
CA GLU A 397 36.23 -9.37 30.71
C GLU A 397 37.28 -8.31 30.43
N PHE A 398 38.55 -8.71 30.27
CA PHE A 398 39.59 -7.81 29.79
C PHE A 398 39.53 -7.64 28.27
N VAL A 399 38.71 -8.43 27.58
CA VAL A 399 38.57 -8.33 26.13
C VAL A 399 37.59 -7.20 25.81
N ASN A 400 38.08 -6.16 25.14
CA ASN A 400 37.26 -5.02 24.75
C ASN A 400 36.64 -5.34 23.41
N GLY A 401 35.37 -5.73 23.41
CA GLY A 401 34.71 -6.07 22.15
C GLY A 401 34.62 -4.90 21.20
N TRP A 402 34.59 -3.68 21.74
CA TRP A 402 34.58 -2.50 20.89
C TRP A 402 35.83 -2.43 20.04
N TYR A 403 36.97 -2.84 20.59
CA TYR A 403 38.21 -2.81 19.82
C TYR A 403 38.29 -3.93 18.80
N ILE A 404 37.66 -5.08 19.09
CA ILE A 404 37.52 -6.09 18.06
C ILE A 404 36.68 -5.57 16.89
N LEU A 405 35.58 -4.87 17.22
CA LEU A 405 34.79 -4.24 16.17
C LEU A 405 35.61 -3.23 15.39
N LEU A 406 36.42 -2.43 16.09
CA LEU A 406 37.22 -1.41 15.43
C LEU A 406 38.24 -2.02 14.48
N VAL A 407 38.94 -3.09 14.90
CA VAL A 407 39.92 -3.71 14.04
C VAL A 407 39.24 -4.37 12.85
N THR A 408 38.07 -4.98 13.06
CA THR A 408 37.33 -5.54 11.94
C THR A 408 36.97 -4.45 10.93
N SER A 409 36.49 -3.31 11.43
CA SER A 409 36.13 -2.20 10.55
C SER A 409 37.35 -1.69 9.80
N ASP A 410 38.49 -1.59 10.48
CA ASP A 410 39.70 -1.13 9.82
C ASP A 410 40.14 -2.08 8.71
N VAL A 411 40.06 -3.39 8.96
CA VAL A 411 40.42 -4.36 7.94
C VAL A 411 39.48 -4.24 6.75
N LEU A 412 38.18 -4.14 7.02
CA LEU A 412 37.22 -4.00 5.92
C LEU A 412 37.46 -2.73 5.12
N THR A 413 37.74 -1.63 5.82
CA THR A 413 37.97 -0.36 5.13
C THR A 413 39.21 -0.43 4.26
N ILE A 414 40.29 -1.02 4.76
CA ILE A 414 41.51 -1.11 3.98
C ILE A 414 41.29 -2.00 2.76
N SER A 415 40.61 -3.13 2.93
CA SER A 415 40.34 -4.00 1.78
C SER A 415 39.49 -3.27 0.74
N GLY A 416 38.45 -2.57 1.19
CA GLY A 416 37.61 -1.85 0.25
C GLY A 416 38.35 -0.73 -0.45
N THR A 417 39.24 -0.04 0.26
CA THR A 417 40.02 1.02 -0.35
C THR A 417 40.98 0.48 -1.40
N ILE A 418 41.61 -0.66 -1.10
CA ILE A 418 42.50 -1.29 -2.09
C ILE A 418 41.70 -1.69 -3.32
N MET A 419 40.52 -2.28 -3.11
CA MET A 419 39.68 -2.66 -4.24
C MET A 419 39.27 -1.43 -5.05
N LYS A 420 38.94 -0.33 -4.37
CA LYS A 420 38.55 0.89 -5.06
C LYS A 420 39.69 1.44 -5.89
N ILE A 421 40.91 1.43 -5.33
CA ILE A 421 42.07 1.88 -6.10
C ILE A 421 42.26 0.99 -7.32
N GLY A 422 42.13 -0.32 -7.14
CA GLY A 422 42.27 -1.23 -8.28
C GLY A 422 41.24 -0.96 -9.37
N ILE A 423 40.00 -0.70 -8.97
CA ILE A 423 38.97 -0.39 -9.96
C ILE A 423 39.27 0.92 -10.67
N GLU A 424 39.75 1.93 -9.93
CA GLU A 424 40.12 3.19 -10.56
C GLU A 424 41.27 3.00 -11.54
N ALA A 425 42.26 2.18 -11.17
CA ALA A 425 43.35 1.87 -12.08
C ALA A 425 42.91 0.96 -13.22
N LYS A 426 41.69 0.45 -13.18
CA LYS A 426 41.11 -0.41 -14.20
C LYS A 426 41.71 -1.81 -14.20
N ASN A 427 42.30 -2.23 -13.08
CA ASN A 427 42.72 -3.61 -12.91
C ASN A 427 41.57 -4.51 -12.46
N LEU A 428 40.54 -3.94 -11.84
CA LEU A 428 39.39 -4.68 -11.34
C LEU A 428 38.12 -4.02 -11.83
N ALA A 429 37.01 -4.78 -11.75
CA ALA A 429 35.71 -4.24 -12.14
C ALA A 429 34.59 -4.69 -11.20
N SER A 430 34.91 -5.11 -9.98
CA SER A 430 33.92 -5.66 -9.06
C SER A 430 33.33 -4.53 -8.21
N TYR A 431 32.44 -3.77 -8.83
CA TYR A 431 31.83 -2.63 -8.13
C TYR A 431 30.99 -3.07 -6.95
N ASP A 432 30.25 -4.17 -7.10
CA ASP A 432 29.33 -4.60 -6.04
C ASP A 432 30.07 -5.01 -4.78
N VAL A 433 31.15 -5.80 -4.92
CA VAL A 433 31.92 -6.22 -3.76
C VAL A 433 32.54 -5.03 -3.05
N CYS A 434 33.12 -4.12 -3.84
CA CYS A 434 33.72 -2.92 -3.25
C CYS A 434 32.68 -2.09 -2.51
N SER A 435 31.50 -1.92 -3.12
CA SER A 435 30.46 -1.13 -2.49
C SER A 435 30.00 -1.78 -1.18
N ILE A 436 29.87 -3.11 -1.16
CA ILE A 436 29.46 -3.77 0.06
C ILE A 436 30.52 -3.60 1.15
N LEU A 437 31.79 -3.77 0.79
CA LEU A 437 32.85 -3.61 1.78
C LEU A 437 32.86 -2.20 2.36
N LEU A 438 32.81 -1.19 1.49
CA LEU A 438 32.89 0.19 1.96
C LEU A 438 31.64 0.59 2.74
N GLY A 439 30.46 0.14 2.31
CA GLY A 439 29.25 0.47 3.05
C GLY A 439 29.21 -0.16 4.43
N THR A 440 29.58 -1.44 4.52
CA THR A 440 29.63 -2.09 5.81
C THR A 440 30.65 -1.42 6.72
N SER A 441 31.82 -1.07 6.17
CA SER A 441 32.83 -0.40 6.98
C SER A 441 32.33 0.96 7.46
N THR A 442 31.60 1.68 6.62
CA THR A 442 31.04 2.97 7.03
C THR A 442 30.05 2.79 8.18
N LEU A 443 29.16 1.79 8.05
CA LEU A 443 28.20 1.54 9.13
C LEU A 443 28.92 1.19 10.43
N LEU A 444 29.93 0.32 10.36
CA LEU A 444 30.64 -0.07 11.57
C LEU A 444 31.41 1.10 12.17
N VAL A 445 31.99 1.96 11.34
CA VAL A 445 32.71 3.12 11.84
C VAL A 445 31.76 4.06 12.57
N TRP A 446 30.57 4.27 12.01
CA TRP A 446 29.59 5.09 12.71
C TRP A 446 29.17 4.46 14.04
N VAL A 447 28.96 3.13 14.04
CA VAL A 447 28.50 2.47 15.25
C VAL A 447 29.59 2.50 16.33
N GLY A 448 30.85 2.37 15.94
CA GLY A 448 31.92 2.19 16.89
C GLY A 448 32.13 3.36 17.82
N VAL A 449 31.62 4.54 17.47
CA VAL A 449 31.76 5.70 18.34
C VAL A 449 30.91 5.59 19.60
N ILE A 450 29.97 4.65 19.64
CA ILE A 450 29.13 4.47 20.82
C ILE A 450 29.95 3.99 22.01
N ARG A 451 31.14 3.43 21.75
CA ARG A 451 31.98 2.97 22.86
C ARG A 451 32.19 4.08 23.88
N TYR A 452 32.35 5.31 23.41
CA TYR A 452 32.67 6.42 24.30
C TYR A 452 31.45 6.95 25.03
N LEU A 453 30.25 6.50 24.67
CA LEU A 453 29.04 6.80 25.43
C LEU A 453 28.74 5.75 26.49
N THR A 454 29.49 4.65 26.52
CA THR A 454 29.20 3.57 27.47
C THR A 454 29.63 3.92 28.89
N PHE A 455 30.53 4.88 29.06
CA PHE A 455 31.01 5.20 30.41
C PHE A 455 29.95 5.93 31.21
N PHE A 456 29.09 6.68 30.55
CA PHE A 456 28.06 7.48 31.21
C PHE A 456 26.74 6.73 31.15
N HIS A 457 26.20 6.40 32.32
CA HIS A 457 25.01 5.54 32.37
C HIS A 457 23.83 6.21 31.68
N ASN A 458 23.70 7.52 31.84
CA ASN A 458 22.57 8.23 31.24
C ASN A 458 22.56 8.13 29.72
N TYR A 459 23.69 7.78 29.11
CA TYR A 459 23.78 7.63 27.67
C TYR A 459 23.94 6.18 27.23
N ASN A 460 23.89 5.22 28.15
CA ASN A 460 24.20 3.83 27.86
C ASN A 460 22.98 2.92 27.97
N ILE A 461 21.78 3.47 27.91
CA ILE A 461 20.57 2.67 28.15
C ILE A 461 20.47 1.55 27.13
N LEU A 462 20.70 1.86 25.85
CA LEU A 462 20.51 0.87 24.80
C LEU A 462 21.45 -0.31 24.97
N ILE A 463 22.75 -0.05 25.14
CA ILE A 463 23.72 -1.12 25.20
C ILE A 463 23.57 -1.93 26.48
N ALA A 464 23.31 -1.26 27.60
CA ALA A 464 23.09 -1.98 28.85
C ALA A 464 21.88 -2.89 28.75
N THR A 465 20.78 -2.38 28.19
CA THR A 465 19.59 -3.19 28.01
C THR A 465 19.86 -4.37 27.10
N LEU A 466 20.56 -4.14 25.99
CA LEU A 466 20.84 -5.22 25.05
C LEU A 466 21.68 -6.30 25.73
N ARG A 467 22.70 -5.89 26.48
CA ARG A 467 23.54 -6.87 27.16
C ARG A 467 22.73 -7.69 28.15
N VAL A 468 21.79 -7.07 28.85
CA VAL A 468 20.99 -7.84 29.81
C VAL A 468 19.99 -8.74 29.09
N ALA A 469 19.44 -8.30 27.97
CA ALA A 469 18.31 -8.98 27.36
C ALA A 469 18.70 -10.08 26.37
N LEU A 470 19.84 -9.97 25.70
CA LEU A 470 20.12 -10.88 24.59
C LEU A 470 20.01 -12.36 24.96
N PRO A 471 20.54 -12.84 26.09
CA PRO A 471 20.44 -14.30 26.37
C PRO A 471 19.01 -14.81 26.41
N SER A 472 18.13 -14.13 27.16
CA SER A 472 16.74 -14.58 27.23
C SER A 472 16.07 -14.48 25.87
N VAL A 473 16.41 -13.44 25.09
CA VAL A 473 15.82 -13.30 23.76
C VAL A 473 16.23 -14.45 22.87
N MET A 474 17.50 -14.85 22.92
CA MET A 474 17.94 -15.98 22.11
C MET A 474 17.24 -17.27 22.53
N ARG A 475 17.08 -17.48 23.84
CA ARG A 475 16.37 -18.66 24.31
C ARG A 475 14.92 -18.67 23.83
N PHE A 476 14.27 -17.51 23.84
CA PHE A 476 12.91 -17.39 23.35
C PHE A 476 12.84 -17.67 21.84
N CYS A 477 13.80 -17.14 21.09
CA CYS A 477 13.82 -17.36 19.65
C CYS A 477 14.04 -18.82 19.31
N CYS A 478 14.74 -19.57 20.16
CA CYS A 478 14.90 -21.00 19.92
C CYS A 478 13.53 -21.67 19.72
N CYS A 479 12.58 -21.36 20.60
CA CYS A 479 11.25 -21.95 20.48
C CYS A 479 10.43 -21.31 19.37
N VAL A 480 10.57 -19.99 19.18
CA VAL A 480 9.75 -19.34 18.16
C VAL A 480 10.14 -19.79 16.75
N ALA A 481 11.42 -20.12 16.54
CA ALA A 481 11.92 -20.35 15.19
C ALA A 481 11.31 -21.60 14.56
N VAL A 482 11.07 -22.66 15.34
CA VAL A 482 10.49 -23.86 14.76
C VAL A 482 9.08 -23.59 14.26
N ILE A 483 8.29 -22.84 15.03
CA ILE A 483 6.96 -22.46 14.57
C ILE A 483 7.04 -21.62 13.30
N TYR A 484 7.96 -20.66 13.29
CA TYR A 484 8.09 -19.80 12.12
C TYR A 484 8.47 -20.61 10.89
N LEU A 485 9.41 -21.53 11.02
CA LEU A 485 9.85 -22.34 9.89
C LEU A 485 8.75 -23.28 9.42
N GLY A 486 8.00 -23.87 10.34
CA GLY A 486 6.87 -24.68 9.94
C GLY A 486 5.88 -23.91 9.11
N TYR A 487 5.52 -22.70 9.56
CA TYR A 487 4.62 -21.86 8.78
C TYR A 487 5.23 -21.50 7.42
N CYS A 488 6.52 -21.19 7.39
CA CYS A 488 7.18 -20.85 6.13
C CYS A 488 7.06 -21.99 5.12
N PHE A 489 7.40 -23.21 5.53
CA PHE A 489 7.36 -24.34 4.60
C PHE A 489 5.92 -24.63 4.15
N CYS A 490 4.99 -24.66 5.10
CA CYS A 490 3.61 -24.94 4.75
C CYS A 490 3.08 -23.91 3.75
N GLY A 491 3.28 -22.62 4.04
CA GLY A 491 2.81 -21.60 3.12
C GLY A 491 3.48 -21.69 1.76
N TRP A 492 4.80 -21.88 1.75
CA TRP A 492 5.53 -21.92 0.49
C TRP A 492 4.99 -23.02 -0.42
N ILE A 493 4.74 -24.20 0.12
CA ILE A 493 4.34 -25.31 -0.75
C ILE A 493 2.85 -25.30 -1.03
N VAL A 494 1.99 -25.04 -0.03
CA VAL A 494 0.55 -25.13 -0.26
C VAL A 494 0.04 -23.91 -1.01
N LEU A 495 0.44 -22.71 -0.61
CA LEU A 495 -0.13 -21.49 -1.17
C LEU A 495 0.67 -20.91 -2.31
N GLY A 496 1.95 -21.29 -2.46
CA GLY A 496 2.81 -20.70 -3.46
C GLY A 496 2.30 -20.76 -4.89
N PRO A 497 1.72 -21.87 -5.33
CA PRO A 497 1.15 -21.90 -6.69
C PRO A 497 -0.01 -20.93 -6.89
N TYR A 498 -0.69 -20.50 -5.83
CA TYR A 498 -1.88 -19.66 -5.96
C TYR A 498 -1.66 -18.21 -5.54
N HIS A 499 -0.60 -17.91 -4.81
CA HIS A 499 -0.42 -16.61 -4.19
C HIS A 499 0.90 -15.99 -4.66
N VAL A 500 0.83 -14.78 -5.20
CA VAL A 500 2.02 -14.14 -5.76
C VAL A 500 3.08 -13.90 -4.70
N LYS A 501 2.68 -13.75 -3.43
CA LYS A 501 3.62 -13.46 -2.36
C LYS A 501 4.22 -14.70 -1.73
N PHE A 502 3.89 -15.90 -2.22
CA PHE A 502 4.39 -17.15 -1.65
C PHE A 502 5.16 -17.97 -2.68
N ARG A 503 5.73 -17.32 -3.71
CA ARG A 503 6.32 -18.07 -4.82
C ARG A 503 7.57 -18.81 -4.41
N SER A 504 8.42 -18.19 -3.57
CA SER A 504 9.67 -18.80 -3.15
C SER A 504 9.78 -18.70 -1.63
N LEU A 505 10.73 -19.45 -1.07
CA LEU A 505 10.87 -19.50 0.37
C LEU A 505 11.26 -18.14 0.95
N SER A 506 12.22 -17.46 0.32
CA SER A 506 12.61 -16.14 0.82
C SER A 506 11.46 -15.14 0.71
N MET A 507 10.68 -15.24 -0.37
CA MET A 507 9.50 -14.40 -0.50
C MET A 507 8.49 -14.69 0.59
N VAL A 508 8.31 -15.98 0.92
CA VAL A 508 7.38 -16.33 2.01
C VAL A 508 7.86 -15.75 3.32
N SER A 509 9.16 -15.84 3.59
CA SER A 509 9.68 -15.27 4.84
C SER A 509 9.48 -13.77 4.88
N GLU A 510 9.70 -13.08 3.76
CA GLU A 510 9.44 -11.65 3.73
C GLU A 510 7.98 -11.34 4.00
N CYS A 511 7.07 -12.10 3.39
CA CYS A 511 5.64 -11.86 3.59
C CYS A 511 5.24 -12.08 5.05
N LEU A 512 5.71 -13.17 5.66
CA LEU A 512 5.34 -13.45 7.04
C LEU A 512 5.93 -12.42 8.00
N PHE A 513 7.20 -12.04 7.77
CA PHE A 513 7.82 -11.02 8.60
C PHE A 513 7.07 -9.69 8.50
N SER A 514 6.65 -9.32 7.28
CA SER A 514 5.88 -8.09 7.12
C SER A 514 4.53 -8.20 7.82
N LEU A 515 3.88 -9.37 7.74
CA LEU A 515 2.60 -9.55 8.43
C LEU A 515 2.75 -9.39 9.93
N ILE A 516 3.84 -9.93 10.51
CA ILE A 516 4.06 -9.78 11.95
C ILE A 516 4.11 -8.31 12.32
N ASN A 517 4.66 -7.47 11.45
CA ASN A 517 4.77 -6.05 11.68
C ASN A 517 3.54 -5.28 11.21
N GLY A 518 2.46 -5.97 10.85
CA GLY A 518 1.23 -5.32 10.49
C GLY A 518 1.19 -4.69 9.12
N ASP A 519 2.04 -5.15 8.20
CA ASP A 519 2.17 -4.53 6.90
C ASP A 519 1.61 -5.43 5.81
N ASP A 520 0.88 -4.83 4.86
CA ASP A 520 0.46 -5.51 3.63
C ASP A 520 -0.49 -6.67 3.93
N MET A 521 -1.36 -6.49 4.92
CA MET A 521 -2.22 -7.57 5.39
C MET A 521 -3.43 -7.76 4.48
N PHE A 522 -4.18 -6.69 4.20
CA PHE A 522 -5.40 -6.84 3.44
C PHE A 522 -5.13 -7.35 2.03
N VAL A 523 -4.07 -6.87 1.39
N VAL A 523 -4.07 -6.87 1.38
CA VAL A 523 -3.74 -7.35 0.05
CA VAL A 523 -3.76 -7.36 0.04
C VAL A 523 -3.37 -8.82 0.08
C VAL A 523 -3.37 -8.83 0.08
N THR A 524 -2.71 -9.26 1.16
CA THR A 524 -2.42 -10.68 1.31
C THR A 524 -3.73 -11.48 1.37
N PHE A 525 -4.71 -11.00 2.13
CA PHE A 525 -6.01 -11.67 2.16
C PHE A 525 -6.69 -11.62 0.79
N ALA A 526 -6.59 -10.49 0.11
CA ALA A 526 -7.35 -10.27 -1.12
C ALA A 526 -6.80 -11.08 -2.29
N ALA A 527 -5.50 -11.37 -2.28
CA ALA A 527 -4.94 -12.20 -3.34
C ALA A 527 -5.60 -13.56 -3.40
N MET A 528 -6.15 -14.05 -2.29
CA MET A 528 -6.79 -15.35 -2.25
C MET A 528 -8.28 -15.30 -2.57
N GLN A 529 -8.89 -14.11 -2.62
CA GLN A 529 -10.32 -14.03 -2.87
C GLN A 529 -10.69 -14.48 -4.27
N ALA A 530 -9.75 -14.45 -5.22
CA ALA A 530 -10.03 -14.96 -6.56
C ALA A 530 -10.25 -16.47 -6.57
N GLN A 531 -9.57 -17.19 -5.68
CA GLN A 531 -9.69 -18.65 -5.65
C GLN A 531 -10.92 -19.14 -4.89
N GLN A 532 -11.69 -18.24 -4.27
CA GLN A 532 -12.84 -18.69 -3.51
C GLN A 532 -13.83 -19.46 -4.38
N GLY A 533 -13.96 -19.08 -5.65
CA GLY A 533 -14.82 -19.82 -6.56
C GLY A 533 -14.12 -21.05 -7.11
N ARG A 534 -12.93 -20.86 -7.68
CA ARG A 534 -12.23 -21.97 -8.31
C ARG A 534 -11.87 -23.05 -7.30
N SER A 535 -11.01 -22.73 -6.33
CA SER A 535 -10.49 -23.70 -5.38
C SER A 535 -10.97 -23.30 -3.98
N SER A 536 -12.16 -23.78 -3.61
CA SER A 536 -12.76 -23.37 -2.35
C SER A 536 -11.99 -23.92 -1.16
N LEU A 537 -11.52 -25.17 -1.24
CA LEU A 537 -10.79 -25.77 -0.14
C LEU A 537 -9.49 -25.03 0.13
N VAL A 538 -8.78 -24.65 -0.94
CA VAL A 538 -7.55 -23.87 -0.78
C VAL A 538 -7.85 -22.53 -0.14
N TRP A 539 -8.96 -21.90 -0.53
CA TRP A 539 -9.33 -20.62 0.05
C TRP A 539 -9.60 -20.75 1.55
N LEU A 540 -10.33 -21.78 1.94
CA LEU A 540 -10.61 -22.00 3.35
C LEU A 540 -9.33 -22.25 4.13
N PHE A 541 -8.44 -23.09 3.59
CA PHE A 541 -7.17 -23.33 4.25
C PHE A 541 -6.38 -22.04 4.39
N SER A 542 -6.39 -21.18 3.36
CA SER A 542 -5.65 -19.93 3.43
C SER A 542 -6.24 -19.02 4.51
N GLN A 543 -7.56 -18.99 4.64
CA GLN A 543 -8.17 -18.24 5.73
C GLN A 543 -7.64 -18.71 7.08
N LEU A 544 -7.70 -20.01 7.33
CA LEU A 544 -7.24 -20.53 8.61
C LEU A 544 -5.76 -20.23 8.82
N TYR A 545 -4.96 -20.44 7.78
CA TYR A 545 -3.52 -20.24 7.87
C TYR A 545 -3.19 -18.80 8.24
N LEU A 546 -3.74 -17.84 7.48
CA LEU A 546 -3.39 -16.43 7.71
C LEU A 546 -3.92 -15.95 9.06
N TYR A 547 -5.17 -16.25 9.39
CA TYR A 547 -5.73 -15.76 10.65
C TYR A 547 -4.94 -16.32 11.83
N SER A 548 -4.67 -17.63 11.82
CA SER A 548 -3.94 -18.22 12.93
C SER A 548 -2.54 -17.67 13.04
N PHE A 549 -1.82 -17.54 11.92
CA PHE A 549 -0.47 -17.02 11.98
C PHE A 549 -0.45 -15.60 12.55
N ILE A 550 -1.32 -14.73 12.02
CA ILE A 550 -1.32 -13.34 12.45
C ILE A 550 -1.65 -13.25 13.93
N SER A 551 -2.70 -13.94 14.36
CA SER A 551 -3.10 -13.86 15.76
C SER A 551 -1.96 -14.34 16.66
N LEU A 552 -1.45 -15.54 16.40
CA LEU A 552 -0.42 -16.11 17.27
C LEU A 552 0.82 -15.23 17.33
N PHE A 553 1.29 -14.75 16.18
CA PHE A 553 2.59 -14.08 16.19
C PHE A 553 2.48 -12.62 16.62
N ILE A 554 1.47 -11.88 16.15
CA ILE A 554 1.36 -10.49 16.55
C ILE A 554 0.98 -10.37 18.02
N TYR A 555 0.01 -11.17 18.48
CA TYR A 555 -0.55 -10.90 19.80
C TYR A 555 0.12 -11.68 20.92
N MET A 556 0.79 -12.78 20.61
CA MET A 556 1.40 -13.62 21.63
C MET A 556 2.91 -13.62 21.57
N VAL A 557 3.48 -13.96 20.40
CA VAL A 557 4.93 -14.07 20.29
C VAL A 557 5.59 -12.70 20.42
N LEU A 558 5.17 -11.74 19.58
CA LEU A 558 5.78 -10.42 19.61
C LEU A 558 5.57 -9.72 20.94
N SER A 559 4.41 -9.95 21.58
CA SER A 559 4.16 -9.37 22.90
C SER A 559 5.24 -9.78 23.89
N LEU A 560 5.53 -11.08 23.97
CA LEU A 560 6.52 -11.57 24.93
C LEU A 560 7.93 -11.18 24.49
N PHE A 561 8.18 -11.13 23.19
CA PHE A 561 9.48 -10.66 22.71
C PHE A 561 9.76 -9.25 23.21
N ILE A 562 8.77 -8.36 23.09
CA ILE A 562 8.93 -6.99 23.59
C ILE A 562 8.99 -6.97 25.11
N ALA A 563 8.22 -7.84 25.76
CA ALA A 563 8.18 -7.86 27.22
C ALA A 563 9.55 -8.23 27.80
N LEU A 564 10.26 -9.15 27.15
CA LEU A 564 11.61 -9.49 27.62
C LEU A 564 12.53 -8.28 27.59
N ILE A 565 12.49 -7.51 26.51
CA ILE A 565 13.36 -6.34 26.37
C ILE A 565 12.99 -5.28 27.39
N THR A 566 11.70 -5.01 27.57
CA THR A 566 11.30 -3.99 28.54
C THR A 566 11.59 -4.43 29.96
N GLY A 567 11.50 -5.74 30.26
CA GLY A 567 11.89 -6.23 31.57
C GLY A 567 13.38 -6.09 31.82
N ALA A 568 14.19 -6.35 30.80
CA ALA A 568 15.62 -6.11 30.93
C ALA A 568 15.90 -4.65 31.21
N TYR A 569 15.20 -3.75 30.51
CA TYR A 569 15.36 -2.33 30.76
C TYR A 569 14.96 -1.97 32.19
N ASP A 570 13.84 -2.53 32.67
CA ASP A 570 13.43 -2.30 34.04
C ASP A 570 14.51 -2.76 35.01
N THR A 571 15.19 -3.85 34.69
CA THR A 571 16.29 -4.33 35.53
C THR A 571 17.43 -3.32 35.55
N ILE A 572 17.91 -2.89 34.38
CA ILE A 572 19.02 -1.94 34.34
C ILE A 572 18.59 -0.52 34.67
N LYS A 573 17.30 -0.23 34.63
CA LYS A 573 16.79 1.09 34.96
C LYS A 573 17.25 1.53 36.35
N LEU B 89 -36.79 -2.41 52.41
CA LEU B 89 -36.31 -1.46 51.41
C LEU B 89 -34.92 -1.85 50.93
N ARG B 90 -34.03 -2.17 51.87
CA ARG B 90 -32.70 -2.63 51.49
C ARG B 90 -32.78 -3.94 50.72
N ARG B 91 -33.64 -4.85 51.16
CA ARG B 91 -33.83 -6.10 50.43
C ARG B 91 -34.36 -5.85 49.03
N ARG B 92 -35.31 -4.91 48.90
CA ARG B 92 -35.87 -4.61 47.60
C ARG B 92 -34.81 -4.05 46.65
N LEU B 93 -33.97 -3.13 47.15
CA LEU B 93 -32.90 -2.60 46.33
C LEU B 93 -31.92 -3.69 45.92
N LYS B 94 -31.54 -4.54 46.88
CA LYS B 94 -30.65 -5.64 46.56
C LYS B 94 -31.21 -6.49 45.43
N TYR B 95 -32.49 -6.87 45.55
CA TYR B 95 -33.13 -7.65 44.49
C TYR B 95 -33.11 -6.88 43.17
N PHE B 96 -33.41 -5.58 43.22
CA PHE B 96 -33.38 -4.76 42.02
C PHE B 96 -32.03 -4.86 41.32
N PHE B 97 -30.94 -4.98 42.07
CA PHE B 97 -29.61 -5.02 41.49
C PHE B 97 -29.07 -6.44 41.30
N MET B 98 -29.90 -7.46 41.46
CA MET B 98 -29.45 -8.83 41.30
C MET B 98 -29.42 -9.24 39.82
N SER B 99 -28.65 -10.29 39.54
CA SER B 99 -28.50 -10.81 38.20
C SER B 99 -29.70 -11.66 37.81
N PRO B 100 -29.89 -11.93 36.51
CA PRO B 100 -31.06 -12.72 36.09
C PRO B 100 -31.12 -14.09 36.74
N CYS B 101 -29.98 -14.77 36.88
CA CYS B 101 -29.98 -16.06 37.57
C CYS B 101 -30.33 -15.90 39.03
N ASP B 102 -29.77 -14.89 39.70
CA ASP B 102 -30.09 -14.66 41.09
C ASP B 102 -31.56 -14.27 41.26
N LYS B 103 -32.08 -13.46 40.35
CA LYS B 103 -33.50 -13.10 40.42
C LYS B 103 -34.38 -14.31 40.22
N PHE B 104 -33.99 -15.21 39.31
CA PHE B 104 -34.73 -16.46 39.14
C PHE B 104 -34.71 -17.29 40.42
N ARG B 105 -33.54 -17.38 41.05
CA ARG B 105 -33.45 -18.14 42.30
C ARG B 105 -34.30 -17.51 43.39
N ALA B 106 -34.32 -16.18 43.47
CA ALA B 106 -35.02 -15.50 44.55
C ALA B 106 -36.53 -15.48 44.35
N LYS B 107 -37.01 -15.41 43.12
CA LYS B 107 -38.43 -15.28 42.86
C LYS B 107 -38.93 -16.20 41.75
N GLY B 108 -38.07 -16.99 41.13
CA GLY B 108 -38.50 -17.82 40.02
C GLY B 108 -38.81 -17.06 38.75
N ARG B 109 -38.40 -15.79 38.67
CA ARG B 109 -38.70 -14.99 37.50
C ARG B 109 -38.11 -15.61 36.24
N LYS B 110 -38.92 -15.71 35.21
CA LYS B 110 -38.46 -16.25 33.93
C LYS B 110 -37.75 -15.17 33.13
N PRO B 111 -36.54 -15.41 32.63
CA PRO B 111 -35.78 -14.34 31.95
C PRO B 111 -36.29 -14.07 30.54
N CYS B 112 -37.48 -13.48 30.46
CA CYS B 112 -38.09 -13.23 29.15
C CYS B 112 -37.26 -12.28 28.32
N LYS B 113 -36.68 -11.25 28.95
CA LYS B 113 -35.96 -10.23 28.20
C LYS B 113 -34.73 -10.81 27.51
N LEU B 114 -34.02 -11.73 28.17
CA LEU B 114 -32.84 -12.33 27.56
C LEU B 114 -33.21 -13.12 26.30
N MET B 115 -34.26 -13.93 26.39
CA MET B 115 -34.71 -14.67 25.22
C MET B 115 -35.17 -13.72 24.13
N LEU B 116 -35.83 -12.63 24.51
CA LEU B 116 -36.23 -11.63 23.53
C LEU B 116 -35.01 -11.03 22.82
N GLN B 117 -33.93 -10.76 23.58
CA GLN B 117 -32.74 -10.21 22.95
C GLN B 117 -32.12 -11.19 21.97
N VAL B 118 -32.08 -12.48 22.33
CA VAL B 118 -31.54 -13.47 21.40
C VAL B 118 -32.39 -13.53 20.13
N VAL B 119 -33.70 -13.58 20.29
CA VAL B 119 -34.60 -13.63 19.14
C VAL B 119 -34.44 -12.37 18.30
N LYS B 120 -34.31 -11.21 18.94
CA LYS B 120 -34.12 -9.97 18.21
C LYS B 120 -32.83 -10.00 17.41
N ILE B 121 -31.74 -10.46 18.01
CA ILE B 121 -30.49 -10.55 17.26
C ILE B 121 -30.72 -11.35 15.99
N LEU B 122 -31.33 -12.53 16.13
CA LEU B 122 -31.55 -13.38 14.96
C LEU B 122 -32.40 -12.67 13.90
N VAL B 123 -33.58 -12.19 14.29
CA VAL B 123 -34.54 -11.68 13.31
C VAL B 123 -34.06 -10.38 12.69
N VAL B 124 -33.47 -9.49 13.49
CA VAL B 124 -33.00 -8.22 12.97
C VAL B 124 -31.84 -8.44 12.00
N THR B 125 -30.90 -9.34 12.33
CA THR B 125 -29.85 -9.63 11.38
C THR B 125 -30.40 -10.21 10.08
N VAL B 126 -31.37 -11.13 10.18
CA VAL B 126 -31.96 -11.70 8.98
C VAL B 126 -32.64 -10.62 8.15
N GLN B 127 -33.38 -9.72 8.80
CA GLN B 127 -34.08 -8.67 8.08
C GLN B 127 -33.09 -7.74 7.38
N LEU B 128 -31.98 -7.40 8.04
CA LEU B 128 -30.97 -6.58 7.40
C LEU B 128 -30.42 -7.27 6.16
N ILE B 129 -30.10 -8.56 6.27
CA ILE B 129 -29.56 -9.27 5.13
C ILE B 129 -30.57 -9.30 3.98
N LEU B 130 -31.84 -9.53 4.29
CA LEU B 130 -32.86 -9.58 3.25
C LEU B 130 -33.04 -8.23 2.57
N PHE B 131 -33.00 -7.14 3.35
CA PHE B 131 -33.08 -5.82 2.75
C PHE B 131 -31.89 -5.53 1.86
N GLY B 132 -30.72 -6.07 2.22
CA GLY B 132 -29.53 -5.87 1.42
C GLY B 132 -29.69 -6.27 -0.03
N LEU B 133 -30.52 -7.27 -0.31
CA LEU B 133 -30.72 -7.70 -1.69
C LEU B 133 -31.33 -6.58 -2.53
N SER B 134 -32.44 -6.00 -2.07
CA SER B 134 -33.06 -4.91 -2.80
C SER B 134 -32.15 -3.69 -2.88
N ASN B 135 -31.48 -3.38 -1.77
CA ASN B 135 -30.56 -2.24 -1.77
C ASN B 135 -29.48 -2.43 -2.83
N GLN B 136 -28.86 -3.62 -2.87
CA GLN B 136 -27.81 -3.89 -3.82
C GLN B 136 -28.34 -3.81 -5.25
N LEU B 137 -29.54 -4.33 -5.50
CA LEU B 137 -30.09 -4.25 -6.84
C LEU B 137 -30.22 -2.80 -7.30
N ALA B 138 -30.76 -1.93 -6.44
CA ALA B 138 -30.92 -0.54 -6.83
C ALA B 138 -29.57 0.13 -7.10
N VAL B 139 -28.62 -0.05 -6.18
CA VAL B 139 -27.33 0.62 -6.32
C VAL B 139 -26.61 0.13 -7.58
N THR B 140 -26.64 -1.18 -7.82
CA THR B 140 -25.98 -1.74 -8.99
C THR B 140 -26.60 -1.20 -10.27
N PHE B 141 -27.94 -1.13 -10.34
CA PHE B 141 -28.57 -0.58 -11.53
C PHE B 141 -28.06 0.82 -11.81
N ARG B 142 -28.06 1.67 -10.79
CA ARG B 142 -27.61 3.05 -11.00
C ARG B 142 -26.16 3.09 -11.50
N GLU B 143 -25.25 2.40 -10.79
CA GLU B 143 -23.84 2.50 -11.13
C GLU B 143 -23.54 1.92 -12.52
N GLU B 144 -24.12 0.76 -12.85
CA GLU B 144 -23.87 0.15 -14.14
C GLU B 144 -24.40 1.01 -15.28
N ASN B 145 -25.59 1.59 -15.12
CA ASN B 145 -26.08 2.49 -16.15
C ASN B 145 -25.15 3.67 -16.34
N THR B 146 -24.61 4.22 -15.25
CA THR B 146 -23.71 5.35 -15.38
C THR B 146 -22.42 4.97 -16.11
N ILE B 147 -21.87 3.80 -15.80
CA ILE B 147 -20.67 3.34 -16.50
C ILE B 147 -20.96 3.16 -17.99
N ALA B 148 -22.10 2.57 -18.31
CA ALA B 148 -22.47 2.42 -19.72
C ALA B 148 -22.60 3.77 -20.41
N PHE B 149 -23.18 4.77 -19.72
CA PHE B 149 -23.30 6.10 -20.32
C PHE B 149 -21.93 6.69 -20.58
N ARG B 150 -20.99 6.52 -19.65
CA ARG B 150 -19.63 7.02 -19.88
C ARG B 150 -19.02 6.39 -21.12
N HIS B 151 -19.20 5.08 -21.29
CA HIS B 151 -18.64 4.42 -22.46
C HIS B 151 -19.36 4.81 -23.75
N LEU B 152 -20.66 5.13 -23.66
CA LEU B 152 -21.43 5.46 -24.86
C LEU B 152 -21.18 6.88 -25.34
N PHE B 153 -21.09 7.84 -24.43
CA PHE B 153 -21.16 9.24 -24.81
C PHE B 153 -19.83 9.97 -24.77
N LEU B 154 -18.84 9.47 -24.05
CA LEU B 154 -17.54 10.13 -23.95
C LEU B 154 -16.58 9.52 -24.96
N LEU B 155 -16.11 10.33 -25.90
CA LEU B 155 -15.29 9.86 -27.00
C LEU B 155 -13.92 9.45 -26.50
N GLY B 156 -13.55 8.19 -26.73
CA GLY B 156 -12.26 7.69 -26.30
C GLY B 156 -12.12 7.44 -24.82
N TYR B 157 -13.23 7.25 -24.11
CA TYR B 157 -13.18 7.02 -22.68
C TYR B 157 -12.75 5.58 -22.37
N SER B 158 -11.98 5.41 -21.31
CA SER B 158 -11.61 4.10 -20.80
C SER B 158 -11.77 4.09 -19.30
N ASP B 159 -11.98 2.89 -18.74
CA ASP B 159 -12.12 2.75 -17.30
C ASP B 159 -10.86 3.21 -16.59
N GLY B 160 -11.03 3.85 -15.44
CA GLY B 160 -9.93 4.35 -14.66
C GLY B 160 -9.42 5.71 -15.07
N ALA B 161 -9.98 6.33 -16.10
CA ALA B 161 -9.50 7.59 -16.63
C ALA B 161 -10.32 8.79 -16.16
N ASP B 162 -11.25 8.60 -15.22
CA ASP B 162 -12.20 9.66 -14.89
C ASP B 162 -11.48 10.90 -14.38
N ASP B 163 -10.44 10.72 -13.57
CA ASP B 163 -9.77 11.86 -12.94
C ASP B 163 -8.94 12.68 -13.91
N THR B 164 -8.49 12.10 -15.02
CA THR B 164 -7.62 12.80 -15.95
C THR B 164 -8.24 13.03 -17.31
N PHE B 165 -9.44 12.50 -17.57
CA PHE B 165 -10.08 12.65 -18.86
C PHE B 165 -10.29 14.13 -19.20
N ALA B 166 -9.72 14.58 -20.31
CA ALA B 166 -9.74 16.00 -20.65
C ALA B 166 -9.45 16.18 -22.13
N ALA B 167 -9.80 17.36 -22.64
CA ALA B 167 -9.48 17.79 -23.99
C ALA B 167 -8.39 18.85 -23.95
N TYR B 168 -7.59 18.92 -25.01
CA TYR B 168 -6.46 19.85 -25.06
C TYR B 168 -6.39 20.67 -26.34
N THR B 169 -7.20 20.38 -27.35
CA THR B 169 -7.24 21.16 -28.57
C THR B 169 -8.69 21.47 -28.91
N ARG B 170 -8.88 22.53 -29.71
CA ARG B 170 -10.23 22.88 -30.15
C ARG B 170 -10.86 21.74 -30.93
N GLU B 171 -10.06 21.05 -31.74
CA GLU B 171 -10.56 19.94 -32.52
C GLU B 171 -11.03 18.80 -31.63
N GLN B 172 -10.26 18.49 -30.58
CA GLN B 172 -10.67 17.45 -29.64
C GLN B 172 -12.00 17.81 -28.97
N LEU B 173 -12.15 19.07 -28.56
CA LEU B 173 -13.36 19.47 -27.85
C LEU B 173 -14.58 19.39 -28.77
N TYR B 174 -14.45 19.90 -29.99
CA TYR B 174 -15.55 19.82 -30.94
C TYR B 174 -15.92 18.36 -31.21
N GLN B 175 -14.92 17.51 -31.39
CA GLN B 175 -15.19 16.10 -31.65
C GLN B 175 -15.91 15.45 -30.48
N ALA B 176 -15.50 15.75 -29.25
CA ALA B 176 -16.15 15.16 -28.08
C ALA B 176 -17.61 15.59 -28.00
N ILE B 177 -17.87 16.89 -28.20
CA ILE B 177 -19.25 17.38 -28.12
C ILE B 177 -20.12 16.73 -29.18
N PHE B 178 -19.64 16.73 -30.42
CA PHE B 178 -20.44 16.17 -31.51
C PHE B 178 -20.62 14.66 -31.34
N HIS B 179 -19.61 13.97 -30.83
CA HIS B 179 -19.74 12.55 -30.58
C HIS B 179 -20.84 12.28 -29.55
N ALA B 180 -20.88 13.07 -28.47
CA ALA B 180 -21.92 12.88 -27.47
C ALA B 180 -23.31 13.08 -28.07
N VAL B 181 -23.49 14.15 -28.85
CA VAL B 181 -24.81 14.40 -29.41
C VAL B 181 -25.19 13.32 -30.43
N ASP B 182 -24.24 12.91 -31.28
CA ASP B 182 -24.52 11.87 -32.26
C ASP B 182 -24.89 10.56 -31.58
N GLN B 183 -24.19 10.21 -30.51
CA GLN B 183 -24.52 8.98 -29.80
C GLN B 183 -25.89 9.07 -29.15
N TYR B 184 -26.24 10.23 -28.61
CA TYR B 184 -27.60 10.42 -28.09
C TYR B 184 -28.63 10.17 -29.18
N LEU B 185 -28.36 10.64 -30.40
CA LEU B 185 -29.32 10.46 -31.48
C LEU B 185 -29.34 9.02 -32.00
N ALA B 186 -28.23 8.30 -31.89
CA ALA B 186 -28.14 6.92 -32.37
C ALA B 186 -28.50 5.88 -31.32
N LEU B 187 -28.76 6.29 -30.08
CA LEU B 187 -28.93 5.34 -28.98
C LEU B 187 -29.86 4.17 -29.28
N PRO B 188 -31.03 4.36 -29.89
CA PRO B 188 -31.93 3.21 -30.13
C PRO B 188 -31.32 2.13 -31.00
N ASP B 189 -30.32 2.45 -31.83
CA ASP B 189 -29.75 1.48 -32.75
C ASP B 189 -28.49 0.81 -32.23
N VAL B 190 -27.78 1.41 -31.28
CA VAL B 190 -26.48 0.91 -30.88
C VAL B 190 -26.45 0.39 -29.45
N SER B 191 -27.29 0.92 -28.56
CA SER B 191 -27.18 0.59 -27.15
C SER B 191 -27.66 -0.83 -26.86
N LEU B 192 -27.02 -1.45 -25.88
CA LEU B 192 -27.47 -2.74 -25.38
C LEU B 192 -28.66 -2.61 -24.43
N GLY B 193 -28.79 -1.47 -23.76
CA GLY B 193 -29.96 -1.21 -22.96
C GLY B 193 -31.11 -0.68 -23.79
N ARG B 194 -32.29 -0.67 -23.18
CA ARG B 194 -33.49 -0.12 -23.80
C ARG B 194 -33.87 1.17 -23.08
N TYR B 195 -33.80 2.28 -23.79
CA TYR B 195 -34.02 3.59 -23.21
C TYR B 195 -35.12 4.31 -23.98
N ALA B 196 -35.87 5.14 -23.26
CA ALA B 196 -36.86 6.03 -23.85
C ALA B 196 -36.44 7.46 -23.61
N TYR B 197 -36.75 8.33 -24.58
CA TYR B 197 -36.43 9.73 -24.51
C TYR B 197 -37.45 10.48 -23.66
N VAL B 198 -37.00 11.60 -23.08
CA VAL B 198 -37.85 12.51 -22.33
C VAL B 198 -37.75 13.89 -22.98
N ARG B 199 -38.89 14.53 -23.19
CA ARG B 199 -38.95 15.82 -23.86
C ARG B 199 -39.55 16.89 -22.95
N GLY B 200 -39.05 18.11 -23.10
CA GLY B 200 -39.65 19.25 -22.43
C GLY B 200 -39.50 19.19 -20.92
N GLY B 201 -40.56 19.61 -20.23
CA GLY B 201 -40.57 19.61 -18.78
C GLY B 201 -39.66 20.61 -18.13
N GLY B 202 -39.57 21.82 -18.67
CA GLY B 202 -38.86 22.90 -18.00
C GLY B 202 -37.41 23.02 -18.41
N ASP B 203 -36.76 24.01 -17.81
CA ASP B 203 -35.39 24.33 -18.17
C ASP B 203 -34.45 23.17 -17.81
N PRO B 204 -33.37 22.99 -18.57
CA PRO B 204 -32.92 23.82 -19.71
C PRO B 204 -33.57 23.44 -21.02
N TRP B 205 -34.55 22.53 -21.02
CA TRP B 205 -35.16 22.04 -22.25
C TRP B 205 -36.38 22.90 -22.61
N THR B 206 -36.48 23.28 -23.87
CA THR B 206 -37.74 23.81 -24.37
C THR B 206 -38.70 22.67 -24.64
N ASN B 207 -39.96 23.02 -24.84
CA ASN B 207 -40.97 22.01 -25.12
C ASN B 207 -40.60 21.22 -26.37
N GLY B 208 -40.69 19.90 -26.29
CA GLY B 208 -40.37 19.05 -27.42
C GLY B 208 -38.90 18.75 -27.60
N SER B 209 -38.04 19.29 -26.76
CA SER B 209 -36.59 19.12 -26.90
C SER B 209 -36.11 18.05 -25.92
N GLY B 210 -35.28 17.14 -26.40
CA GLY B 210 -34.75 16.09 -25.56
C GLY B 210 -33.38 16.40 -25.01
N LEU B 211 -32.55 17.10 -25.78
CA LEU B 211 -31.18 17.38 -25.38
C LEU B 211 -30.90 18.87 -25.43
N ALA B 212 -30.25 19.38 -24.40
CA ALA B 212 -29.85 20.79 -24.34
C ALA B 212 -28.34 20.88 -24.36
N LEU B 213 -27.80 21.60 -25.34
CA LEU B 213 -26.36 21.81 -25.50
C LEU B 213 -26.08 23.29 -25.27
N CYS B 214 -25.48 23.62 -24.15
CA CYS B 214 -25.37 25.01 -23.72
C CYS B 214 -23.91 25.40 -23.51
N GLN B 215 -23.56 26.61 -23.95
CA GLN B 215 -22.25 27.18 -23.68
C GLN B 215 -22.41 28.45 -22.88
N ARG B 216 -21.57 28.61 -21.87
CA ARG B 216 -21.61 29.75 -20.97
C ARG B 216 -20.28 30.48 -21.06
N TYR B 217 -20.36 31.81 -21.27
CA TYR B 217 -19.19 32.65 -21.47
C TYR B 217 -19.44 34.03 -20.87
N TYR B 218 -18.35 34.81 -20.75
CA TYR B 218 -18.47 36.17 -20.21
C TYR B 218 -19.22 37.08 -21.17
N HIS B 219 -19.97 38.02 -20.59
CA HIS B 219 -20.73 38.98 -21.41
C HIS B 219 -19.82 39.79 -22.30
N ARG B 220 -18.73 40.32 -21.76
CA ARG B 220 -17.70 41.00 -22.53
C ARG B 220 -16.35 40.41 -22.15
N GLY B 221 -15.60 39.96 -23.15
CA GLY B 221 -14.42 39.15 -22.89
C GLY B 221 -13.15 39.49 -23.63
N HIS B 222 -12.80 40.76 -23.79
N HIS B 222 -12.80 40.76 -23.79
CA HIS B 222 -11.60 41.10 -24.54
CA HIS B 222 -11.60 41.12 -24.54
C HIS B 222 -10.37 40.73 -23.74
C HIS B 222 -10.37 40.73 -23.74
N VAL B 223 -9.54 39.84 -24.29
CA VAL B 223 -8.35 39.33 -23.61
C VAL B 223 -7.17 39.47 -24.54
N ASP B 224 -6.13 40.18 -24.11
CA ASP B 224 -5.00 40.54 -24.96
C ASP B 224 -3.71 40.35 -24.19
N PRO B 225 -3.26 39.10 -24.00
CA PRO B 225 -2.01 38.88 -23.27
C PRO B 225 -0.80 39.48 -23.96
N ALA B 226 -0.85 39.69 -25.27
CA ALA B 226 0.29 40.31 -25.96
C ALA B 226 0.57 41.70 -25.41
N ASN B 227 -0.48 42.47 -25.15
CA ASN B 227 -0.37 43.80 -24.56
C ASN B 227 -0.57 43.80 -23.05
N ASP B 228 -0.65 42.63 -22.43
CA ASP B 228 -0.92 42.52 -21.00
C ASP B 228 -2.17 43.30 -20.62
N THR B 229 -3.23 43.11 -21.41
CA THR B 229 -4.45 43.89 -21.28
C THR B 229 -5.67 42.99 -21.27
N PHE B 230 -6.75 43.49 -20.66
CA PHE B 230 -8.03 42.81 -20.81
C PHE B 230 -9.14 43.74 -20.34
N ASP B 231 -10.32 43.52 -20.92
CA ASP B 231 -11.55 44.21 -20.58
C ASP B 231 -12.63 43.15 -20.45
N ILE B 232 -13.10 42.94 -19.22
CA ILE B 232 -13.99 41.84 -18.89
C ILE B 232 -15.22 42.39 -18.18
N ASP B 233 -16.38 41.95 -18.61
CA ASP B 233 -17.61 42.01 -17.83
C ASP B 233 -17.94 40.58 -17.42
N PRO B 234 -17.65 40.18 -16.18
CA PRO B 234 -17.70 38.75 -15.85
C PRO B 234 -19.10 38.18 -15.66
N MET B 235 -20.14 38.93 -16.01
CA MET B 235 -21.49 38.39 -16.03
C MET B 235 -21.56 37.25 -17.04
N VAL B 236 -22.18 36.14 -16.65
CA VAL B 236 -22.21 34.94 -17.47
C VAL B 236 -23.45 34.94 -18.36
N VAL B 237 -23.22 34.74 -19.65
CA VAL B 237 -24.28 34.59 -20.65
C VAL B 237 -24.32 33.12 -21.04
N THR B 238 -25.53 32.58 -21.12
CA THR B 238 -25.78 31.20 -21.53
C THR B 238 -26.43 31.21 -22.91
N ASP B 239 -25.92 30.37 -23.81
CA ASP B 239 -26.49 30.17 -25.13
C ASP B 239 -26.75 28.68 -25.32
N CYS B 240 -28.01 28.32 -25.56
CA CYS B 240 -28.44 26.93 -25.53
C CYS B 240 -28.99 26.55 -26.90
N ILE B 241 -28.59 25.37 -27.38
CA ILE B 241 -29.14 24.76 -28.60
C ILE B 241 -29.98 23.57 -28.17
N GLN B 242 -31.16 23.43 -28.75
CA GLN B 242 -32.09 22.37 -28.41
C GLN B 242 -32.10 21.33 -29.53
N VAL B 243 -31.98 20.06 -29.15
CA VAL B 243 -31.99 18.95 -30.09
C VAL B 243 -33.17 18.06 -29.72
N ASP B 244 -34.03 17.81 -30.69
CA ASP B 244 -35.14 16.88 -30.49
C ASP B 244 -34.66 15.44 -30.75
N PRO B 245 -35.14 14.48 -29.99
CA PRO B 245 -34.78 13.08 -30.25
C PRO B 245 -35.33 12.64 -31.60
N PRO B 246 -34.71 11.63 -32.23
CA PRO B 246 -35.14 11.18 -33.56
C PRO B 246 -36.59 10.72 -33.58
N SER B 265 -28.48 21.03 -36.76
CA SER B 265 -28.17 22.45 -36.56
C SER B 265 -27.23 22.63 -35.37
N TYR B 266 -27.10 21.59 -34.55
CA TYR B 266 -26.10 21.64 -33.47
C TYR B 266 -24.69 21.54 -34.02
N LYS B 267 -24.52 21.09 -35.26
CA LYS B 267 -23.20 21.03 -35.87
C LYS B 267 -22.66 22.41 -36.23
N ASN B 268 -23.48 23.44 -36.17
CA ASN B 268 -23.05 24.82 -36.41
C ASN B 268 -22.57 25.50 -35.13
N LEU B 269 -22.45 24.77 -34.03
CA LEU B 269 -21.97 25.36 -32.79
C LEU B 269 -20.62 26.03 -33.00
N THR B 270 -20.50 27.25 -32.50
CA THR B 270 -19.25 28.01 -32.56
C THR B 270 -18.88 28.43 -31.15
N LEU B 271 -17.83 27.83 -30.62
CA LEU B 271 -17.41 28.12 -29.25
C LEU B 271 -16.61 29.41 -29.19
N LYS B 272 -16.87 30.21 -28.15
CA LYS B 272 -16.12 31.44 -27.89
C LYS B 272 -15.01 31.11 -26.91
N PHE B 273 -13.92 30.57 -27.47
CA PHE B 273 -12.90 29.92 -26.63
C PHE B 273 -12.27 30.90 -25.65
N HIS B 274 -11.98 32.12 -26.09
CA HIS B 274 -11.22 33.04 -25.26
C HIS B 274 -11.97 33.49 -24.01
N LYS B 275 -13.30 33.46 -24.02
CA LYS B 275 -14.10 33.83 -22.85
C LYS B 275 -15.05 32.71 -22.43
N LEU B 276 -14.81 31.49 -22.89
CA LEU B 276 -15.71 30.38 -22.59
C LEU B 276 -15.58 29.98 -21.13
N VAL B 277 -16.71 29.88 -20.44
CA VAL B 277 -16.72 29.40 -19.06
C VAL B 277 -16.93 27.89 -18.99
N ASN B 278 -17.97 27.38 -19.65
CA ASN B 278 -18.08 25.93 -19.77
C ASN B 278 -19.11 25.55 -20.82
N VAL B 279 -19.16 24.26 -21.11
CA VAL B 279 -20.15 23.68 -22.02
C VAL B 279 -20.81 22.51 -21.30
N THR B 280 -22.13 22.44 -21.40
CA THR B 280 -22.89 21.38 -20.75
C THR B 280 -23.86 20.74 -21.74
N ILE B 281 -24.05 19.44 -21.59
CA ILE B 281 -25.05 18.69 -22.33
C ILE B 281 -25.97 18.03 -21.30
N HIS B 282 -27.27 18.31 -21.41
CA HIS B 282 -28.28 17.79 -20.49
C HIS B 282 -29.28 16.96 -21.26
N PHE B 283 -29.55 15.74 -20.77
CA PHE B 283 -30.67 14.99 -21.33
C PHE B 283 -31.12 13.92 -20.34
N ARG B 284 -32.34 13.45 -20.51
CA ARG B 284 -32.93 12.46 -19.63
C ARG B 284 -33.30 11.20 -20.40
N LEU B 285 -33.13 10.05 -19.76
CA LEU B 285 -33.44 8.76 -20.35
C LEU B 285 -34.26 7.93 -19.37
N LYS B 286 -35.23 7.19 -19.89
CA LYS B 286 -36.08 6.33 -19.08
C LYS B 286 -35.76 4.87 -19.35
N THR B 287 -35.68 4.07 -18.29
CA THR B 287 -35.41 2.66 -18.41
C THR B 287 -36.11 1.91 -17.28
N ILE B 288 -36.12 0.59 -17.37
CA ILE B 288 -36.82 -0.26 -16.41
C ILE B 288 -35.80 -1.22 -15.79
N ASN B 289 -35.79 -1.29 -14.46
CA ASN B 289 -34.85 -2.12 -13.72
C ASN B 289 -35.40 -3.55 -13.64
N LEU B 290 -35.16 -4.31 -14.71
CA LEU B 290 -35.75 -5.65 -14.84
C LEU B 290 -35.12 -6.65 -13.87
N GLN B 291 -33.88 -6.43 -13.44
CA GLN B 291 -33.22 -7.41 -12.58
C GLN B 291 -33.98 -7.66 -11.29
N SER B 292 -34.85 -6.73 -10.89
CA SER B 292 -35.66 -6.93 -9.70
C SER B 292 -36.48 -8.22 -9.76
N LEU B 293 -36.77 -8.71 -10.97
CA LEU B 293 -37.52 -9.96 -11.09
C LEU B 293 -36.83 -11.11 -10.38
N ILE B 294 -35.50 -11.08 -10.30
CA ILE B 294 -34.78 -12.17 -9.64
C ILE B 294 -35.02 -12.19 -8.14
N ASN B 295 -35.48 -11.08 -7.56
CA ASN B 295 -35.81 -11.00 -6.14
C ASN B 295 -37.32 -11.12 -5.91
N ASN B 296 -38.07 -11.57 -6.92
CA ASN B 296 -39.53 -11.67 -6.84
C ASN B 296 -40.16 -10.31 -6.52
N GLU B 297 -39.67 -9.26 -7.16
CA GLU B 297 -40.18 -7.91 -6.98
C GLU B 297 -40.58 -7.35 -8.33
N ILE B 298 -41.51 -6.40 -8.29
CA ILE B 298 -41.94 -5.72 -9.53
C ILE B 298 -40.89 -4.69 -9.92
N PRO B 299 -40.41 -4.70 -11.16
CA PRO B 299 -39.42 -3.69 -11.57
C PRO B 299 -39.95 -2.27 -11.42
N ASP B 300 -39.05 -1.37 -11.06
CA ASP B 300 -39.34 0.06 -10.99
C ASP B 300 -38.97 0.75 -12.31
N CYS B 301 -39.50 1.96 -12.48
CA CYS B 301 -39.21 2.78 -13.64
C CYS B 301 -38.21 3.87 -13.24
N TYR B 302 -37.05 3.87 -13.88
CA TYR B 302 -35.98 4.83 -13.58
C TYR B 302 -35.94 5.92 -14.63
N THR B 303 -35.73 7.16 -14.19
CA THR B 303 -35.37 8.26 -15.06
C THR B 303 -33.97 8.72 -14.67
N PHE B 304 -33.04 8.67 -15.61
CA PHE B 304 -31.67 9.13 -15.42
C PHE B 304 -31.55 10.51 -16.05
N SER B 305 -31.17 11.48 -15.24
CA SER B 305 -30.82 12.81 -15.72
C SER B 305 -29.32 12.86 -15.89
N VAL B 306 -28.86 13.06 -17.11
CA VAL B 306 -27.47 12.93 -17.51
C VAL B 306 -26.92 14.32 -17.82
N LEU B 307 -25.81 14.66 -17.18
CA LEU B 307 -25.13 15.94 -17.37
C LEU B 307 -23.69 15.67 -17.77
N ILE B 308 -23.29 16.16 -18.94
CA ILE B 308 -21.91 16.08 -19.41
C ILE B 308 -21.33 17.49 -19.36
N THR B 309 -20.21 17.65 -18.67
CA THR B 309 -19.59 18.94 -18.45
C THR B 309 -18.22 18.98 -19.09
N PHE B 310 -17.98 20.00 -19.91
CA PHE B 310 -16.66 20.37 -20.42
C PHE B 310 -16.30 21.67 -19.70
N ASP B 311 -15.41 21.57 -18.72
CA ASP B 311 -15.19 22.65 -17.76
C ASP B 311 -13.96 23.47 -18.13
N ASN B 312 -14.14 24.77 -18.37
CA ASN B 312 -13.06 25.68 -18.72
C ASN B 312 -12.88 26.79 -17.69
N LYS B 313 -13.27 26.54 -16.44
CA LYS B 313 -13.23 27.60 -15.44
C LYS B 313 -11.81 28.01 -15.08
N ALA B 314 -10.82 27.13 -15.27
CA ALA B 314 -9.43 27.47 -14.99
C ALA B 314 -8.78 28.24 -16.14
N HIS B 315 -9.34 28.21 -17.34
CA HIS B 315 -8.77 28.90 -18.50
C HIS B 315 -7.29 28.55 -18.66
N SER B 316 -6.95 27.27 -18.50
CA SER B 316 -5.57 26.83 -18.41
C SER B 316 -5.10 26.08 -19.66
N GLY B 317 -5.93 26.01 -20.70
CA GLY B 317 -5.61 25.20 -21.86
C GLY B 317 -5.99 23.74 -21.73
N ARG B 318 -6.47 23.31 -20.57
CA ARG B 318 -6.90 21.94 -20.33
C ARG B 318 -8.35 21.97 -19.87
N ILE B 319 -9.23 21.28 -20.60
CA ILE B 319 -10.65 21.28 -20.28
C ILE B 319 -11.06 19.89 -19.82
N PRO B 320 -11.22 19.65 -18.53
CA PRO B 320 -11.70 18.34 -18.09
C PRO B 320 -13.14 18.07 -18.51
N ILE B 321 -13.40 16.80 -18.80
CA ILE B 321 -14.70 16.33 -19.27
C ILE B 321 -15.22 15.31 -18.26
N SER B 322 -16.47 15.47 -17.83
CA SER B 322 -17.06 14.55 -16.88
C SER B 322 -18.51 14.28 -17.24
N LEU B 323 -19.01 13.14 -16.76
CA LEU B 323 -20.40 12.75 -16.91
C LEU B 323 -20.95 12.38 -15.54
N GLU B 324 -22.12 12.92 -15.20
CA GLU B 324 -22.79 12.61 -13.95
C GLU B 324 -24.25 12.28 -14.22
N THR B 325 -24.83 11.46 -13.34
CA THR B 325 -26.22 11.05 -13.46
C THR B 325 -26.94 11.25 -12.14
N GLN B 326 -28.21 11.62 -12.23
CA GLN B 326 -29.14 11.60 -11.10
C GLN B 326 -30.26 10.63 -11.44
N ALA B 327 -30.56 9.71 -10.54
CA ALA B 327 -31.58 8.70 -10.79
C ALA B 327 -32.82 9.02 -9.97
N HIS B 328 -33.98 8.99 -10.63
CA HIS B 328 -35.27 9.16 -9.98
C HIS B 328 -36.11 7.91 -10.22
N ILE B 329 -36.62 7.32 -9.15
CA ILE B 329 -37.36 6.07 -9.21
C ILE B 329 -38.84 6.34 -9.10
N GLN B 330 -39.63 5.66 -9.92
CA GLN B 330 -41.08 5.75 -9.89
C GLN B 330 -41.66 4.35 -10.01
N GLU B 331 -42.92 4.23 -9.61
CA GLU B 331 -43.68 3.02 -9.88
C GLU B 331 -44.17 3.08 -11.32
N CYS B 332 -44.04 1.97 -12.03
CA CYS B 332 -44.49 1.93 -13.42
C CYS B 332 -46.02 1.87 -13.48
N LYS B 333 -46.56 2.27 -14.62
CA LYS B 333 -48.00 2.41 -14.81
C LYS B 333 -48.60 1.05 -15.18
N HIS B 334 -49.36 0.46 -14.27
CA HIS B 334 -50.04 -0.81 -14.48
C HIS B 334 -49.10 -1.85 -15.10
N PRO B 335 -48.08 -2.27 -14.38
CA PRO B 335 -47.18 -3.31 -14.91
C PRO B 335 -47.87 -4.67 -14.96
N SER B 336 -47.16 -5.68 -15.44
CA SER B 336 -47.73 -7.02 -15.56
C SER B 336 -46.61 -8.04 -15.54
N VAL B 337 -46.53 -8.82 -14.47
CA VAL B 337 -45.57 -9.92 -14.34
C VAL B 337 -46.37 -11.20 -14.19
N PHE B 338 -46.10 -12.17 -15.07
CA PHE B 338 -46.90 -13.38 -15.13
C PHE B 338 -46.64 -14.26 -13.92
N GLN B 339 -47.72 -14.65 -13.23
CA GLN B 339 -47.65 -15.55 -12.09
C GLN B 339 -46.61 -15.10 -11.08
N HIS B 340 -46.62 -13.80 -10.79
CA HIS B 340 -45.68 -13.22 -9.83
C HIS B 340 -45.92 -13.82 -8.44
N PHE B 345 -42.51 -14.93 3.64
CA PHE B 345 -43.13 -13.70 3.17
C PHE B 345 -42.47 -12.50 3.85
N ARG B 346 -42.06 -11.52 3.05
CA ARG B 346 -41.35 -10.37 3.59
C ARG B 346 -42.23 -9.58 4.56
N LEU B 347 -43.50 -9.37 4.21
CA LEU B 347 -44.37 -8.56 5.06
C LEU B 347 -44.57 -9.21 6.43
N LEU B 348 -44.77 -10.54 6.44
CA LEU B 348 -44.96 -11.22 7.71
C LEU B 348 -43.71 -11.15 8.57
N PHE B 349 -42.53 -11.31 7.96
CA PHE B 349 -41.29 -11.20 8.73
C PHE B 349 -41.10 -9.78 9.27
N ASP B 350 -41.44 -8.76 8.49
CA ASP B 350 -41.37 -7.40 8.99
C ASP B 350 -42.30 -7.21 10.19
N VAL B 351 -43.52 -7.75 10.11
CA VAL B 351 -44.45 -7.64 11.23
C VAL B 351 -43.90 -8.38 12.45
N VAL B 352 -43.26 -9.52 12.24
CA VAL B 352 -42.67 -10.26 13.35
C VAL B 352 -41.57 -9.43 14.02
N VAL B 353 -40.71 -8.80 13.21
CA VAL B 353 -39.67 -7.94 13.77
C VAL B 353 -40.29 -6.81 14.56
N ILE B 354 -41.35 -6.19 14.02
CA ILE B 354 -41.99 -5.07 14.70
C ILE B 354 -42.57 -5.54 16.04
N LEU B 355 -43.21 -6.70 16.06
CA LEU B 355 -43.79 -7.20 17.30
C LEU B 355 -42.71 -7.50 18.33
N THR B 356 -41.61 -8.14 17.91
CA THR B 356 -40.54 -8.44 18.84
C THR B 356 -39.95 -7.16 19.42
N CYS B 357 -39.70 -6.17 18.58
CA CYS B 357 -39.13 -4.92 19.05
C CYS B 357 -40.11 -4.18 19.96
N SER B 358 -41.40 -4.23 19.64
CA SER B 358 -42.40 -3.56 20.47
C SER B 358 -42.48 -4.20 21.86
N LEU B 359 -42.46 -5.54 21.91
CA LEU B 359 -42.47 -6.21 23.21
C LEU B 359 -41.23 -5.87 24.01
N SER B 360 -40.06 -5.87 23.36
CA SER B 360 -38.84 -5.48 24.07
C SER B 360 -38.94 -4.05 24.57
N PHE B 361 -39.49 -3.15 23.75
CA PHE B 361 -39.63 -1.76 24.16
C PHE B 361 -40.52 -1.64 25.38
N LEU B 362 -41.65 -2.36 25.40
CA LEU B 362 -42.56 -2.27 26.52
C LEU B 362 -41.91 -2.82 27.79
N LEU B 363 -41.20 -3.95 27.69
CA LEU B 363 -40.53 -4.49 28.87
C LEU B 363 -39.46 -3.53 29.38
N CYS B 364 -38.69 -2.92 28.48
CA CYS B 364 -37.66 -1.99 28.91
C CYS B 364 -38.27 -0.74 29.54
N ALA B 365 -39.38 -0.24 29.00
CA ALA B 365 -40.05 0.90 29.61
C ALA B 365 -40.57 0.56 30.99
N ARG B 366 -41.11 -0.65 31.15
CA ARG B 366 -41.55 -1.08 32.48
C ARG B 366 -40.39 -1.13 33.46
N SER B 367 -39.25 -1.68 33.03
CA SER B 367 -38.07 -1.73 33.90
C SER B 367 -37.60 -0.33 34.27
N LEU B 368 -37.57 0.58 33.30
CA LEU B 368 -37.12 1.94 33.58
C LEU B 368 -38.06 2.65 34.55
N LEU B 369 -39.38 2.44 34.41
CA LEU B 369 -40.31 3.02 35.36
C LEU B 369 -40.09 2.45 36.75
N ARG B 370 -39.88 1.14 36.85
CA ARG B 370 -39.60 0.54 38.16
C ARG B 370 -38.36 1.14 38.78
N GLY B 371 -37.30 1.30 37.99
CA GLY B 371 -36.08 1.91 38.50
C GLY B 371 -36.29 3.33 38.97
N PHE B 372 -37.07 4.11 38.21
CA PHE B 372 -37.36 5.48 38.60
C PHE B 372 -38.13 5.52 39.92
N LEU B 373 -39.11 4.65 40.08
CA LEU B 373 -39.87 4.61 41.32
C LEU B 373 -38.97 4.23 42.50
N LEU B 374 -38.11 3.22 42.31
CA LEU B 374 -37.20 2.84 43.38
C LEU B 374 -36.26 3.99 43.73
N GLN B 375 -35.76 4.71 42.73
CA GLN B 375 -34.95 5.89 43.00
C GLN B 375 -35.74 6.85 43.88
N ASN B 376 -36.85 7.38 43.36
CA ASN B 376 -37.68 8.31 44.13
C ASN B 376 -37.85 7.86 45.57
N GLU B 377 -38.16 6.58 45.77
CA GLU B 377 -38.35 6.05 47.12
C GLU B 377 -37.08 6.21 47.95
N PHE B 378 -35.94 5.75 47.41
CA PHE B 378 -34.70 5.75 48.17
C PHE B 378 -34.24 7.17 48.47
N VAL B 379 -34.37 8.09 47.51
CA VAL B 379 -33.96 9.46 47.74
C VAL B 379 -34.84 10.13 48.78
N GLY B 380 -36.16 9.91 48.71
CA GLY B 380 -37.04 10.44 49.73
C GLY B 380 -36.70 9.92 51.11
N PHE B 381 -36.41 8.62 51.21
CA PHE B 381 -36.01 8.05 52.49
C PHE B 381 -34.70 8.64 52.99
N MET B 382 -33.74 8.84 52.08
CA MET B 382 -32.44 9.37 52.47
C MET B 382 -32.56 10.81 52.94
N TRP B 383 -33.53 11.56 52.42
CA TRP B 383 -33.70 12.94 52.90
C TRP B 383 -34.27 12.97 54.30
N ARG B 384 -35.10 12.00 54.67
CA ARG B 384 -35.74 11.95 55.98
C ARG B 384 -34.98 11.04 56.95
N GLN B 385 -33.66 10.98 56.84
CA GLN B 385 -32.85 10.10 57.68
C GLN B 385 -31.40 10.53 57.68
N LEU B 392 -27.01 14.30 42.65
CA LEU B 392 -27.54 13.92 41.35
C LEU B 392 -26.78 12.73 40.80
N TRP B 393 -25.46 12.73 40.98
CA TRP B 393 -24.65 11.63 40.46
C TRP B 393 -25.05 10.31 41.09
N GLU B 394 -25.47 10.33 42.36
CA GLU B 394 -25.99 9.12 42.97
C GLU B 394 -27.39 8.78 42.48
N ARG B 395 -28.14 9.76 41.98
CA ARG B 395 -29.45 9.48 41.40
C ARG B 395 -29.33 8.74 40.08
N LEU B 396 -28.28 9.02 39.30
CA LEU B 396 -28.07 8.31 38.06
C LEU B 396 -27.40 6.98 38.32
N GLU B 397 -27.96 6.20 39.24
CA GLU B 397 -27.51 4.85 39.52
C GLU B 397 -28.61 3.83 39.37
N PHE B 398 -29.87 4.23 39.57
CA PHE B 398 -31.01 3.38 39.24
C PHE B 398 -31.33 3.41 37.75
N VAL B 399 -30.69 4.29 36.99
CA VAL B 399 -30.92 4.38 35.55
C VAL B 399 -30.06 3.32 34.86
N ASN B 400 -30.71 2.34 34.25
CA ASN B 400 -30.02 1.27 33.54
C ASN B 400 -29.76 1.76 32.11
N GLY B 401 -28.51 2.17 31.85
CA GLY B 401 -28.17 2.67 30.53
C GLY B 401 -28.34 1.63 29.44
N TRP B 402 -28.21 0.35 29.80
CA TRP B 402 -28.41 -0.70 28.83
C TRP B 402 -29.85 -0.68 28.30
N TYR B 403 -30.81 -0.37 29.16
CA TYR B 403 -32.20 -0.32 28.72
C TYR B 403 -32.49 0.93 27.89
N ILE B 404 -31.80 2.04 28.16
CA ILE B 404 -31.89 3.18 27.26
C ILE B 404 -31.37 2.82 25.88
N LEU B 405 -30.24 2.10 25.83
CA LEU B 405 -29.73 1.61 24.56
C LEU B 405 -30.74 0.69 23.88
N LEU B 406 -31.38 -0.19 24.64
CA LEU B 406 -32.32 -1.13 24.07
C LEU B 406 -33.55 -0.42 23.49
N VAL B 407 -34.09 0.57 24.20
CA VAL B 407 -35.24 1.28 23.68
C VAL B 407 -34.86 2.10 22.46
N THR B 408 -33.66 2.70 22.46
CA THR B 408 -33.22 3.42 21.27
C THR B 408 -33.13 2.46 20.07
N SER B 409 -32.55 1.28 20.30
CA SER B 409 -32.43 0.30 19.22
C SER B 409 -33.80 -0.15 18.73
N ASP B 410 -34.75 -0.34 19.65
CA ASP B 410 -36.10 -0.74 19.25
C ASP B 410 -36.77 0.34 18.40
N VAL B 411 -36.62 1.60 18.80
CA VAL B 411 -37.20 2.70 18.03
C VAL B 411 -36.58 2.74 16.63
N LEU B 412 -35.25 2.63 16.56
CA LEU B 412 -34.59 2.63 15.26
C LEU B 412 -35.05 1.47 14.39
N THR B 413 -35.16 0.28 14.99
CA THR B 413 -35.57 -0.88 14.23
C THR B 413 -36.99 -0.72 13.69
N ILE B 414 -37.90 -0.22 14.52
CA ILE B 414 -39.28 -0.04 14.07
C ILE B 414 -39.35 0.99 12.96
N SER B 415 -38.63 2.11 13.10
CA SER B 415 -38.62 3.11 12.04
C SER B 415 -38.07 2.53 10.74
N GLY B 416 -36.96 1.80 10.82
CA GLY B 416 -36.38 1.22 9.62
C GLY B 416 -37.29 0.19 8.99
N THR B 417 -37.99 -0.60 9.81
CA THR B 417 -38.92 -1.60 9.27
C THR B 417 -40.09 -0.93 8.57
N ILE B 418 -40.62 0.16 9.15
CA ILE B 418 -41.71 0.87 8.50
C ILE B 418 -41.22 1.45 7.17
N MET B 419 -40.02 2.02 7.16
CA MET B 419 -39.46 2.55 5.91
C MET B 419 -39.30 1.44 4.88
N LYS B 420 -38.82 0.27 5.32
CA LYS B 420 -38.63 -0.85 4.42
C LYS B 420 -39.95 -1.32 3.82
N ILE B 421 -40.99 -1.39 4.65
CA ILE B 421 -42.31 -1.75 4.13
C ILE B 421 -42.78 -0.72 3.13
N GLY B 422 -42.59 0.57 3.43
CA GLY B 422 -42.99 1.60 2.48
C GLY B 422 -42.27 1.49 1.15
N ILE B 423 -40.97 1.20 1.20
CA ILE B 423 -40.21 1.03 -0.04
C ILE B 423 -40.70 -0.18 -0.81
N GLU B 424 -41.00 -1.28 -0.11
CA GLU B 424 -41.53 -2.46 -0.78
C GLU B 424 -42.87 -2.17 -1.43
N ALA B 425 -43.73 -1.42 -0.74
CA ALA B 425 -45.01 -1.01 -1.31
C ALA B 425 -44.85 0.05 -2.39
N LYS B 426 -43.64 0.57 -2.58
CA LYS B 426 -43.31 1.56 -3.60
C LYS B 426 -43.88 2.94 -3.27
N ASN B 427 -44.16 3.20 -1.99
CA ASN B 427 -44.51 4.55 -1.56
C ASN B 427 -43.27 5.39 -1.29
N LEU B 428 -42.13 4.77 -1.03
CA LEU B 428 -40.88 5.46 -0.72
C LEU B 428 -39.77 4.89 -1.59
N ALA B 429 -38.67 5.65 -1.69
CA ALA B 429 -37.51 5.19 -2.45
C ALA B 429 -36.19 5.51 -1.76
N SER B 430 -36.20 5.79 -0.45
CA SER B 430 -35.00 6.22 0.26
C SER B 430 -34.25 5.01 0.79
N TYR B 431 -33.55 4.32 -0.12
CA TYR B 431 -32.81 3.13 0.26
C TYR B 431 -31.69 3.44 1.25
N ASP B 432 -31.00 4.55 1.06
CA ASP B 432 -29.85 4.86 1.90
C ASP B 432 -30.25 5.10 3.36
N VAL B 433 -31.31 5.88 3.58
CA VAL B 433 -31.77 6.14 4.94
C VAL B 433 -32.22 4.86 5.62
N CYS B 434 -32.99 4.05 4.89
CA CYS B 434 -33.44 2.78 5.45
C CYS B 434 -32.27 1.88 5.80
N SER B 435 -31.28 1.80 4.91
CA SER B 435 -30.12 0.96 5.17
C SER B 435 -29.35 1.44 6.39
N ILE B 436 -29.20 2.76 6.55
CA ILE B 436 -28.49 3.28 7.71
C ILE B 436 -29.26 2.94 8.99
N LEU B 437 -30.58 3.15 8.98
CA LEU B 437 -31.38 2.85 10.17
C LEU B 437 -31.26 1.38 10.54
N LEU B 438 -31.43 0.48 9.57
CA LEU B 438 -31.42 -0.95 9.86
C LEU B 438 -30.03 -1.42 10.26
N GLY B 439 -28.98 -0.91 9.62
CA GLY B 439 -27.63 -1.31 9.99
C GLY B 439 -27.24 -0.85 11.39
N THR B 440 -27.57 0.40 11.73
CA THR B 440 -27.29 0.88 13.07
C THR B 440 -28.08 0.09 14.10
N SER B 441 -29.34 -0.21 13.82
CA SER B 441 -30.13 -1.00 14.75
C SER B 441 -29.55 -2.40 14.93
N THR B 442 -29.06 -3.00 13.85
CA THR B 442 -28.44 -4.32 13.95
C THR B 442 -27.19 -4.26 14.83
N LEU B 443 -26.35 -3.25 14.62
CA LEU B 443 -25.15 -3.12 15.45
C LEU B 443 -25.53 -2.95 16.93
N LEU B 444 -26.51 -2.09 17.21
CA LEU B 444 -26.90 -1.87 18.60
C LEU B 444 -27.52 -3.12 19.21
N VAL B 445 -28.29 -3.87 18.43
CA VAL B 445 -28.89 -5.10 18.95
C VAL B 445 -27.80 -6.10 19.31
N TRP B 446 -26.78 -6.23 18.46
CA TRP B 446 -25.68 -7.11 18.79
C TRP B 446 -24.94 -6.65 20.04
N VAL B 447 -24.71 -5.33 20.15
CA VAL B 447 -23.96 -4.82 21.30
C VAL B 447 -24.75 -4.99 22.60
N GLY B 448 -26.07 -4.84 22.54
CA GLY B 448 -26.88 -4.80 23.74
C GLY B 448 -26.88 -6.08 24.54
N VAL B 449 -26.48 -7.20 23.93
CA VAL B 449 -26.42 -8.46 24.65
C VAL B 449 -25.29 -8.49 25.67
N ILE B 450 -24.34 -7.56 25.59
CA ILE B 450 -23.25 -7.51 26.55
C ILE B 450 -23.76 -7.20 27.94
N ARG B 451 -24.96 -6.63 28.07
CA ARG B 451 -25.50 -6.33 29.39
C ARG B 451 -25.47 -7.56 30.28
N TYR B 452 -25.76 -8.73 29.72
CA TYR B 452 -25.86 -9.93 30.51
C TYR B 452 -24.51 -10.53 30.86
N LEU B 453 -23.43 -10.03 30.27
CA LEU B 453 -22.08 -10.41 30.67
C LEU B 453 -21.53 -9.50 31.76
N THR B 454 -22.21 -8.40 32.09
CA THR B 454 -21.69 -7.46 33.06
C THR B 454 -21.75 -8.00 34.49
N PHE B 455 -22.62 -8.96 34.76
CA PHE B 455 -22.76 -9.46 36.13
C PHE B 455 -21.55 -10.28 36.55
N PHE B 456 -20.88 -10.93 35.61
CA PHE B 456 -19.74 -11.78 35.89
C PHE B 456 -18.46 -11.01 35.61
N HIS B 457 -17.64 -10.83 36.65
CA HIS B 457 -16.47 -9.98 36.52
C HIS B 457 -15.49 -10.52 35.49
N ASN B 458 -15.34 -11.84 35.44
CA ASN B 458 -14.39 -12.43 34.50
C ASN B 458 -14.76 -12.14 33.05
N TYR B 459 -16.01 -11.75 32.79
CA TYR B 459 -16.45 -11.43 31.44
C TYR B 459 -16.68 -9.94 31.23
N ASN B 460 -16.40 -9.10 32.23
CA ASN B 460 -16.75 -7.68 32.19
C ASN B 460 -15.52 -6.78 32.12
N ILE B 461 -14.39 -7.30 31.68
CA ILE B 461 -13.15 -6.51 31.72
C ILE B 461 -13.29 -5.27 30.85
N LEU B 462 -13.81 -5.43 29.64
CA LEU B 462 -13.89 -4.30 28.70
C LEU B 462 -14.73 -3.17 29.26
N ILE B 463 -15.95 -3.47 29.72
CA ILE B 463 -16.86 -2.43 30.15
C ILE B 463 -16.38 -1.79 31.45
N ALA B 464 -15.88 -2.60 32.39
CA ALA B 464 -15.36 -2.05 33.63
C ALA B 464 -14.19 -1.10 33.35
N THR B 465 -13.26 -1.53 32.49
CA THR B 465 -12.13 -0.68 32.13
C THR B 465 -12.59 0.59 31.45
N LEU B 466 -13.56 0.49 30.54
CA LEU B 466 -14.03 1.68 29.86
C LEU B 466 -14.65 2.66 30.85
N ARG B 467 -15.47 2.14 31.77
CA ARG B 467 -16.12 3.01 32.74
C ARG B 467 -15.08 3.72 33.61
N VAL B 468 -14.00 3.04 33.95
CA VAL B 468 -12.98 3.69 34.78
C VAL B 468 -12.18 4.69 33.96
N ALA B 469 -11.94 4.40 32.67
CA ALA B 469 -10.97 5.17 31.90
C ALA B 469 -11.56 6.38 31.16
N LEU B 470 -12.82 6.33 30.74
CA LEU B 470 -13.33 7.39 29.87
C LEU B 470 -13.11 8.81 30.40
N PRO B 471 -13.35 9.12 31.68
CA PRO B 471 -13.19 10.53 32.11
C PRO B 471 -11.79 11.07 31.89
N SER B 472 -10.76 10.32 32.29
CA SER B 472 -9.39 10.76 32.08
C SER B 472 -9.06 10.85 30.60
N VAL B 473 -9.60 9.93 29.80
CA VAL B 473 -9.37 9.95 28.36
C VAL B 473 -9.95 11.23 27.75
N MET B 474 -11.17 11.61 28.15
CA MET B 474 -11.76 12.83 27.63
C MET B 474 -10.97 14.05 28.04
N ARG B 475 -10.50 14.08 29.29
CA ARG B 475 -9.66 15.20 29.72
C ARG B 475 -8.39 15.29 28.90
N PHE B 476 -7.77 14.14 28.61
CA PHE B 476 -6.57 14.12 27.79
C PHE B 476 -6.86 14.59 26.36
N CYS B 477 -7.99 14.14 25.80
CA CYS B 477 -8.35 14.53 24.45
C CYS B 477 -8.62 16.02 24.36
N CYS B 478 -9.07 16.65 25.44
CA CYS B 478 -9.27 18.09 25.43
C CYS B 478 -7.98 18.80 24.99
N CYS B 479 -6.85 18.40 25.56
CA CYS B 479 -5.58 19.02 25.20
C CYS B 479 -5.07 18.54 23.85
N VAL B 480 -5.28 17.25 23.54
CA VAL B 480 -4.74 16.74 22.28
C VAL B 480 -5.45 17.36 21.06
N ALA B 481 -6.74 17.69 21.21
CA ALA B 481 -7.54 18.09 20.06
C ALA B 481 -7.08 19.41 19.48
N VAL B 482 -6.65 20.37 20.30
CA VAL B 482 -6.21 21.64 19.75
C VAL B 482 -4.97 21.46 18.90
N ILE B 483 -4.03 20.63 19.35
CA ILE B 483 -2.85 20.33 18.53
C ILE B 483 -3.26 19.66 17.23
N TYR B 484 -4.16 18.69 17.32
CA TYR B 484 -4.60 17.99 16.12
C TYR B 484 -5.24 18.94 15.12
N LEU B 485 -6.12 19.83 15.60
CA LEU B 485 -6.80 20.76 14.71
C LEU B 485 -5.82 21.77 14.11
N GLY B 486 -4.86 22.24 14.90
CA GLY B 486 -3.84 23.13 14.35
C GLY B 486 -3.10 22.47 13.20
N TYR B 487 -2.68 21.22 13.40
CA TYR B 487 -2.00 20.50 12.32
C TYR B 487 -2.93 20.31 11.12
N CYS B 488 -4.20 19.99 11.36
CA CYS B 488 -5.15 19.80 10.26
C CYS B 488 -5.25 21.06 9.41
N PHE B 489 -5.46 22.22 10.04
CA PHE B 489 -5.62 23.45 9.28
C PHE B 489 -4.34 23.82 8.53
N CYS B 490 -3.20 23.74 9.24
CA CYS B 490 -1.93 24.06 8.59
C CYS B 490 -1.70 23.18 7.37
N GLY B 491 -1.84 21.86 7.52
CA GLY B 491 -1.63 20.97 6.40
C GLY B 491 -2.60 21.24 5.26
N TRP B 492 -3.89 21.41 5.60
CA TRP B 492 -4.90 21.59 4.57
C TRP B 492 -4.58 22.81 3.70
N ILE B 493 -4.20 23.92 4.32
CA ILE B 493 -4.00 25.13 3.53
C ILE B 493 -2.62 25.18 2.90
N VAL B 494 -1.56 24.80 3.61
CA VAL B 494 -0.22 24.95 3.06
C VAL B 494 0.09 23.84 2.05
N LEU B 495 -0.22 22.60 2.38
CA LEU B 495 0.18 21.47 1.56
C LEU B 495 -0.89 21.02 0.58
N GLY B 496 -2.16 21.40 0.79
CA GLY B 496 -3.24 20.93 -0.04
C GLY B 496 -3.08 21.17 -1.53
N PRO B 497 -2.62 22.33 -1.95
CA PRO B 497 -2.39 22.54 -3.39
C PRO B 497 -1.34 21.63 -3.99
N TYR B 498 -0.42 21.09 -3.19
CA TYR B 498 0.68 20.28 -3.72
C TYR B 498 0.55 18.79 -3.44
N HIS B 499 -0.30 18.37 -2.52
CA HIS B 499 -0.35 17.00 -2.04
C HIS B 499 -1.76 16.44 -2.25
N VAL B 500 -1.83 15.30 -2.94
CA VAL B 500 -3.13 14.71 -3.26
C VAL B 500 -3.90 14.33 -2.00
N LYS B 501 -3.22 14.04 -0.91
CA LYS B 501 -3.86 13.59 0.32
C LYS B 501 -4.27 14.74 1.23
N PHE B 502 -4.05 15.99 0.82
CA PHE B 502 -4.39 17.15 1.64
C PHE B 502 -5.37 18.09 0.93
N ARG B 503 -6.17 17.57 0.00
CA ARG B 503 -7.00 18.44 -0.83
C ARG B 503 -8.11 19.10 -0.03
N SER B 504 -8.73 18.37 0.89
CA SER B 504 -9.85 18.86 1.68
C SER B 504 -9.60 18.58 3.15
N LEU B 505 -10.38 19.23 4.00
CA LEU B 505 -10.17 19.11 5.44
C LEU B 505 -10.44 17.68 5.93
N SER B 506 -11.53 17.07 5.47
CA SER B 506 -11.81 15.69 5.89
C SER B 506 -10.72 14.74 5.40
N MET B 507 -10.22 14.97 4.18
CA MET B 507 -9.14 14.14 3.66
C MET B 507 -7.87 14.34 4.47
N VAL B 508 -7.59 15.56 4.90
CA VAL B 508 -6.44 15.82 5.76
C VAL B 508 -6.57 15.07 7.08
N SER B 509 -7.76 15.11 7.67
CA SER B 509 -7.97 14.40 8.92
C SER B 509 -7.77 12.90 8.73
N GLU B 510 -8.29 12.35 7.63
CA GLU B 510 -8.07 10.93 7.35
C GLU B 510 -6.58 10.61 7.22
N CYS B 511 -5.84 11.46 6.50
CA CYS B 511 -4.41 11.21 6.32
C CYS B 511 -3.66 11.26 7.65
N LEU B 512 -3.96 12.25 8.48
CA LEU B 512 -3.26 12.37 9.76
C LEU B 512 -3.62 11.23 10.70
N PHE B 513 -4.90 10.85 10.74
CA PHE B 513 -5.32 9.72 11.56
C PHE B 513 -4.63 8.43 11.12
N SER B 514 -4.52 8.21 9.80
CA SER B 514 -3.83 7.03 9.31
C SER B 514 -2.35 7.08 9.65
N LEU B 515 -1.72 8.25 9.57
CA LEU B 515 -0.32 8.36 9.94
C LEU B 515 -0.11 8.02 11.41
N ILE B 516 -1.01 8.47 12.28
CA ILE B 516 -0.88 8.14 13.70
C ILE B 516 -0.85 6.63 13.89
N ASN B 517 -1.61 5.90 13.07
CA ASN B 517 -1.68 4.45 13.16
C ASN B 517 -0.63 3.76 12.31
N GLY B 518 0.35 4.52 11.79
CA GLY B 518 1.45 3.94 11.06
C GLY B 518 1.13 3.49 9.65
N ASP B 519 0.10 4.04 9.03
CA ASP B 519 -0.35 3.59 7.72
C ASP B 519 -0.07 4.64 6.66
N ASP B 520 0.41 4.17 5.50
CA ASP B 520 0.52 5.00 4.30
C ASP B 520 1.54 6.12 4.50
N MET B 521 2.62 5.82 5.21
CA MET B 521 3.58 6.86 5.59
C MET B 521 4.54 7.19 4.46
N PHE B 522 5.17 6.17 3.86
CA PHE B 522 6.19 6.44 2.85
C PHE B 522 5.59 7.12 1.62
N VAL B 523 4.39 6.71 1.21
N VAL B 523 4.39 6.71 1.20
CA VAL B 523 3.75 7.34 0.06
CA VAL B 523 3.77 7.35 0.05
C VAL B 523 3.42 8.80 0.37
C VAL B 523 3.43 8.80 0.37
N THR B 524 3.05 9.09 1.61
CA THR B 524 2.84 10.48 2.02
C THR B 524 4.13 11.27 1.86
N PHE B 525 5.26 10.71 2.29
CA PHE B 525 6.54 11.40 2.09
C PHE B 525 6.87 11.54 0.61
N ALA B 526 6.58 10.51 -0.18
CA ALA B 526 7.02 10.45 -1.57
C ALA B 526 6.22 11.39 -2.45
N ALA B 527 4.96 11.66 -2.09
CA ALA B 527 4.17 12.59 -2.88
C ALA B 527 4.82 13.97 -2.94
N MET B 528 5.62 14.32 -1.92
CA MET B 528 6.28 15.62 -1.88
C MET B 528 7.64 15.63 -2.57
N GLN B 529 8.21 14.47 -2.89
CA GLN B 529 9.53 14.44 -3.49
C GLN B 529 9.56 15.07 -4.88
N ALA B 530 8.41 15.14 -5.56
CA ALA B 530 8.37 15.82 -6.86
C ALA B 530 8.61 17.32 -6.72
N GLN B 531 8.16 17.92 -5.63
CA GLN B 531 8.30 19.36 -5.44
C GLN B 531 9.69 19.77 -4.97
N GLN B 532 10.57 18.82 -4.66
CA GLN B 532 11.89 19.19 -4.16
C GLN B 532 12.64 20.07 -5.15
N GLY B 533 12.43 19.84 -6.45
CA GLY B 533 13.07 20.67 -7.46
C GLY B 533 12.30 21.96 -7.71
N ARG B 534 10.98 21.85 -7.84
CA ARG B 534 10.17 23.02 -8.18
C ARG B 534 10.07 23.98 -7.00
N SER B 535 9.48 23.52 -5.89
CA SER B 535 9.23 24.36 -4.72
C SER B 535 10.03 23.79 -3.55
N SER B 536 11.28 24.23 -3.43
CA SER B 536 12.17 23.67 -2.42
C SER B 536 11.72 24.06 -1.02
N LEU B 537 11.26 25.29 -0.83
CA LEU B 537 10.84 25.74 0.49
C LEU B 537 9.62 24.96 0.97
N VAL B 538 8.67 24.70 0.07
CA VAL B 538 7.50 23.89 0.42
C VAL B 538 7.94 22.48 0.79
N TRP B 539 8.91 21.93 0.06
CA TRP B 539 9.41 20.59 0.38
C TRP B 539 10.02 20.55 1.78
N LEU B 540 10.85 21.54 2.11
CA LEU B 540 11.45 21.59 3.43
C LEU B 540 10.40 21.71 4.52
N PHE B 541 9.41 22.58 4.31
CA PHE B 541 8.34 22.72 5.28
C PHE B 541 7.59 21.41 5.45
N SER B 542 7.34 20.69 4.35
CA SER B 542 6.63 19.43 4.44
C SER B 542 7.44 18.40 5.22
N GLN B 543 8.76 18.38 5.01
CA GLN B 543 9.61 17.50 5.82
C GLN B 543 9.42 17.78 7.31
N LEU B 544 9.57 19.06 7.69
CA LEU B 544 9.44 19.41 9.11
C LEU B 544 8.05 19.03 9.63
N TYR B 545 7.02 19.37 8.85
CA TYR B 545 5.64 19.13 9.27
C TYR B 545 5.39 17.65 9.51
N LEU B 546 5.71 16.81 8.52
CA LEU B 546 5.43 15.38 8.65
C LEU B 546 6.25 14.74 9.77
N TYR B 547 7.55 15.02 9.81
CA TYR B 547 8.38 14.38 10.83
C TYR B 547 7.93 14.77 12.23
N SER B 548 7.67 16.07 12.45
CA SER B 548 7.26 16.51 13.77
C SER B 548 5.90 15.93 14.16
N PHE B 549 4.94 15.93 13.23
CA PHE B 549 3.63 15.37 13.55
C PHE B 549 3.75 13.90 13.92
N ILE B 550 4.44 13.12 13.09
CA ILE B 550 4.52 11.68 13.33
C ILE B 550 5.20 11.41 14.66
N SER B 551 6.34 12.06 14.90
CA SER B 551 7.06 11.81 16.15
C SER B 551 6.19 12.15 17.35
N LEU B 552 5.64 13.37 17.38
CA LEU B 552 4.87 13.81 18.54
C LEU B 552 3.67 12.91 18.78
N PHE B 553 2.92 12.57 17.73
CA PHE B 553 1.66 11.89 17.98
C PHE B 553 1.83 10.39 18.17
N ILE B 554 2.70 9.74 17.39
CA ILE B 554 2.87 8.30 17.57
C ILE B 554 3.60 8.00 18.87
N TYR B 555 4.67 8.75 19.18
CA TYR B 555 5.52 8.32 20.28
C TYR B 555 5.15 8.95 21.62
N MET B 556 4.44 10.07 21.63
CA MET B 556 4.12 10.77 22.86
C MET B 556 2.63 10.75 23.17
N VAL B 557 1.80 11.23 22.23
CA VAL B 557 0.36 11.32 22.49
C VAL B 557 -0.25 9.93 22.59
N LEU B 558 -0.07 9.09 21.57
CA LEU B 558 -0.68 7.78 21.58
C LEU B 558 -0.15 6.91 22.72
N SER B 559 1.13 7.08 23.08
CA SER B 559 1.68 6.35 24.20
C SER B 559 0.89 6.61 25.48
N LEU B 560 0.66 7.88 25.79
CA LEU B 560 -0.08 8.22 27.02
C LEU B 560 -1.55 7.88 26.89
N PHE B 561 -2.12 7.99 25.70
CA PHE B 561 -3.50 7.56 25.49
C PHE B 561 -3.67 6.09 25.86
N ILE B 562 -2.75 5.24 25.40
CA ILE B 562 -2.80 3.83 25.74
C ILE B 562 -2.50 3.61 27.22
N ALA B 563 -1.57 4.40 27.76
CA ALA B 563 -1.18 4.23 29.17
C ALA B 563 -2.36 4.51 30.10
N LEU B 564 -3.20 5.49 29.76
CA LEU B 564 -4.38 5.76 30.57
C LEU B 564 -5.31 4.54 30.63
N ILE B 565 -5.54 3.92 29.47
CA ILE B 565 -6.44 2.75 29.41
C ILE B 565 -5.85 1.58 30.17
N THR B 566 -4.55 1.31 29.99
CA THR B 566 -3.95 0.18 30.71
C THR B 566 -3.88 0.44 32.20
N GLY B 567 -3.69 1.70 32.62
CA GLY B 567 -3.75 2.01 34.04
C GLY B 567 -5.13 1.82 34.62
N ALA B 568 -6.16 2.20 33.88
CA ALA B 568 -7.52 1.92 34.32
C ALA B 568 -7.74 0.42 34.47
N TYR B 569 -7.26 -0.36 33.51
CA TYR B 569 -7.37 -1.81 33.62
C TYR B 569 -6.64 -2.34 34.85
N ASP B 570 -5.43 -1.83 35.10
CA ASP B 570 -4.70 -2.22 36.30
C ASP B 570 -5.51 -1.91 37.55
N THR B 571 -6.22 -0.78 37.54
CA THR B 571 -7.08 -0.44 38.68
C THR B 571 -8.20 -1.46 38.85
N ILE B 572 -8.95 -1.75 37.79
CA ILE B 572 -10.05 -2.70 37.90
C ILE B 572 -9.58 -4.15 37.93
N LYS B 573 -8.35 -4.40 37.54
CA LYS B 573 -7.78 -5.75 37.56
C LYS B 573 -7.90 -6.35 38.97
N LEU C 89 4.87 -45.92 44.44
CA LEU C 89 3.88 -45.27 43.61
C LEU C 89 4.26 -43.81 43.37
N ARG C 90 4.66 -43.12 44.44
CA ARG C 90 5.11 -41.74 44.30
C ARG C 90 6.36 -41.66 43.42
N ARG C 91 7.30 -42.59 43.63
CA ARG C 91 8.49 -42.62 42.79
C ARG C 91 8.15 -42.89 41.34
N ARG C 92 7.19 -43.79 41.10
CA ARG C 92 6.81 -44.10 39.72
C ARG C 92 6.20 -42.89 39.04
N LEU C 93 5.33 -42.15 39.73
CA LEU C 93 4.78 -40.93 39.14
C LEU C 93 5.87 -39.90 38.89
N LYS C 94 6.77 -39.72 39.86
CA LYS C 94 7.87 -38.79 39.67
C LYS C 94 8.64 -39.12 38.40
N TYR C 95 9.02 -40.39 38.24
CA TYR C 95 9.75 -40.79 37.04
C TYR C 95 8.91 -40.56 35.79
N PHE C 96 7.61 -40.87 35.86
CA PHE C 96 6.72 -40.63 34.74
C PHE C 96 6.79 -39.17 34.29
N PHE C 97 6.97 -38.24 35.22
CA PHE C 97 6.98 -36.83 34.89
C PHE C 97 8.39 -36.26 34.72
N MET C 98 9.41 -37.12 34.66
CA MET C 98 10.77 -36.64 34.51
C MET C 98 11.11 -36.34 33.05
N SER C 99 12.14 -35.52 32.86
CA SER C 99 12.59 -35.13 31.52
C SER C 99 13.40 -36.24 30.88
N PRO C 100 13.58 -36.19 29.56
CA PRO C 100 14.34 -37.26 28.89
C PRO C 100 15.74 -37.44 29.44
N CYS C 101 16.45 -36.36 29.74
CA CYS C 101 17.77 -36.48 30.33
C CYS C 101 17.70 -37.11 31.72
N ASP C 102 16.75 -36.67 32.54
CA ASP C 102 16.59 -37.25 33.86
C ASP C 102 16.18 -38.72 33.78
N LYS C 103 15.31 -39.05 32.81
CA LYS C 103 14.91 -40.43 32.64
C LYS C 103 16.09 -41.29 32.22
N PHE C 104 16.95 -40.76 31.34
CA PHE C 104 18.17 -41.47 30.97
C PHE C 104 19.07 -41.69 32.18
N ARG C 105 19.22 -40.66 33.01
CA ARG C 105 20.06 -40.80 34.20
C ARG C 105 19.48 -41.84 35.16
N ALA C 106 18.16 -41.86 35.31
CA ALA C 106 17.52 -42.75 36.27
C ALA C 106 17.48 -44.19 35.80
N LYS C 107 17.32 -44.43 34.49
CA LYS C 107 17.16 -45.78 33.98
C LYS C 107 18.00 -46.06 32.74
N GLY C 108 18.78 -45.11 32.27
CA GLY C 108 19.54 -45.33 31.05
C GLY C 108 18.70 -45.40 29.79
N ARG C 109 17.45 -44.97 29.86
CA ARG C 109 16.57 -45.06 28.70
C ARG C 109 17.13 -44.24 27.54
N LYS C 110 17.17 -44.84 26.35
CA LYS C 110 17.62 -44.14 25.16
C LYS C 110 16.49 -43.29 24.60
N PRO C 111 16.73 -42.00 24.32
CA PRO C 111 15.63 -41.12 23.87
C PRO C 111 15.27 -41.37 22.40
N CYS C 112 14.67 -42.53 22.15
CA CYS C 112 14.34 -42.91 20.77
C CYS C 112 13.34 -41.92 20.16
N LYS C 113 12.35 -41.48 20.94
CA LYS C 113 11.31 -40.63 20.39
C LYS C 113 11.87 -39.30 19.90
N LEU C 114 12.83 -38.72 20.62
CA LEU C 114 13.41 -37.45 20.21
C LEU C 114 14.12 -37.58 18.86
N MET C 115 14.93 -38.63 18.70
CA MET C 115 15.60 -38.85 17.43
C MET C 115 14.57 -39.10 16.33
N LEU C 116 13.49 -39.80 16.65
CA LEU C 116 12.43 -40.01 15.68
C LEU C 116 11.81 -38.69 15.25
N GLN C 117 11.61 -37.76 16.18
CA GLN C 117 11.03 -36.47 15.81
C GLN C 117 11.98 -35.69 14.91
N VAL C 118 13.28 -35.73 15.20
CA VAL C 118 14.23 -35.02 14.34
C VAL C 118 14.21 -35.62 12.93
N VAL C 119 14.25 -36.94 12.85
CA VAL C 119 14.20 -37.61 11.55
C VAL C 119 12.91 -37.30 10.83
N LYS C 120 11.79 -37.27 11.56
CA LYS C 120 10.50 -36.96 10.96
C LYS C 120 10.49 -35.54 10.40
N ILE C 121 11.01 -34.57 11.16
CA ILE C 121 11.07 -33.22 10.64
C ILE C 121 11.80 -33.22 9.30
N LEU C 122 12.97 -33.85 9.27
CA LEU C 122 13.75 -33.86 8.04
C LEU C 122 12.97 -34.49 6.88
N VAL C 123 12.48 -35.72 7.08
CA VAL C 123 11.91 -36.47 5.96
C VAL C 123 10.58 -35.89 5.52
N VAL C 124 9.75 -35.44 6.47
CA VAL C 124 8.45 -34.88 6.11
C VAL C 124 8.63 -33.56 5.37
N THR C 125 9.58 -32.72 5.80
CA THR C 125 9.82 -31.49 5.05
C THR C 125 10.32 -31.80 3.65
N VAL C 126 11.22 -32.77 3.51
CA VAL C 126 11.72 -33.12 2.19
C VAL C 126 10.58 -33.63 1.31
N GLN C 127 9.71 -34.48 1.86
CA GLN C 127 8.61 -35.02 1.09
C GLN C 127 7.65 -33.91 0.64
N LEU C 128 7.36 -32.96 1.53
CA LEU C 128 6.51 -31.84 1.13
C LEU C 128 7.14 -31.07 -0.02
N ILE C 129 8.44 -30.79 0.07
CA ILE C 129 9.10 -30.03 -1.00
C ILE C 129 9.05 -30.82 -2.31
N LEU C 130 9.27 -32.12 -2.25
CA LEU C 130 9.26 -32.93 -3.47
C LEU C 130 7.86 -32.96 -4.09
N PHE C 131 6.82 -33.09 -3.26
CA PHE C 131 5.46 -33.04 -3.78
C PHE C 131 5.15 -31.69 -4.42
N GLY C 132 5.74 -30.62 -3.88
CA GLY C 132 5.50 -29.30 -4.42
C GLY C 132 5.81 -29.19 -5.90
N LEU C 133 6.77 -29.97 -6.40
CA LEU C 133 7.12 -29.91 -7.81
C LEU C 133 5.94 -30.34 -8.69
N SER C 134 5.37 -31.51 -8.40
CA SER C 134 4.23 -31.98 -9.18
C SER C 134 3.03 -31.07 -9.00
N ASN C 135 2.79 -30.62 -7.76
CA ASN C 135 1.68 -29.71 -7.51
C ASN C 135 1.81 -28.45 -8.37
N GLN C 136 3.01 -27.85 -8.38
CA GLN C 136 3.23 -26.63 -9.13
C GLN C 136 3.06 -26.88 -10.63
N LEU C 137 3.56 -28.01 -11.12
CA LEU C 137 3.39 -28.30 -12.54
C LEU C 137 1.91 -28.33 -12.93
N ALA C 138 1.09 -29.03 -12.13
CA ALA C 138 -0.33 -29.11 -12.46
C ALA C 138 -0.99 -27.74 -12.43
N VAL C 139 -0.75 -26.97 -11.37
CA VAL C 139 -1.40 -25.67 -11.23
C VAL C 139 -0.97 -24.74 -12.36
N THR C 140 0.31 -24.72 -12.68
CA THR C 140 0.82 -23.87 -13.74
C THR C 140 0.20 -24.23 -15.08
N PHE C 141 0.11 -25.53 -15.38
CA PHE C 141 -0.52 -25.93 -16.64
C PHE C 141 -1.93 -25.38 -16.73
N ARG C 142 -2.72 -25.56 -15.68
CA ARG C 142 -4.10 -25.07 -15.71
C ARG C 142 -4.15 -23.55 -15.93
N GLU C 143 -3.40 -22.79 -15.12
CA GLU C 143 -3.50 -21.35 -15.19
C GLU C 143 -3.00 -20.81 -16.53
N GLU C 144 -1.88 -21.32 -17.03
CA GLU C 144 -1.33 -20.83 -18.28
C GLU C 144 -2.26 -21.13 -19.45
N ASN C 145 -2.85 -22.33 -19.47
CA ASN C 145 -3.82 -22.61 -20.53
C ASN C 145 -4.99 -21.66 -20.47
N THR C 146 -5.47 -21.34 -19.27
CA THR C 146 -6.60 -20.42 -19.15
C THR C 146 -6.24 -19.02 -19.66
N ILE C 147 -5.04 -18.54 -19.32
CA ILE C 147 -4.61 -17.23 -19.82
C ILE C 147 -4.52 -17.23 -21.33
N ALA C 148 -3.97 -18.31 -21.90
CA ALA C 148 -3.90 -18.41 -23.36
C ALA C 148 -5.29 -18.40 -23.98
N PHE C 149 -6.24 -19.09 -23.36
CA PHE C 149 -7.62 -19.09 -23.88
C PHE C 149 -8.21 -17.69 -23.85
N ARG C 150 -7.97 -16.95 -22.77
CA ARG C 150 -8.45 -15.57 -22.71
C ARG C 150 -7.88 -14.74 -23.85
N HIS C 151 -6.59 -14.89 -24.13
CA HIS C 151 -6.00 -14.12 -25.22
C HIS C 151 -6.48 -14.60 -26.59
N LEU C 152 -6.82 -15.88 -26.73
CA LEU C 152 -7.21 -16.41 -28.02
C LEU C 152 -8.66 -16.08 -28.37
N PHE C 153 -9.57 -16.16 -27.40
CA PHE C 153 -10.99 -16.15 -27.71
C PHE C 153 -11.69 -14.84 -27.38
N LEU C 154 -11.12 -13.99 -26.54
CA LEU C 154 -11.75 -12.73 -26.13
C LEU C 154 -11.20 -11.60 -26.99
N LEU C 155 -12.07 -10.98 -27.77
CA LEU C 155 -11.64 -9.96 -28.74
C LEU C 155 -11.18 -8.71 -28.02
N GLY C 156 -9.93 -8.31 -28.25
CA GLY C 156 -9.39 -7.12 -27.62
C GLY C 156 -9.06 -7.26 -26.16
N TYR C 157 -8.83 -8.48 -25.68
CA TYR C 157 -8.53 -8.69 -24.26
C TYR C 157 -7.08 -8.35 -23.98
N SER C 158 -6.83 -7.78 -22.80
CA SER C 158 -5.48 -7.50 -22.32
C SER C 158 -5.38 -7.94 -20.88
N ASP C 159 -4.16 -8.24 -20.46
CA ASP C 159 -3.91 -8.66 -19.09
C ASP C 159 -4.33 -7.57 -18.11
N GLY C 160 -4.91 -7.99 -16.99
CA GLY C 160 -5.35 -7.07 -15.96
C GLY C 160 -6.71 -6.45 -16.20
N ALA C 161 -7.40 -6.81 -17.28
CA ALA C 161 -8.69 -6.21 -17.61
C ALA C 161 -9.87 -7.11 -17.25
N ASP C 162 -9.64 -8.19 -16.50
CA ASP C 162 -10.70 -9.17 -16.28
C ASP C 162 -11.90 -8.56 -15.58
N ASP C 163 -11.65 -7.70 -14.59
CA ASP C 163 -12.74 -7.16 -13.79
C ASP C 163 -13.60 -6.15 -14.54
N THR C 164 -13.08 -5.50 -15.58
CA THR C 164 -13.81 -4.47 -16.29
C THR C 164 -14.14 -4.84 -17.73
N PHE C 165 -13.64 -5.95 -18.23
CA PHE C 165 -13.88 -6.35 -19.61
C PHE C 165 -15.37 -6.48 -19.88
N ALA C 166 -15.88 -5.73 -20.86
CA ALA C 166 -17.31 -5.67 -21.10
C ALA C 166 -17.58 -5.10 -22.49
N ALA C 167 -18.79 -5.35 -22.98
CA ALA C 167 -19.29 -4.78 -24.22
C ALA C 167 -20.33 -3.71 -23.91
N TYR C 168 -20.45 -2.74 -24.81
CA TYR C 168 -21.37 -1.61 -24.60
C TYR C 168 -22.26 -1.30 -25.78
N THR C 169 -22.03 -1.91 -26.95
CA THR C 169 -22.89 -1.72 -28.10
C THR C 169 -23.25 -3.09 -28.68
N ARG C 170 -24.34 -3.11 -29.45
CA ARG C 170 -24.74 -4.34 -30.10
C ARG C 170 -23.66 -4.83 -31.05
N GLU C 171 -23.01 -3.91 -31.73
CA GLU C 171 -21.95 -4.25 -32.66
C GLU C 171 -20.77 -4.89 -31.94
N GLN C 172 -20.39 -4.33 -30.78
CA GLN C 172 -19.32 -4.91 -29.99
C GLN C 172 -19.65 -6.34 -29.56
N LEU C 173 -20.89 -6.56 -29.11
CA LEU C 173 -21.27 -7.88 -28.63
C LEU C 173 -21.26 -8.90 -29.77
N TYR C 174 -21.82 -8.53 -30.91
CA TYR C 174 -21.81 -9.44 -32.06
C TYR C 174 -20.39 -9.77 -32.48
N GLN C 175 -19.52 -8.76 -32.52
CA GLN C 175 -18.13 -8.98 -32.91
C GLN C 175 -17.44 -9.91 -31.92
N ALA C 176 -17.65 -9.72 -30.62
CA ALA C 176 -17.02 -10.58 -29.62
C ALA C 176 -17.46 -12.03 -29.79
N ILE C 177 -18.77 -12.26 -29.96
CA ILE C 177 -19.28 -13.62 -30.10
C ILE C 177 -18.70 -14.28 -31.35
N PHE C 178 -18.76 -13.58 -32.49
CA PHE C 178 -18.28 -14.16 -33.73
C PHE C 178 -16.77 -14.37 -33.68
N HIS C 179 -16.03 -13.48 -33.03
CA HIS C 179 -14.60 -13.67 -32.90
C HIS C 179 -14.29 -14.94 -32.11
N ALA C 180 -15.02 -15.17 -31.01
CA ALA C 180 -14.78 -16.38 -30.23
C ALA C 180 -15.04 -17.63 -31.07
N VAL C 181 -16.16 -17.66 -31.80
CA VAL C 181 -16.46 -18.85 -32.59
C VAL C 181 -15.45 -19.04 -33.71
N ASP C 182 -15.07 -17.95 -34.40
CA ASP C 182 -14.10 -18.05 -35.47
C ASP C 182 -12.75 -18.54 -34.96
N GLN C 183 -12.33 -18.06 -33.80
CA GLN C 183 -11.06 -18.50 -33.23
C GLN C 183 -11.12 -19.98 -32.85
N TYR C 184 -12.27 -20.42 -32.32
CA TYR C 184 -12.43 -21.85 -32.05
C TYR C 184 -12.28 -22.66 -33.32
N LEU C 185 -12.82 -22.18 -34.43
CA LEU C 185 -12.72 -22.93 -35.69
C LEU C 185 -11.31 -22.84 -36.29
N ALA C 186 -10.57 -21.78 -36.00
CA ALA C 186 -9.22 -21.61 -36.55
C ALA C 186 -8.12 -22.15 -35.65
N LEU C 187 -8.45 -22.63 -34.45
CA LEU C 187 -7.45 -23.02 -33.47
C LEU C 187 -6.32 -23.87 -34.01
N PRO C 188 -6.56 -24.92 -34.82
CA PRO C 188 -5.44 -25.75 -35.28
C PRO C 188 -4.39 -25.00 -36.08
N ASP C 189 -4.74 -23.86 -36.70
CA ASP C 189 -3.81 -23.14 -37.55
C ASP C 189 -3.10 -21.99 -36.86
N VAL C 190 -3.63 -21.48 -35.75
CA VAL C 190 -3.10 -20.26 -35.15
C VAL C 190 -2.50 -20.51 -33.77
N SER C 191 -2.99 -21.49 -33.02
CA SER C 191 -2.59 -21.63 -31.63
C SER C 191 -1.17 -22.18 -31.52
N LEU C 192 -0.49 -21.75 -30.46
CA LEU C 192 0.83 -22.29 -30.15
C LEU C 192 0.74 -23.62 -29.42
N GLY C 193 -0.35 -23.89 -28.72
CA GLY C 193 -0.58 -25.19 -28.14
C GLY C 193 -1.18 -26.16 -29.14
N ARG C 194 -1.17 -27.43 -28.75
CA ARG C 194 -1.77 -28.49 -29.56
C ARG C 194 -3.02 -28.98 -28.85
N TYR C 195 -4.17 -28.78 -29.47
CA TYR C 195 -5.45 -29.12 -28.86
C TYR C 195 -6.23 -30.04 -29.78
N ALA C 196 -7.02 -30.91 -29.17
CA ALA C 196 -7.95 -31.76 -29.89
C ALA C 196 -9.37 -31.39 -29.49
N TYR C 197 -10.29 -31.50 -30.44
CA TYR C 197 -11.68 -31.18 -30.20
C TYR C 197 -12.40 -32.35 -29.51
N VAL C 198 -13.48 -32.02 -28.81
CA VAL C 198 -14.36 -33.00 -28.17
C VAL C 198 -15.78 -32.76 -28.70
N ARG C 199 -16.44 -33.83 -29.13
CA ARG C 199 -17.77 -33.75 -29.70
C ARG C 199 -18.78 -34.52 -28.84
N GLY C 200 -20.02 -34.03 -28.84
CA GLY C 200 -21.10 -34.75 -28.21
C GLY C 200 -20.94 -34.85 -26.71
N GLY C 201 -21.38 -35.97 -26.15
CA GLY C 201 -21.24 -36.21 -24.73
C GLY C 201 -22.25 -35.53 -23.84
N GLY C 202 -23.44 -35.26 -24.35
CA GLY C 202 -24.52 -34.73 -23.55
C GLY C 202 -24.64 -33.22 -23.63
N ASP C 203 -25.57 -32.70 -22.85
CA ASP C 203 -25.89 -31.28 -22.91
C ASP C 203 -24.70 -30.44 -22.46
N PRO C 204 -24.55 -29.24 -23.02
CA PRO C 204 -25.42 -28.59 -24.00
C PRO C 204 -25.11 -28.99 -25.45
N TRP C 205 -24.22 -29.95 -25.67
CA TRP C 205 -23.82 -30.33 -27.02
C TRP C 205 -24.71 -31.45 -27.55
N THR C 206 -25.18 -31.31 -28.77
CA THR C 206 -25.76 -32.45 -29.47
C THR C 206 -24.64 -33.35 -29.98
N ASN C 207 -25.01 -34.56 -30.38
CA ASN C 207 -24.02 -35.50 -30.90
C ASN C 207 -23.33 -34.89 -32.12
N GLY C 208 -22.00 -35.00 -32.14
CA GLY C 208 -21.22 -34.48 -33.24
C GLY C 208 -20.90 -33.01 -33.17
N SER C 209 -21.39 -32.30 -32.15
CA SER C 209 -21.19 -30.87 -32.02
C SER C 209 -20.06 -30.58 -31.04
N GLY C 210 -19.17 -29.69 -31.42
CA GLY C 210 -18.06 -29.32 -30.56
C GLY C 210 -18.31 -28.08 -29.74
N LEU C 211 -19.06 -27.12 -30.29
CA LEU C 211 -19.29 -25.84 -29.64
C LEU C 211 -20.78 -25.56 -29.54
N ALA C 212 -21.22 -25.11 -28.38
CA ALA C 212 -22.62 -24.72 -28.16
C ALA C 212 -22.69 -23.22 -27.89
N LEU C 213 -23.46 -22.51 -28.71
CA LEU C 213 -23.66 -21.07 -28.58
C LEU C 213 -25.12 -20.83 -28.23
N CYS C 214 -25.38 -20.45 -26.98
CA CYS C 214 -26.74 -20.41 -26.46
C CYS C 214 -27.09 -19.02 -25.97
N GLN C 215 -28.30 -18.57 -26.29
CA GLN C 215 -28.84 -17.34 -25.73
C GLN C 215 -30.07 -17.65 -24.88
N ARG C 216 -30.15 -17.02 -23.73
CA ARG C 216 -31.23 -17.22 -22.78
C ARG C 216 -31.96 -15.89 -22.59
N TYR C 217 -33.28 -15.93 -22.72
CA TYR C 217 -34.12 -14.73 -22.66
C TYR C 217 -35.47 -15.07 -22.04
N TYR C 218 -36.23 -14.04 -21.68
CA TYR C 218 -37.54 -14.24 -21.08
C TYR C 218 -38.53 -14.79 -22.11
N HIS C 219 -39.44 -15.63 -21.62
CA HIS C 219 -40.44 -16.24 -22.51
C HIS C 219 -41.31 -15.17 -23.17
N ARG C 220 -41.78 -14.20 -22.40
CA ARG C 220 -42.50 -13.04 -22.92
C ARG C 220 -41.87 -11.80 -22.35
N GLY C 221 -41.48 -10.87 -23.20
CA GLY C 221 -40.63 -9.77 -22.78
C GLY C 221 -40.99 -8.37 -23.25
N HIS C 222 -42.26 -7.99 -23.27
N HIS C 222 -42.26 -7.99 -23.27
CA HIS C 222 -42.63 -6.67 -23.76
CA HIS C 222 -42.63 -6.67 -23.76
C HIS C 222 -42.18 -5.60 -22.77
C HIS C 222 -42.18 -5.60 -22.77
N VAL C 223 -41.32 -4.69 -23.20
CA VAL C 223 -40.76 -3.66 -22.33
C VAL C 223 -40.94 -2.32 -23.03
N ASP C 224 -41.62 -1.38 -22.38
CA ASP C 224 -42.02 -0.11 -22.99
C ASP C 224 -41.77 1.01 -22.00
N PRO C 225 -40.50 1.40 -21.80
CA PRO C 225 -40.22 2.50 -20.87
C PRO C 225 -40.82 3.82 -21.28
N ALA C 226 -41.10 4.02 -22.57
CA ALA C 226 -41.74 5.26 -22.99
C ALA C 226 -43.09 5.45 -22.33
N ASN C 227 -43.86 4.36 -22.22
CA ASN C 227 -45.16 4.38 -21.56
C ASN C 227 -45.08 3.91 -20.11
N ASP C 228 -43.88 3.70 -19.59
CA ASP C 228 -43.70 3.19 -18.23
C ASP C 228 -44.46 1.87 -18.04
N THR C 229 -44.33 0.99 -19.02
CA THR C 229 -45.13 -0.23 -19.08
C THR C 229 -44.23 -1.43 -19.34
N PHE C 230 -44.71 -2.61 -18.91
CA PHE C 230 -44.06 -3.84 -19.33
C PHE C 230 -44.97 -5.02 -19.02
N ASP C 231 -44.80 -6.07 -19.82
CA ASP C 231 -45.50 -7.33 -19.67
C ASP C 231 -44.46 -8.44 -19.81
N ILE C 232 -44.17 -9.12 -18.71
CA ILE C 232 -43.06 -10.06 -18.61
C ILE C 232 -43.59 -11.39 -18.11
N ASP C 233 -43.20 -12.47 -18.78
CA ASP C 233 -43.24 -13.82 -18.24
C ASP C 233 -41.79 -14.23 -17.98
N PRO C 234 -41.32 -14.18 -16.74
CA PRO C 234 -39.87 -14.29 -16.50
C PRO C 234 -39.31 -15.70 -16.61
N MET C 235 -40.11 -16.65 -17.10
CA MET C 235 -39.57 -17.98 -17.40
C MET C 235 -38.50 -17.86 -18.48
N VAL C 236 -37.38 -18.56 -18.28
CA VAL C 236 -36.22 -18.43 -19.16
C VAL C 236 -36.30 -19.48 -20.26
N VAL C 237 -36.17 -19.02 -21.50
CA VAL C 237 -36.09 -19.87 -22.68
C VAL C 237 -34.65 -19.85 -23.16
N THR C 238 -34.13 -21.03 -23.50
CA THR C 238 -32.79 -21.20 -24.03
C THR C 238 -32.87 -21.59 -25.51
N ASP C 239 -32.09 -20.91 -26.34
CA ASP C 239 -31.97 -21.24 -27.76
C ASP C 239 -30.50 -21.46 -28.07
N CYS C 240 -30.17 -22.65 -28.56
CA CYS C 240 -28.79 -23.08 -28.70
C CYS C 240 -28.50 -23.38 -30.17
N ILE C 241 -27.35 -22.90 -30.65
CA ILE C 241 -26.82 -23.21 -31.96
C ILE C 241 -25.61 -24.11 -31.78
N GLN C 242 -25.53 -25.17 -32.57
CA GLN C 242 -24.46 -26.16 -32.48
C GLN C 242 -23.49 -25.96 -33.64
N VAL C 243 -22.20 -25.92 -33.32
CA VAL C 243 -21.14 -25.77 -34.31
C VAL C 243 -20.25 -26.99 -34.21
N ASP C 244 -20.07 -27.66 -35.33
CA ASP C 244 -19.14 -28.78 -35.40
C ASP C 244 -17.72 -28.28 -35.65
N PRO C 245 -16.72 -28.88 -35.05
CA PRO C 245 -15.34 -28.48 -35.32
C PRO C 245 -14.98 -28.79 -36.77
N PRO C 246 -14.01 -28.07 -37.34
CA PRO C 246 -13.64 -28.26 -38.75
C PRO C 246 -13.16 -29.68 -39.05
N SER C 265 -23.53 -21.11 -40.04
CA SER C 265 -24.92 -20.78 -39.74
C SER C 265 -25.03 -20.07 -38.39
N TYR C 266 -23.97 -20.14 -37.58
CA TYR C 266 -23.95 -19.34 -36.36
C TYR C 266 -23.87 -17.86 -36.65
N LYS C 267 -23.48 -17.47 -37.87
CA LYS C 267 -23.42 -16.07 -38.23
C LYS C 267 -24.80 -15.45 -38.38
N ASN C 268 -25.86 -16.25 -38.42
CA ASN C 268 -27.22 -15.78 -38.50
C ASN C 268 -27.83 -15.54 -37.11
N LEU C 269 -27.03 -15.61 -36.05
CA LEU C 269 -27.54 -15.39 -34.72
C LEU C 269 -28.21 -14.02 -34.62
N THR C 270 -29.40 -13.98 -34.04
CA THR C 270 -30.15 -12.75 -33.83
C THR C 270 -30.47 -12.65 -32.35
N LEU C 271 -29.83 -11.71 -31.66
CA LEU C 271 -30.03 -11.56 -30.23
C LEU C 271 -31.30 -10.78 -29.94
N LYS C 272 -32.04 -11.22 -28.92
CA LYS C 272 -33.25 -10.54 -28.46
C LYS C 272 -32.85 -9.61 -27.32
N PHE C 273 -32.32 -8.45 -27.69
CA PHE C 273 -31.62 -7.60 -26.73
C PHE C 273 -32.52 -7.16 -25.59
N HIS C 274 -33.76 -6.80 -25.89
CA HIS C 274 -34.62 -6.19 -24.87
C HIS C 274 -35.00 -7.16 -23.76
N LYS C 275 -35.00 -8.48 -24.03
CA LYS C 275 -35.31 -9.47 -23.00
C LYS C 275 -34.18 -10.48 -22.83
N LEU C 276 -32.99 -10.17 -23.31
CA LEU C 276 -31.87 -11.10 -23.24
C LEU C 276 -31.38 -11.25 -21.82
N VAL C 277 -31.25 -12.49 -21.36
CA VAL C 277 -30.70 -12.77 -20.03
C VAL C 277 -29.20 -13.00 -20.10
N ASN C 278 -28.74 -13.91 -20.96
CA ASN C 278 -27.30 -13.99 -21.19
C ASN C 278 -27.00 -14.79 -22.45
N VAL C 279 -25.73 -14.80 -22.82
CA VAL C 279 -25.22 -15.60 -23.91
C VAL C 279 -24.02 -16.40 -23.41
N THR C 280 -23.98 -17.68 -23.75
CA THR C 280 -22.89 -18.54 -23.32
C THR C 280 -22.33 -19.32 -24.51
N ILE C 281 -21.02 -19.54 -24.48
CA ILE C 281 -20.34 -20.39 -25.43
C ILE C 281 -19.64 -21.48 -24.63
N HIS C 282 -19.94 -22.74 -24.96
CA HIS C 282 -19.37 -23.89 -24.28
C HIS C 282 -18.60 -24.75 -25.27
N PHE C 283 -17.37 -25.11 -24.92
CA PHE C 283 -16.65 -26.11 -25.71
C PHE C 283 -15.56 -26.75 -24.88
N ARG C 284 -15.11 -27.92 -25.30
CA ARG C 284 -14.06 -28.65 -24.59
C ARG C 284 -12.87 -28.88 -25.50
N LEU C 285 -11.68 -28.84 -24.92
CA LEU C 285 -10.42 -29.05 -25.63
C LEU C 285 -9.55 -30.04 -24.87
N LYS C 286 -8.87 -30.91 -25.61
CA LYS C 286 -7.97 -31.89 -25.02
C LYS C 286 -6.53 -31.52 -25.31
N THR C 287 -5.67 -31.66 -24.30
CA THR C 287 -4.25 -31.36 -24.47
C THR C 287 -3.46 -32.26 -23.52
N ILE C 288 -2.14 -32.27 -23.69
CA ILE C 288 -1.25 -33.13 -22.92
C ILE C 288 -0.24 -32.25 -22.19
N ASN C 289 -0.10 -32.48 -20.88
CA ASN C 289 0.80 -31.70 -20.03
C ASN C 289 2.21 -32.26 -20.14
N LEU C 290 2.92 -31.83 -21.20
CA LEU C 290 4.23 -32.40 -21.50
C LEU C 290 5.30 -31.96 -20.51
N GLN C 291 5.12 -30.83 -19.85
CA GLN C 291 6.16 -30.33 -18.95
C GLN C 291 6.47 -31.32 -17.83
N SER C 292 5.56 -32.25 -17.54
CA SER C 292 5.82 -33.27 -16.53
C SER C 292 7.08 -34.06 -16.83
N LEU C 293 7.50 -34.13 -18.09
CA LEU C 293 8.73 -34.86 -18.42
C LEU C 293 9.93 -34.30 -17.67
N ILE C 294 9.92 -33.01 -17.33
CA ILE C 294 11.06 -32.43 -16.64
C ILE C 294 11.16 -32.95 -15.21
N ASN C 295 10.09 -33.49 -14.66
CA ASN C 295 10.10 -34.09 -13.32
C ASN C 295 10.19 -35.61 -13.38
N ASN C 296 10.57 -36.16 -14.54
CA ASN C 296 10.65 -37.61 -14.74
C ASN C 296 9.30 -38.29 -14.45
N GLU C 297 8.22 -37.67 -14.93
CA GLU C 297 6.89 -38.22 -14.77
C GLU C 297 6.23 -38.35 -16.13
N ILE C 298 5.28 -39.27 -16.22
CA ILE C 298 4.54 -39.46 -17.46
C ILE C 298 3.49 -38.35 -17.59
N PRO C 299 3.43 -37.65 -18.72
CA PRO C 299 2.43 -36.59 -18.88
C PRO C 299 1.01 -37.12 -18.75
N ASP C 300 0.14 -36.30 -18.17
CA ASP C 300 -1.28 -36.60 -18.07
C ASP C 300 -2.04 -35.98 -19.24
N CYS C 301 -3.26 -36.47 -19.44
CA CYS C 301 -4.15 -35.96 -20.48
C CYS C 301 -5.20 -35.06 -19.84
N TYR C 302 -5.22 -33.79 -20.23
CA TYR C 302 -6.16 -32.81 -19.69
C TYR C 302 -7.30 -32.57 -20.66
N THR C 303 -8.50 -32.43 -20.11
CA THR C 303 -9.65 -31.91 -20.83
C THR C 303 -10.08 -30.61 -20.16
N PHE C 304 -10.04 -29.53 -20.91
CA PHE C 304 -10.49 -28.22 -20.45
C PHE C 304 -11.90 -27.97 -20.96
N SER C 305 -12.81 -27.74 -20.04
CA SER C 305 -14.16 -27.31 -20.37
C SER C 305 -14.21 -25.79 -20.25
N VAL C 306 -14.45 -25.12 -21.36
CA VAL C 306 -14.34 -23.67 -21.49
C VAL C 306 -15.73 -23.08 -21.61
N LEU C 307 -16.02 -22.11 -20.75
CA LEU C 307 -17.30 -21.40 -20.74
C LEU C 307 -17.03 -19.91 -20.88
N ILE C 308 -17.58 -19.30 -21.92
CA ILE C 308 -17.51 -17.86 -22.13
C ILE C 308 -18.90 -17.29 -21.89
N THR C 309 -19.00 -16.32 -21.00
CA THR C 309 -20.28 -15.74 -20.59
C THR C 309 -20.32 -14.26 -20.97
N PHE C 310 -21.40 -13.88 -21.66
CA PHE C 310 -21.77 -12.49 -21.90
C PHE C 310 -23.03 -12.26 -21.05
N ASP C 311 -22.86 -11.59 -19.93
CA ASP C 311 -23.87 -11.53 -18.88
C ASP C 311 -24.69 -10.25 -18.97
N ASN C 312 -25.99 -10.38 -19.15
CA ASN C 312 -26.90 -9.24 -19.25
C ASN C 312 -27.95 -9.26 -18.14
N LYS C 313 -27.65 -9.87 -17.00
CA LYS C 313 -28.66 -10.01 -15.95
C LYS C 313 -29.02 -8.67 -15.31
N ALA C 314 -28.14 -7.68 -15.37
CA ALA C 314 -28.44 -6.37 -14.82
C ALA C 314 -29.26 -5.50 -15.76
N HIS C 315 -29.32 -5.85 -17.05
CA HIS C 315 -30.05 -5.06 -18.05
C HIS C 315 -29.69 -3.57 -17.95
N SER C 316 -28.40 -3.28 -17.80
CA SER C 316 -27.94 -1.94 -17.48
C SER C 316 -27.25 -1.25 -18.67
N GLY C 317 -27.26 -1.87 -19.84
CA GLY C 317 -26.51 -1.34 -20.97
C GLY C 317 -25.05 -1.75 -21.00
N ARG C 318 -24.56 -2.43 -19.98
CA ARG C 318 -23.18 -2.90 -19.90
C ARG C 318 -23.21 -4.42 -19.72
N ILE C 319 -22.58 -5.14 -20.64
CA ILE C 319 -22.59 -6.60 -20.59
C ILE C 319 -21.18 -7.09 -20.30
N PRO C 320 -20.86 -7.50 -19.07
CA PRO C 320 -19.53 -8.06 -18.80
C PRO C 320 -19.31 -9.39 -19.51
N ILE C 321 -18.07 -9.61 -19.90
CA ILE C 321 -17.64 -10.79 -20.63
C ILE C 321 -16.57 -11.49 -19.81
N SER C 322 -16.73 -12.80 -19.61
CA SER C 322 -15.77 -13.57 -18.84
C SER C 322 -15.54 -14.92 -19.48
N LEU C 323 -14.38 -15.51 -19.17
CA LEU C 323 -14.02 -16.84 -19.60
C LEU C 323 -13.58 -17.65 -18.39
N GLU C 324 -14.12 -18.85 -18.24
CA GLU C 324 -13.75 -19.76 -17.15
C GLU C 324 -13.45 -21.13 -17.71
N THR C 325 -12.59 -21.87 -17.00
CA THR C 325 -12.21 -23.22 -17.40
C THR C 325 -12.34 -24.17 -16.22
N GLN C 326 -12.73 -25.40 -16.53
CA GLN C 326 -12.67 -26.52 -15.60
C GLN C 326 -11.74 -27.57 -16.19
N ALA C 327 -10.77 -28.02 -15.42
CA ALA C 327 -9.79 -28.99 -15.91
C ALA C 327 -10.09 -30.37 -15.33
N HIS C 328 -10.11 -31.38 -16.19
CA HIS C 328 -10.26 -32.76 -15.78
C HIS C 328 -9.05 -33.55 -16.25
N ILE C 329 -8.41 -34.25 -15.32
CA ILE C 329 -7.16 -34.96 -15.59
C ILE C 329 -7.46 -36.44 -15.73
N GLN C 330 -6.87 -37.07 -16.74
CA GLN C 330 -6.97 -38.50 -16.96
C GLN C 330 -5.58 -39.05 -17.29
N GLU C 331 -5.44 -40.35 -17.13
CA GLU C 331 -4.27 -41.05 -17.61
C GLU C 331 -4.41 -41.28 -19.11
N CYS C 332 -3.34 -41.02 -19.86
CA CYS C 332 -3.38 -41.21 -21.29
C CYS C 332 -3.36 -42.70 -21.64
N LYS C 333 -3.83 -43.02 -22.84
CA LYS C 333 -3.99 -44.40 -23.28
C LYS C 333 -2.67 -44.92 -23.84
N HIS C 334 -2.03 -45.84 -23.12
CA HIS C 334 -0.78 -46.47 -23.53
C HIS C 334 0.23 -45.44 -24.02
N PRO C 335 0.71 -44.57 -23.13
CA PRO C 335 1.74 -43.60 -23.55
C PRO C 335 3.08 -44.26 -23.77
N SER C 336 4.05 -43.50 -24.28
CA SER C 336 5.37 -44.05 -24.57
C SER C 336 6.41 -42.94 -24.38
N VAL C 337 7.26 -43.08 -23.36
CA VAL C 337 8.36 -42.17 -23.13
C VAL C 337 9.65 -42.97 -23.19
N PHE C 338 10.57 -42.55 -24.05
CA PHE C 338 11.77 -43.32 -24.33
C PHE C 338 12.72 -43.30 -23.15
N GLN C 339 13.12 -44.48 -22.69
CA GLN C 339 14.09 -44.64 -21.61
C GLN C 339 13.70 -43.80 -20.39
N HIS C 340 12.42 -43.85 -20.05
CA HIS C 340 11.93 -43.13 -18.89
C HIS C 340 12.59 -43.63 -17.62
N PHE C 345 14.46 -42.49 -5.19
CA PHE C 345 13.20 -43.00 -5.69
C PHE C 345 12.05 -42.50 -4.84
N ARG C 346 11.03 -41.94 -5.49
CA ARG C 346 9.92 -41.34 -4.75
C ARG C 346 9.17 -42.37 -3.93
N LEU C 347 8.92 -43.54 -4.50
CA LEU C 347 8.16 -44.56 -3.77
C LEU C 347 8.90 -45.01 -2.52
N LEU C 348 10.21 -45.23 -2.62
CA LEU C 348 10.97 -45.65 -1.45
C LEU C 348 10.96 -44.57 -0.37
N PHE C 349 11.11 -43.31 -0.75
CA PHE C 349 11.07 -42.23 0.23
C PHE C 349 9.70 -42.14 0.89
N ASP C 350 8.63 -42.32 0.11
CA ASP C 350 7.29 -42.31 0.70
C ASP C 350 7.15 -43.45 1.71
N VAL C 351 7.66 -44.64 1.37
CA VAL C 351 7.60 -45.77 2.30
C VAL C 351 8.40 -45.45 3.55
N VAL C 352 9.55 -44.79 3.40
CA VAL C 352 10.36 -44.44 4.57
C VAL C 352 9.59 -43.48 5.47
N VAL C 353 8.93 -42.48 4.88
CA VAL C 353 8.12 -41.56 5.68
C VAL C 353 7.02 -42.33 6.40
N ILE C 354 6.37 -43.26 5.70
CA ILE C 354 5.29 -44.01 6.32
C ILE C 354 5.81 -44.83 7.50
N LEU C 355 6.97 -45.47 7.33
CA LEU C 355 7.54 -46.26 8.43
C LEU C 355 7.91 -45.39 9.62
N THR C 356 8.54 -44.24 9.36
CA THR C 356 8.91 -43.36 10.46
C THR C 356 7.68 -42.88 11.22
N CYS C 357 6.64 -42.48 10.49
CA CYS C 357 5.43 -42.01 11.14
C CYS C 357 4.72 -43.13 11.88
N SER C 358 4.73 -44.35 11.33
CA SER C 358 4.11 -45.48 12.01
C SER C 358 4.83 -45.81 13.30
N LEU C 359 6.16 -45.80 13.29
CA LEU C 359 6.91 -46.06 14.51
C LEU C 359 6.64 -44.99 15.56
N SER C 360 6.61 -43.72 15.13
CA SER C 360 6.28 -42.65 16.07
C SER C 360 4.88 -42.83 16.64
N PHE C 361 3.92 -43.21 15.79
CA PHE C 361 2.56 -43.42 16.25
C PHE C 361 2.50 -44.54 17.29
N LEU C 362 3.20 -45.64 17.04
CA LEU C 362 3.18 -46.75 17.99
C LEU C 362 3.79 -46.36 19.32
N LEU C 363 4.93 -45.65 19.29
CA LEU C 363 5.55 -45.21 20.54
C LEU C 363 4.64 -44.25 21.29
N CYS C 364 3.98 -43.32 20.59
CA CYS C 364 3.09 -42.39 21.25
C CYS C 364 1.87 -43.10 21.84
N ALA C 365 1.33 -44.09 21.13
CA ALA C 365 0.21 -44.85 21.66
C ALA C 365 0.63 -45.62 22.90
N ARG C 366 1.83 -46.19 22.90
CA ARG C 366 2.34 -46.87 24.09
C ARG C 366 2.44 -45.90 25.27
N SER C 367 2.99 -44.71 25.02
CA SER C 367 3.12 -43.73 26.10
C SER C 367 1.75 -43.31 26.62
N LEU C 368 0.78 -43.11 25.72
CA LEU C 368 -0.55 -42.70 26.17
C LEU C 368 -1.22 -43.80 26.99
N LEU C 369 -1.05 -45.05 26.58
CA LEU C 369 -1.60 -46.15 27.38
C LEU C 369 -0.95 -46.21 28.76
N ARG C 370 0.37 -46.03 28.81
CA ARG C 370 1.06 -46.01 30.10
C ARG C 370 0.52 -44.90 30.99
N GLY C 371 0.33 -43.71 30.42
CA GLY C 371 -0.22 -42.62 31.20
C GLY C 371 -1.63 -42.91 31.69
N PHE C 372 -2.46 -43.53 30.84
CA PHE C 372 -3.80 -43.89 31.26
C PHE C 372 -3.78 -44.88 32.42
N LEU C 373 -2.90 -45.88 32.35
CA LEU C 373 -2.80 -46.85 33.44
C LEU C 373 -2.33 -46.18 34.73
N LEU C 374 -1.34 -45.30 34.63
CA LEU C 374 -0.88 -44.59 35.83
C LEU C 374 -1.98 -43.73 36.42
N GLN C 375 -2.76 -43.06 35.56
CA GLN C 375 -3.91 -42.32 36.05
C GLN C 375 -4.83 -43.26 36.83
N ASN C 376 -5.40 -44.25 36.15
CA ASN C 376 -6.29 -45.20 36.81
C ASN C 376 -5.76 -45.63 38.17
N GLU C 377 -4.47 -45.98 38.23
CA GLU C 377 -3.88 -46.42 39.49
C GLU C 377 -3.96 -45.31 40.54
N PHE C 378 -3.52 -44.11 40.19
CA PHE C 378 -3.46 -43.02 41.16
C PHE C 378 -4.86 -42.63 41.63
N VAL C 379 -5.82 -42.57 40.71
CA VAL C 379 -7.18 -42.19 41.10
C VAL C 379 -7.80 -43.26 41.99
N GLY C 380 -7.60 -44.53 41.67
CA GLY C 380 -8.10 -45.59 42.54
C GLY C 380 -7.49 -45.52 43.92
N PHE C 381 -6.18 -45.25 44.00
CA PHE C 381 -5.53 -45.11 45.30
C PHE C 381 -6.07 -43.91 46.06
N MET C 382 -6.30 -42.79 45.36
CA MET C 382 -6.79 -41.59 46.02
C MET C 382 -8.20 -41.78 46.55
N TRP C 383 -9.01 -42.61 45.89
CA TRP C 383 -10.35 -42.86 46.41
C TRP C 383 -10.31 -43.70 47.68
N ARG C 384 -9.31 -44.58 47.81
CA ARG C 384 -9.19 -45.46 48.97
C ARG C 384 -8.23 -44.92 50.01
N GLN C 385 -8.16 -43.60 50.17
CA GLN C 385 -7.22 -42.99 51.10
C GLN C 385 -7.62 -41.55 51.40
N LEU C 392 -12.22 -34.40 37.72
CA LEU C 392 -11.89 -34.71 36.34
C LEU C 392 -10.75 -33.85 35.84
N TRP C 393 -10.72 -32.59 36.28
CA TRP C 393 -9.65 -31.70 35.85
C TRP C 393 -8.29 -32.21 36.30
N GLU C 394 -8.22 -32.85 37.47
CA GLU C 394 -6.98 -33.49 37.90
C GLU C 394 -6.71 -34.76 37.11
N ARG C 395 -7.75 -35.38 36.55
CA ARG C 395 -7.53 -36.57 35.73
C ARG C 395 -6.86 -36.23 34.41
N LEU C 396 -7.17 -35.06 33.84
CA LEU C 396 -6.51 -34.64 32.61
C LEU C 396 -5.15 -34.02 32.92
N GLU C 397 -4.34 -34.73 33.68
CA GLU C 397 -2.96 -34.36 33.96
C GLU C 397 -1.96 -35.42 33.54
N PHE C 398 -2.37 -36.69 33.55
CA PHE C 398 -1.56 -37.75 32.96
C PHE C 398 -1.67 -37.79 31.45
N VAL C 399 -2.60 -37.04 30.86
CA VAL C 399 -2.76 -36.98 29.41
C VAL C 399 -1.72 -36.02 28.85
N ASN C 400 -0.82 -36.54 28.01
CA ASN C 400 0.21 -35.72 27.38
C ASN C 400 -0.35 -35.19 26.07
N GLY C 401 -0.76 -33.92 26.07
CA GLY C 401 -1.33 -33.34 24.88
C GLY C 401 -0.35 -33.30 23.72
N TRP C 402 0.94 -33.24 24.01
CA TRP C 402 1.94 -33.28 22.96
C TRP C 402 1.86 -34.58 22.19
N TYR C 403 1.59 -35.69 22.87
CA TYR C 403 1.49 -36.97 22.18
C TYR C 403 0.20 -37.11 21.39
N ILE C 404 -0.87 -36.47 21.85
CA ILE C 404 -2.07 -36.39 21.03
C ILE C 404 -1.78 -35.62 19.75
N LEU C 405 -1.06 -34.51 19.86
CA LEU C 405 -0.64 -33.77 18.67
C LEU C 405 0.22 -34.64 17.76
N LEU C 406 1.14 -35.40 18.35
CA LEU C 406 2.03 -36.23 17.56
C LEU C 406 1.27 -37.32 16.80
N VAL C 407 0.32 -37.98 17.47
CA VAL C 407 -0.44 -39.03 16.78
C VAL C 407 -1.32 -38.42 15.69
N THR C 408 -1.90 -37.24 15.95
CA THR C 408 -2.66 -36.57 14.91
C THR C 408 -1.79 -36.26 13.70
N SER C 409 -0.59 -35.75 13.96
CA SER C 409 0.34 -35.44 12.86
C SER C 409 0.72 -36.70 12.10
N ASP C 410 0.96 -37.80 12.81
CA ASP C 410 1.31 -39.06 12.14
C ASP C 410 0.17 -39.55 11.26
N VAL C 411 -1.06 -39.47 11.76
CA VAL C 411 -2.21 -39.89 10.95
C VAL C 411 -2.33 -39.03 9.70
N LEU C 412 -2.19 -37.71 9.87
CA LEU C 412 -2.28 -36.81 8.72
C LEU C 412 -1.17 -37.11 7.71
N THR C 413 0.05 -37.33 8.20
CA THR C 413 1.17 -37.60 7.31
C THR C 413 0.96 -38.88 6.53
N ILE C 414 0.48 -39.93 7.21
CA ILE C 414 0.27 -41.20 6.53
C ILE C 414 -0.82 -41.07 5.47
N SER C 415 -1.93 -40.38 5.82
CA SER C 415 -2.99 -40.20 4.83
C SER C 415 -2.48 -39.40 3.63
N GLY C 416 -1.73 -38.33 3.88
CA GLY C 416 -1.21 -37.54 2.78
C GLY C 416 -0.23 -38.31 1.92
N THR C 417 0.59 -39.15 2.54
CA THR C 417 1.55 -39.96 1.79
C THR C 417 0.83 -40.99 0.93
N ILE C 418 -0.22 -41.62 1.47
CA ILE C 418 -0.99 -42.56 0.66
C ILE C 418 -1.62 -41.85 -0.52
N MET C 419 -2.19 -40.67 -0.29
CA MET C 419 -2.80 -39.92 -1.38
C MET C 419 -1.74 -39.51 -2.41
N LYS C 420 -0.55 -39.13 -1.96
CA LYS C 420 0.53 -38.78 -2.87
C LYS C 420 0.93 -39.97 -3.73
N ILE C 421 1.03 -41.16 -3.12
CA ILE C 421 1.34 -42.36 -3.89
C ILE C 421 0.25 -42.63 -4.92
N GLY C 422 -1.01 -42.48 -4.50
CA GLY C 422 -2.11 -42.69 -5.44
C GLY C 422 -2.07 -41.74 -6.61
N ILE C 423 -1.74 -40.46 -6.35
CA ILE C 423 -1.64 -39.49 -7.43
C ILE C 423 -0.48 -39.84 -8.35
N GLU C 424 0.66 -40.27 -7.77
CA GLU C 424 1.79 -40.67 -8.60
C GLU C 424 1.44 -41.86 -9.48
N ALA C 425 0.72 -42.83 -8.93
CA ALA C 425 0.26 -43.98 -9.71
C ALA C 425 -0.87 -43.62 -10.67
N LYS C 426 -1.37 -42.38 -10.61
CA LYS C 426 -2.41 -41.87 -11.48
C LYS C 426 -3.78 -42.50 -11.18
N ASN C 427 -3.96 -43.01 -9.96
CA ASN C 427 -5.28 -43.42 -9.50
C ASN C 427 -6.10 -42.25 -8.97
N LEU C 428 -5.44 -41.19 -8.52
CA LEU C 428 -6.11 -40.03 -7.96
C LEU C 428 -5.57 -38.77 -8.63
N ALA C 429 -6.32 -37.68 -8.48
CA ALA C 429 -5.88 -36.40 -9.04
C ALA C 429 -6.17 -35.22 -8.11
N SER C 430 -6.33 -35.47 -6.80
CA SER C 430 -6.72 -34.43 -5.86
C SER C 430 -5.46 -33.79 -5.27
N TYR C 431 -4.85 -32.92 -6.06
CA TYR C 431 -3.61 -32.27 -5.64
C TYR C 431 -3.84 -31.36 -4.44
N ASP C 432 -4.95 -30.64 -4.43
CA ASP C 432 -5.20 -29.66 -3.37
C ASP C 432 -5.35 -30.33 -2.01
N VAL C 433 -6.14 -31.40 -1.94
CA VAL C 433 -6.34 -32.11 -0.68
C VAL C 433 -5.01 -32.68 -0.17
N CYS C 434 -4.26 -33.32 -1.06
CA CYS C 434 -2.96 -33.87 -0.68
C CYS C 434 -2.03 -32.78 -0.17
N SER C 435 -1.99 -31.64 -0.87
CA SER C 435 -1.11 -30.55 -0.46
C SER C 435 -1.51 -30.03 0.91
N ILE C 436 -2.81 -29.90 1.17
CA ILE C 436 -3.25 -29.42 2.47
C ILE C 436 -2.86 -30.41 3.57
N LEU C 437 -3.08 -31.70 3.33
CA LEU C 437 -2.72 -32.70 4.33
C LEU C 437 -1.23 -32.67 4.63
N LEU C 438 -0.40 -32.66 3.59
CA LEU C 438 1.04 -32.71 3.80
C LEU C 438 1.56 -31.42 4.43
N GLY C 439 1.03 -30.27 4.01
CA GLY C 439 1.46 -29.01 4.60
C GLY C 439 1.10 -28.89 6.07
N THR C 440 -0.14 -29.26 6.42
CA THR C 440 -0.53 -29.24 7.81
C THR C 440 0.31 -30.20 8.64
N SER C 441 0.57 -31.40 8.10
CA SER C 441 1.40 -32.35 8.83
C SER C 441 2.81 -31.82 9.02
N THR C 442 3.36 -31.14 8.02
CA THR C 442 4.69 -30.55 8.15
C THR C 442 4.71 -29.48 9.25
N LEU C 443 3.69 -28.62 9.26
CA LEU C 443 3.63 -27.60 10.30
C LEU C 443 3.54 -28.24 11.68
N LEU C 444 2.70 -29.26 11.83
CA LEU C 444 2.54 -29.89 13.15
C LEU C 444 3.81 -30.62 13.56
N VAL C 445 4.51 -31.25 12.61
CA VAL C 445 5.76 -31.93 12.93
C VAL C 445 6.80 -30.93 13.42
N TRP C 446 6.88 -29.77 12.77
CA TRP C 446 7.81 -28.74 13.23
C TRP C 446 7.42 -28.26 14.62
N VAL C 447 6.12 -28.05 14.87
CA VAL C 447 5.68 -27.53 16.16
C VAL C 447 5.93 -28.54 17.26
N GLY C 448 5.75 -29.83 16.97
CA GLY C 448 5.77 -30.84 18.02
C GLY C 448 7.10 -30.99 18.72
N VAL C 449 8.18 -30.50 18.13
CA VAL C 449 9.48 -30.58 18.77
C VAL C 449 9.59 -29.65 19.98
N ILE C 450 8.67 -28.71 20.14
CA ILE C 450 8.69 -27.81 21.28
C ILE C 450 8.45 -28.56 22.57
N ARG C 451 7.87 -29.76 22.51
CA ARG C 451 7.65 -30.54 23.72
C ARG C 451 8.93 -30.69 24.53
N TYR C 452 10.06 -30.87 23.84
CA TYR C 452 11.31 -31.13 24.53
C TYR C 452 11.96 -29.87 25.09
N LEU C 453 11.42 -28.69 24.75
CA LEU C 453 11.83 -27.45 25.37
C LEU C 453 11.00 -27.09 26.59
N THR C 454 9.93 -27.84 26.87
CA THR C 454 9.05 -27.50 27.97
C THR C 454 9.64 -27.82 29.33
N PHE C 455 10.63 -28.72 29.38
CA PHE C 455 11.21 -29.11 30.67
C PHE C 455 12.06 -27.99 31.26
N PHE C 456 12.70 -27.19 30.42
CA PHE C 456 13.57 -26.11 30.86
C PHE C 456 12.79 -24.81 30.87
N HIS C 457 12.67 -24.20 32.04
CA HIS C 457 11.83 -23.02 32.18
C HIS C 457 12.33 -21.88 31.31
N ASN C 458 13.65 -21.72 31.21
CA ASN C 458 14.22 -20.64 30.43
C ASN C 458 13.81 -20.71 28.97
N TYR C 459 13.40 -21.88 28.49
CA TYR C 459 12.98 -22.05 27.11
C TYR C 459 11.49 -22.23 26.95
N ASN C 460 10.71 -22.14 28.03
CA ASN C 460 9.28 -22.46 28.01
C ASN C 460 8.40 -21.24 28.24
N ILE C 461 8.92 -20.04 27.99
CA ILE C 461 8.16 -18.83 28.31
C ILE C 461 6.86 -18.79 27.51
N LEU C 462 6.93 -19.10 26.21
CA LEU C 462 5.76 -18.98 25.35
C LEU C 462 4.64 -19.92 25.79
N ILE C 463 4.96 -21.19 25.99
CA ILE C 463 3.93 -22.18 26.30
C ILE C 463 3.37 -21.95 27.70
N ALA C 464 4.23 -21.62 28.66
CA ALA C 464 3.75 -21.33 30.00
C ALA C 464 2.81 -20.13 30.00
N THR C 465 3.20 -19.06 29.30
CA THR C 465 2.35 -17.89 29.21
C THR C 465 1.03 -18.22 28.54
N LEU C 466 1.06 -18.99 27.45
CA LEU C 466 -0.17 -19.33 26.75
C LEU C 466 -1.10 -20.12 27.66
N ARG C 467 -0.54 -21.09 28.39
CA ARG C 467 -1.36 -21.90 29.29
C ARG C 467 -2.00 -21.04 30.36
N VAL C 468 -1.27 -20.05 30.87
CA VAL C 468 -1.86 -19.20 31.91
C VAL C 468 -2.90 -18.25 31.32
N ALA C 469 -2.68 -17.76 30.10
CA ALA C 469 -3.48 -16.67 29.56
C ALA C 469 -4.73 -17.11 28.82
N LEU C 470 -4.74 -18.30 28.21
CA LEU C 470 -5.83 -18.66 27.32
C LEU C 470 -7.22 -18.53 27.94
N PRO C 471 -7.47 -18.98 29.17
CA PRO C 471 -8.85 -18.87 29.72
C PRO C 471 -9.37 -17.45 29.77
N SER C 472 -8.58 -16.53 30.32
CA SER C 472 -9.03 -15.14 30.39
C SER C 472 -9.19 -14.55 29.00
N VAL C 473 -8.32 -14.92 28.07
CA VAL C 473 -8.42 -14.43 26.70
C VAL C 473 -9.72 -14.89 26.05
N MET C 474 -10.08 -16.15 26.26
CA MET C 474 -11.33 -16.65 25.70
C MET C 474 -12.53 -15.94 26.32
N ARG C 475 -12.49 -15.70 27.64
CA ARG C 475 -13.59 -14.97 28.26
C ARG C 475 -13.71 -13.55 27.71
N PHE C 476 -12.57 -12.90 27.47
CA PHE C 476 -12.58 -11.56 26.88
C PHE C 476 -13.12 -11.58 25.46
N CYS C 477 -12.73 -12.58 24.67
CA CYS C 477 -13.20 -12.69 23.30
C CYS C 477 -14.69 -12.93 23.26
N CYS C 478 -15.26 -13.57 24.28
CA CYS C 478 -16.71 -13.76 24.32
C CYS C 478 -17.43 -12.42 24.17
N CYS C 479 -16.98 -11.41 24.90
CA CYS C 479 -17.60 -10.09 24.82
C CYS C 479 -17.19 -9.33 23.57
N VAL C 480 -15.93 -9.48 23.14
CA VAL C 480 -15.49 -8.72 21.97
C VAL C 480 -16.18 -9.20 20.70
N ALA C 481 -16.53 -10.49 20.63
CA ALA C 481 -17.01 -11.08 19.37
C ALA C 481 -18.35 -10.50 18.95
N VAL C 482 -19.25 -10.22 19.90
CA VAL C 482 -20.55 -9.69 19.52
C VAL C 482 -20.40 -8.30 18.90
N ILE C 483 -19.53 -7.47 19.47
CA ILE C 483 -19.26 -6.16 18.87
C ILE C 483 -18.67 -6.32 17.47
N TYR C 484 -17.71 -7.22 17.34
CA TYR C 484 -17.08 -7.43 16.03
C TYR C 484 -18.09 -7.88 15.00
N LEU C 485 -18.98 -8.81 15.37
CA LEU C 485 -19.96 -9.33 14.43
C LEU C 485 -21.00 -8.27 14.07
N GLY C 486 -21.41 -7.46 15.05
CA GLY C 486 -22.31 -6.37 14.74
C GLY C 486 -21.71 -5.42 13.72
N TYR C 487 -20.45 -5.04 13.92
CA TYR C 487 -19.78 -4.18 12.95
C TYR C 487 -19.67 -4.85 11.59
N CYS C 488 -19.35 -6.15 11.57
CA CYS C 488 -19.24 -6.88 10.31
C CYS C 488 -20.54 -6.82 9.53
N PHE C 489 -21.67 -7.14 10.17
CA PHE C 489 -22.94 -7.16 9.47
C PHE C 489 -23.34 -5.77 9.00
N CYS C 490 -23.20 -4.78 9.89
CA CYS C 490 -23.55 -3.41 9.50
C CYS C 490 -22.75 -2.95 8.30
N GLY C 491 -21.42 -3.11 8.36
CA GLY C 491 -20.59 -2.71 7.24
C GLY C 491 -20.93 -3.45 5.96
N TRP C 492 -21.10 -4.77 6.06
CA TRP C 492 -21.36 -5.57 4.88
C TRP C 492 -22.62 -5.10 4.16
N ILE C 493 -23.68 -4.82 4.89
CA ILE C 493 -24.93 -4.49 4.23
C ILE C 493 -25.01 -3.02 3.86
N VAL C 494 -24.56 -2.10 4.72
CA VAL C 494 -24.72 -0.68 4.44
C VAL C 494 -23.68 -0.20 3.44
N LEU C 495 -22.41 -0.56 3.65
CA LEU C 495 -21.33 -0.02 2.83
C LEU C 495 -20.96 -0.90 1.65
N GLY C 496 -21.36 -2.18 1.65
CA GLY C 496 -20.96 -3.10 0.61
C GLY C 496 -21.27 -2.67 -0.80
N PRO C 497 -22.46 -2.12 -1.07
CA PRO C 497 -22.74 -1.63 -2.43
C PRO C 497 -21.84 -0.49 -2.88
N TYR C 498 -21.24 0.26 -1.96
CA TYR C 498 -20.44 1.44 -2.31
C TYR C 498 -18.95 1.25 -2.16
N HIS C 499 -18.50 0.25 -1.41
CA HIS C 499 -17.10 0.10 -1.04
C HIS C 499 -16.57 -1.24 -1.53
N VAL C 500 -15.48 -1.20 -2.30
CA VAL C 500 -14.93 -2.41 -2.90
C VAL C 500 -14.49 -3.41 -1.84
N LYS C 501 -14.10 -2.94 -0.66
CA LYS C 501 -13.61 -3.81 0.40
C LYS C 501 -14.70 -4.39 1.27
N PHE C 502 -15.97 -4.07 1.01
CA PHE C 502 -17.08 -4.54 1.82
C PHE C 502 -18.07 -5.38 1.01
N ARG C 503 -17.62 -6.00 -0.08
CA ARG C 503 -18.55 -6.65 -1.00
C ARG C 503 -19.18 -7.89 -0.39
N SER C 504 -18.41 -8.68 0.35
CA SER C 504 -18.89 -9.92 0.95
C SER C 504 -18.53 -9.94 2.42
N LEU C 505 -19.14 -10.86 3.17
CA LEU C 505 -18.92 -10.91 4.61
C LEU C 505 -17.48 -11.26 4.95
N SER C 506 -16.90 -12.25 4.27
CA SER C 506 -15.51 -12.61 4.54
C SER C 506 -14.57 -11.46 4.17
N MET C 507 -14.88 -10.75 3.08
CA MET C 507 -14.09 -9.56 2.73
C MET C 507 -14.21 -8.49 3.81
N VAL C 508 -15.40 -8.29 4.36
CA VAL C 508 -15.56 -7.32 5.43
C VAL C 508 -14.74 -7.71 6.65
N SER C 509 -14.76 -8.99 7.00
CA SER C 509 -13.96 -9.43 8.15
C SER C 509 -12.48 -9.22 7.91
N GLU C 510 -12.01 -9.51 6.69
CA GLU C 510 -10.61 -9.26 6.37
C GLU C 510 -10.28 -7.77 6.49
N CYS C 511 -11.15 -6.90 5.98
CA CYS C 511 -10.89 -5.47 6.05
C CYS C 511 -10.85 -4.98 7.49
N LEU C 512 -11.80 -5.41 8.32
CA LEU C 512 -11.83 -4.97 9.71
C LEU C 512 -10.63 -5.49 10.49
N PHE C 513 -10.28 -6.77 10.28
CA PHE C 513 -9.11 -7.34 10.93
C PHE C 513 -7.84 -6.58 10.54
N SER C 514 -7.69 -6.24 9.26
CA SER C 514 -6.53 -5.47 8.84
C SER C 514 -6.54 -4.07 9.46
N LEU C 515 -7.71 -3.45 9.56
CA LEU C 515 -7.78 -2.14 10.19
C LEU C 515 -7.34 -2.19 11.65
N ILE C 516 -7.76 -3.24 12.37
CA ILE C 516 -7.33 -3.37 13.76
C ILE C 516 -5.82 -3.40 13.87
N ASN C 517 -5.16 -4.00 12.88
CA ASN C 517 -3.71 -4.08 12.86
C ASN C 517 -3.05 -2.89 12.19
N GLY C 518 -3.82 -1.83 11.90
CA GLY C 518 -3.27 -0.61 11.36
C GLY C 518 -2.90 -0.66 9.89
N ASP C 519 -3.52 -1.55 9.12
CA ASP C 519 -3.14 -1.76 7.73
C ASP C 519 -4.25 -1.29 6.79
N ASP C 520 -3.84 -0.60 5.72
CA ASP C 520 -4.73 -0.26 4.61
C ASP C 520 -5.83 0.70 5.06
N MET C 521 -5.47 1.62 5.95
CA MET C 521 -6.46 2.50 6.56
C MET C 521 -6.85 3.66 5.64
N PHE C 522 -5.85 4.39 5.12
CA PHE C 522 -6.17 5.57 4.33
C PHE C 522 -6.93 5.22 3.06
N VAL C 523 -6.56 4.12 2.40
N VAL C 523 -6.56 4.12 2.39
CA VAL C 523 -7.26 3.70 1.19
CA VAL C 523 -7.28 3.72 1.19
C VAL C 523 -8.71 3.32 1.52
C VAL C 523 -8.71 3.34 1.52
N THR C 524 -8.93 2.73 2.69
CA THR C 524 -10.29 2.45 3.13
C THR C 524 -11.08 3.76 3.27
N PHE C 525 -10.48 4.79 3.86
CA PHE C 525 -11.17 6.07 3.94
C PHE C 525 -11.39 6.67 2.55
N ALA C 526 -10.40 6.55 1.67
CA ALA C 526 -10.42 7.23 0.39
C ALA C 526 -11.42 6.61 -0.58
N ALA C 527 -11.68 5.31 -0.44
CA ALA C 527 -12.68 4.68 -1.29
C ALA C 527 -14.04 5.33 -1.14
N MET C 528 -14.32 5.94 0.00
CA MET C 528 -15.61 6.59 0.24
C MET C 528 -15.63 8.05 -0.15
N GLN C 529 -14.48 8.66 -0.46
CA GLN C 529 -14.48 10.07 -0.80
C GLN C 529 -15.19 10.36 -2.12
N ALA C 530 -15.35 9.35 -2.98
CA ALA C 530 -16.09 9.57 -4.22
C ALA C 530 -17.58 9.77 -3.96
N GLN C 531 -18.12 9.12 -2.94
CA GLN C 531 -19.55 9.24 -2.63
C GLN C 531 -19.90 10.52 -1.90
N GLN C 532 -18.92 11.32 -1.50
CA GLN C 532 -19.24 12.53 -0.74
C GLN C 532 -20.15 13.46 -1.52
N GLY C 533 -19.98 13.53 -2.84
CA GLY C 533 -20.86 14.34 -3.66
C GLY C 533 -22.16 13.63 -3.97
N ARG C 534 -22.08 12.34 -4.33
CA ARG C 534 -23.27 11.61 -4.75
C ARG C 534 -24.17 11.30 -3.56
N SER C 535 -23.67 10.53 -2.60
CA SER C 535 -24.45 10.06 -1.46
C SER C 535 -23.81 10.62 -0.19
N SER C 536 -24.21 11.84 0.18
CA SER C 536 -23.58 12.51 1.32
C SER C 536 -23.90 11.80 2.63
N LEU C 537 -25.13 11.33 2.79
CA LEU C 537 -25.51 10.66 4.02
C LEU C 537 -24.71 9.37 4.23
N VAL C 538 -24.52 8.61 3.15
CA VAL C 538 -23.72 7.39 3.24
C VAL C 538 -22.28 7.74 3.60
N TRP C 539 -21.75 8.83 3.03
CA TRP C 539 -20.39 9.23 3.35
C TRP C 539 -20.24 9.59 4.82
N LEU C 540 -21.20 10.35 5.36
CA LEU C 540 -21.15 10.69 6.77
C LEU C 540 -21.24 9.46 7.66
N PHE C 541 -22.14 8.54 7.32
CA PHE C 541 -22.24 7.30 8.08
C PHE C 541 -20.93 6.54 8.03
N SER C 542 -20.28 6.49 6.85
CA SER C 542 -19.02 5.77 6.73
C SER C 542 -17.93 6.41 7.60
N GLN C 543 -17.91 7.74 7.65
CA GLN C 543 -16.98 8.43 8.54
C GLN C 543 -17.19 7.97 9.98
N LEU C 544 -18.43 8.05 10.46
CA LEU C 544 -18.70 7.66 11.84
C LEU C 544 -18.33 6.20 12.08
N TYR C 545 -18.72 5.32 11.14
CA TYR C 545 -18.48 3.90 11.27
C TYR C 545 -16.99 3.60 11.39
N LEU C 546 -16.19 4.10 10.43
CA LEU C 546 -14.77 3.78 10.42
C LEU C 546 -14.05 4.39 11.62
N TYR C 547 -14.30 5.66 11.93
CA TYR C 547 -13.60 6.29 13.04
C TYR C 547 -13.92 5.57 14.35
N SER C 548 -15.20 5.30 14.60
CA SER C 548 -15.57 4.64 15.84
C SER C 548 -14.98 3.24 15.92
N PHE C 549 -15.06 2.46 14.84
CA PHE C 549 -14.51 1.12 14.89
C PHE C 549 -13.01 1.15 15.18
N ILE C 550 -12.27 1.98 14.46
CA ILE C 550 -10.82 2.01 14.61
C ILE C 550 -10.46 2.42 16.03
N SER C 551 -11.07 3.50 16.52
CA SER C 551 -10.75 3.97 17.86
C SER C 551 -11.03 2.89 18.89
N LEU C 552 -12.25 2.36 18.89
CA LEU C 552 -12.65 1.39 19.91
C LEU C 552 -11.74 0.16 19.88
N PHE C 553 -11.48 -0.39 18.69
CA PHE C 553 -10.79 -1.67 18.65
C PHE C 553 -9.28 -1.53 18.79
N ILE C 554 -8.66 -0.55 18.14
CA ILE C 554 -7.22 -0.42 18.26
C ILE C 554 -6.84 0.06 19.66
N TYR C 555 -7.54 1.05 20.19
CA TYR C 555 -7.03 1.69 21.40
C TYR C 555 -7.58 1.09 22.68
N MET C 556 -8.71 0.39 22.63
CA MET C 556 -9.34 -0.15 23.83
C MET C 556 -9.34 -1.67 23.85
N VAL C 557 -9.88 -2.31 22.81
CA VAL C 557 -9.99 -3.77 22.80
C VAL C 557 -8.61 -4.41 22.71
N LEU C 558 -7.82 -4.02 21.71
CA LEU C 558 -6.52 -4.62 21.52
C LEU C 558 -5.58 -4.33 22.68
N SER C 559 -5.70 -3.14 23.28
CA SER C 559 -4.89 -2.82 24.44
C SER C 559 -5.10 -3.83 25.55
N LEU C 560 -6.36 -4.12 25.89
CA LEU C 560 -6.65 -5.05 26.97
C LEU C 560 -6.34 -6.49 26.56
N PHE C 561 -6.52 -6.82 25.29
CA PHE C 561 -6.13 -8.14 24.81
C PHE C 561 -4.64 -8.38 25.05
N ILE C 562 -3.81 -7.40 24.72
CA ILE C 562 -2.37 -7.53 24.96
C ILE C 562 -2.07 -7.51 26.44
N ALA C 563 -2.81 -6.69 27.20
CA ALA C 563 -2.54 -6.58 28.63
C ALA C 563 -2.79 -7.90 29.36
N LEU C 564 -3.80 -8.66 28.93
CA LEU C 564 -4.04 -9.97 29.52
C LEU C 564 -2.83 -10.89 29.33
N ILE C 565 -2.28 -10.91 28.11
CA ILE C 565 -1.14 -11.78 27.82
C ILE C 565 0.09 -11.35 28.61
N THR C 566 0.36 -10.04 28.66
CA THR C 566 1.54 -9.59 29.39
C THR C 566 1.37 -9.79 30.89
N GLY C 567 0.14 -9.69 31.41
CA GLY C 567 -0.09 -10.00 32.81
C GLY C 567 0.12 -11.48 33.12
N ALA C 568 -0.32 -12.35 32.22
CA ALA C 568 -0.04 -13.77 32.38
C ALA C 568 1.46 -14.02 32.40
N TYR C 569 2.20 -13.36 31.51
CA TYR C 569 3.65 -13.50 31.50
C TYR C 569 4.26 -13.01 32.81
N ASP C 570 3.78 -11.87 33.31
CA ASP C 570 4.25 -11.38 34.60
C ASP C 570 4.00 -12.40 35.70
N THR C 571 2.87 -13.10 35.62
CA THR C 571 2.58 -14.15 36.60
C THR C 571 3.59 -15.28 36.50
N ILE C 572 3.80 -15.83 35.30
CA ILE C 572 4.75 -16.93 35.15
C ILE C 572 6.20 -16.48 35.18
N LYS C 573 6.45 -15.20 35.02
CA LYS C 573 7.81 -14.65 35.06
C LYS C 573 8.50 -15.04 36.36
N LEU D 89 6.81 39.92 49.54
CA LEU D 89 7.59 39.29 48.49
C LEU D 89 7.08 37.89 48.21
N ARG D 90 6.99 37.07 49.26
CA ARG D 90 6.48 35.71 49.09
C ARG D 90 5.04 35.73 48.57
N ARG D 91 4.21 36.61 49.13
CA ARG D 91 2.85 36.75 48.63
C ARG D 91 2.84 37.21 47.17
N ARG D 92 3.72 38.15 46.82
CA ARG D 92 3.76 38.64 45.46
C ARG D 92 4.16 37.54 44.49
N LEU D 93 5.16 36.73 44.85
CA LEU D 93 5.55 35.61 43.98
C LEU D 93 4.41 34.60 43.86
N LYS D 94 3.76 34.28 44.99
CA LYS D 94 2.64 33.35 44.95
C LYS D 94 1.57 33.84 43.99
N TYR D 95 1.20 35.11 44.08
CA TYR D 95 0.22 35.67 43.15
C TYR D 95 0.73 35.59 41.72
N PHE D 96 2.01 35.90 41.51
CA PHE D 96 2.59 35.82 40.17
C PHE D 96 2.41 34.43 39.58
N PHE D 97 2.43 33.39 40.40
CA PHE D 97 2.32 32.03 39.91
C PHE D 97 0.89 31.46 40.03
N MET D 98 -0.10 32.31 40.28
CA MET D 98 -1.47 31.83 40.41
C MET D 98 -2.16 31.72 39.05
N SER D 99 -3.21 30.91 39.02
CA SER D 99 -3.98 30.68 37.81
C SER D 99 -4.91 31.86 37.52
N PRO D 100 -5.41 31.96 36.28
CA PRO D 100 -6.29 33.10 35.96
C PRO D 100 -7.51 33.19 36.85
N CYS D 101 -8.15 32.07 37.18
CA CYS D 101 -9.29 32.11 38.08
C CYS D 101 -8.86 32.55 39.48
N ASP D 102 -7.73 32.03 39.97
CA ASP D 102 -7.25 32.44 41.28
C ASP D 102 -6.86 33.90 41.29
N LYS D 103 -6.24 34.38 40.20
CA LYS D 103 -5.89 35.79 40.12
C LYS D 103 -7.13 36.67 40.11
N PHE D 104 -8.18 36.23 39.41
CA PHE D 104 -9.43 36.97 39.43
C PHE D 104 -10.02 37.01 40.84
N ARG D 105 -9.98 35.88 41.54
CA ARG D 105 -10.50 35.85 42.92
C ARG D 105 -9.69 36.77 43.82
N ALA D 106 -8.37 36.79 43.65
CA ALA D 106 -7.50 37.56 44.53
C ALA D 106 -7.56 39.06 44.25
N LYS D 107 -7.72 39.46 43.00
CA LYS D 107 -7.68 40.86 42.63
C LYS D 107 -8.78 41.29 41.67
N GLY D 108 -9.66 40.38 41.27
CA GLY D 108 -10.69 40.74 40.31
C GLY D 108 -10.19 40.98 38.91
N ARG D 109 -8.96 40.57 38.61
CA ARG D 109 -8.39 40.82 37.29
C ARG D 109 -9.22 40.13 36.21
N LYS D 110 -9.56 40.89 35.17
CA LYS D 110 -10.29 40.34 34.04
C LYS D 110 -9.34 39.59 33.12
N PRO D 111 -9.65 38.34 32.74
CA PRO D 111 -8.70 37.56 31.92
C PRO D 111 -8.71 37.99 30.46
N CYS D 112 -8.15 39.18 30.21
CA CYS D 112 -8.16 39.71 28.85
C CYS D 112 -7.36 38.83 27.90
N LYS D 113 -6.23 38.29 28.36
CA LYS D 113 -5.37 37.52 27.47
C LYS D 113 -6.05 36.25 26.98
N LEU D 114 -6.82 35.59 27.83
CA LEU D 114 -7.51 34.37 27.42
C LEU D 114 -8.52 34.66 26.31
N MET D 115 -9.32 35.72 26.49
CA MET D 115 -10.27 36.09 25.45
C MET D 115 -9.55 36.49 24.17
N LEU D 116 -8.41 37.19 24.31
CA LEU D 116 -7.62 37.52 23.14
C LEU D 116 -7.14 36.27 22.41
N GLN D 117 -6.73 35.25 23.16
CA GLN D 117 -6.28 34.01 22.53
C GLN D 117 -7.41 33.34 21.77
N VAL D 118 -8.61 33.31 22.36
CA VAL D 118 -9.75 32.70 21.66
C VAL D 118 -10.06 33.47 20.38
N VAL D 119 -10.11 34.80 20.48
CA VAL D 119 -10.38 35.62 19.30
C VAL D 119 -9.29 35.43 18.25
N LYS D 120 -8.03 35.34 18.69
CA LYS D 120 -6.93 35.11 17.76
C LYS D 120 -7.08 33.79 17.05
N ILE D 121 -7.42 32.72 17.77
CA ILE D 121 -7.61 31.43 17.11
C ILE D 121 -8.64 31.58 16.01
N LEU D 122 -9.77 32.20 16.33
CA LEU D 122 -10.83 32.34 15.33
C LEU D 122 -10.35 33.14 14.12
N VAL D 123 -9.82 34.33 14.34
CA VAL D 123 -9.52 35.23 13.22
C VAL D 123 -8.35 34.72 12.41
N VAL D 124 -7.32 34.18 13.06
CA VAL D 124 -6.16 33.67 12.33
C VAL D 124 -6.55 32.47 11.48
N THR D 125 -7.37 31.56 12.02
CA THR D 125 -7.82 30.44 11.21
C THR D 125 -8.64 30.92 10.01
N VAL D 126 -9.53 31.88 10.22
CA VAL D 126 -10.32 32.41 9.11
C VAL D 126 -9.41 33.03 8.06
N GLN D 127 -8.42 33.81 8.50
CA GLN D 127 -7.52 34.47 7.55
C GLN D 127 -6.73 33.45 6.75
N LEU D 128 -6.26 32.39 7.40
CA LEU D 128 -5.54 31.33 6.68
C LEU D 128 -6.44 30.71 5.62
N ILE D 129 -7.69 30.40 5.99
CA ILE D 129 -8.60 29.78 5.03
C ILE D 129 -8.85 30.72 3.85
N LEU D 130 -9.05 32.01 4.13
CA LEU D 130 -9.31 32.96 3.05
C LEU D 130 -8.10 33.10 2.13
N PHE D 131 -6.88 33.12 2.69
CA PHE D 131 -5.70 33.16 1.86
C PHE D 131 -5.57 31.92 1.00
N GLY D 132 -6.02 30.77 1.53
CA GLY D 132 -5.95 29.53 0.77
C GLY D 132 -6.62 29.61 -0.59
N LEU D 133 -7.66 30.43 -0.73
CA LEU D 133 -8.35 30.54 -2.01
C LEU D 133 -7.41 31.10 -3.09
N SER D 134 -6.76 32.23 -2.80
CA SER D 134 -5.84 32.81 -3.77
C SER D 134 -4.64 31.91 -4.01
N ASN D 135 -4.13 31.30 -2.94
CA ASN D 135 -3.00 30.39 -3.08
C ASN D 135 -3.35 29.24 -4.02
N GLN D 136 -4.52 28.62 -3.81
CA GLN D 136 -4.95 27.52 -4.65
C GLN D 136 -5.14 27.96 -6.08
N LEU D 137 -5.72 29.14 -6.30
CA LEU D 137 -5.90 29.61 -7.67
C LEU D 137 -4.56 29.71 -8.40
N ALA D 138 -3.56 30.31 -7.75
CA ALA D 138 -2.25 30.45 -8.39
C ALA D 138 -1.63 29.09 -8.71
N VAL D 139 -1.62 28.19 -7.72
CA VAL D 139 -0.97 26.89 -7.90
C VAL D 139 -1.68 26.11 -9.01
N THR D 140 -3.01 26.12 -8.99
CA THR D 140 -3.77 25.39 -10.00
C THR D 140 -3.49 25.94 -11.40
N PHE D 141 -3.45 27.26 -11.55
CA PHE D 141 -3.14 27.83 -12.86
C PHE D 141 -1.80 27.31 -13.37
N ARG D 142 -0.77 27.38 -12.52
CA ARG D 142 0.54 26.91 -12.95
C ARG D 142 0.51 25.43 -13.37
N GLU D 143 -0.03 24.57 -12.50
CA GLU D 143 0.03 23.14 -12.77
C GLU D 143 -0.79 22.76 -14.01
N GLU D 144 -2.00 23.32 -14.14
CA GLU D 144 -2.84 22.97 -15.28
C GLU D 144 -2.22 23.44 -16.58
N ASN D 145 -1.64 24.65 -16.61
CA ASN D 145 -0.96 25.08 -17.81
C ASN D 145 0.18 24.14 -18.17
N THR D 146 0.94 23.68 -17.17
CA THR D 146 2.06 22.78 -17.46
C THR D 146 1.56 21.45 -18.03
N ILE D 147 0.48 20.91 -17.47
CA ILE D 147 -0.09 19.66 -18.01
C ILE D 147 -0.54 19.86 -19.44
N ALA D 148 -1.20 20.98 -19.73
CA ALA D 148 -1.61 21.26 -21.10
C ALA D 148 -0.42 21.35 -22.03
N PHE D 149 0.67 21.99 -21.58
CA PHE D 149 1.87 22.06 -22.42
C PHE D 149 2.43 20.68 -22.71
N ARG D 150 2.45 19.80 -21.71
CA ARG D 150 2.93 18.44 -21.93
C ARG D 150 2.08 17.74 -22.99
N HIS D 151 0.75 17.91 -22.93
CA HIS D 151 -0.10 17.28 -23.93
C HIS D 151 0.03 17.92 -25.30
N LEU D 152 0.37 19.22 -25.35
CA LEU D 152 0.43 19.92 -26.63
C LEU D 152 1.75 19.65 -27.36
N PHE D 153 2.87 19.63 -26.65
CA PHE D 153 4.18 19.68 -27.29
C PHE D 153 4.92 18.35 -27.31
N LEU D 154 4.56 17.39 -26.46
CA LEU D 154 5.24 16.11 -26.41
C LEU D 154 4.47 15.08 -27.23
N LEU D 155 5.10 14.58 -28.28
CA LEU D 155 4.45 13.68 -29.22
C LEU D 155 4.16 12.34 -28.56
N GLY D 156 2.89 11.96 -28.53
CA GLY D 156 2.50 10.69 -27.94
C GLY D 156 2.52 10.65 -26.43
N TYR D 157 2.48 11.79 -25.77
CA TYR D 157 2.51 11.83 -24.32
C TYR D 157 1.16 11.41 -23.73
N SER D 158 1.20 10.70 -22.62
CA SER D 158 0.01 10.33 -21.87
C SER D 158 0.26 10.59 -20.39
N ASP D 159 -0.82 10.81 -19.66
CA ASP D 159 -0.72 11.06 -18.23
C ASP D 159 -0.10 9.85 -17.52
N GLY D 160 0.74 10.15 -16.53
CA GLY D 160 1.41 9.11 -15.76
C GLY D 160 2.67 8.55 -16.39
N ALA D 161 3.08 9.05 -17.55
CA ALA D 161 4.24 8.52 -18.26
C ALA D 161 5.49 9.38 -18.09
N ASP D 162 5.46 10.36 -17.18
CA ASP D 162 6.56 11.33 -17.11
C ASP D 162 7.88 10.64 -16.80
N ASP D 163 7.87 9.66 -15.90
CA ASP D 163 9.11 9.04 -15.46
C ASP D 163 9.75 8.15 -16.52
N THR D 164 8.97 7.62 -17.46
CA THR D 164 9.49 6.71 -18.46
C THR D 164 9.47 7.25 -19.88
N PHE D 165 8.87 8.42 -20.11
CA PHE D 165 8.80 9.00 -21.44
C PHE D 165 10.19 9.16 -22.05
N ALA D 166 10.42 8.56 -23.21
CA ALA D 166 11.75 8.55 -23.80
C ALA D 166 11.67 8.17 -25.26
N ALA D 167 12.71 8.50 -26.00
CA ALA D 167 12.89 8.10 -27.39
C ALA D 167 13.96 7.02 -27.48
N TYR D 168 13.84 6.16 -28.49
CA TYR D 168 14.75 5.04 -28.66
C TYR D 168 15.32 4.89 -30.05
N THR D 169 14.83 5.63 -31.04
CA THR D 169 15.39 5.61 -32.38
C THR D 169 15.61 7.04 -32.85
N ARG D 170 16.49 7.17 -33.84
CA ARG D 170 16.75 8.48 -34.44
C ARG D 170 15.47 9.07 -35.01
N GLU D 171 14.65 8.23 -35.63
CA GLU D 171 13.40 8.67 -36.22
C GLU D 171 12.45 9.20 -35.15
N GLN D 172 12.35 8.49 -34.02
CA GLN D 172 11.50 8.95 -32.93
C GLN D 172 11.96 10.32 -32.41
N LEU D 173 13.27 10.50 -32.24
CA LEU D 173 13.78 11.75 -31.72
C LEU D 173 13.50 12.91 -32.68
N TYR D 174 13.77 12.70 -33.97
CA TYR D 174 13.49 13.74 -34.95
C TYR D 174 12.02 14.10 -34.96
N GLN D 175 11.15 13.08 -34.92
CA GLN D 175 9.72 13.34 -34.93
C GLN D 175 9.29 14.12 -33.70
N ALA D 176 9.83 13.78 -32.52
CA ALA D 176 9.46 14.50 -31.31
C ALA D 176 9.87 15.97 -31.39
N ILE D 177 11.10 16.23 -31.84
CA ILE D 177 11.58 17.60 -31.93
C ILE D 177 10.73 18.41 -32.90
N PHE D 178 10.51 17.86 -34.10
CA PHE D 178 9.73 18.59 -35.10
C PHE D 178 8.29 18.76 -34.68
N HIS D 179 7.72 17.78 -33.97
CA HIS D 179 6.36 17.94 -33.47
C HIS D 179 6.28 19.09 -32.48
N ALA D 180 7.25 19.19 -31.57
CA ALA D 180 7.23 20.29 -30.61
C ALA D 180 7.30 21.64 -31.32
N VAL D 181 8.20 21.78 -32.29
CA VAL D 181 8.33 23.06 -32.97
C VAL D 181 7.07 23.38 -33.78
N ASP D 182 6.52 22.38 -34.48
CA ASP D 182 5.31 22.60 -35.26
C ASP D 182 4.14 22.99 -34.38
N GLN D 183 4.00 22.36 -33.22
CA GLN D 183 2.92 22.73 -32.31
C GLN D 183 3.11 24.14 -31.78
N TYR D 184 4.35 24.52 -31.48
CA TYR D 184 4.61 25.91 -31.09
C TYR D 184 4.15 26.87 -32.18
N LEU D 185 4.40 26.54 -33.44
CA LEU D 185 4.00 27.44 -34.53
C LEU D 185 2.49 27.41 -34.77
N ALA D 186 1.81 26.31 -34.46
CA ALA D 186 0.38 26.18 -34.67
C ALA D 186 -0.45 26.60 -33.47
N LEU D 187 0.17 26.93 -32.35
CA LEU D 187 -0.56 27.17 -31.10
C LEU D 187 -1.78 28.07 -31.24
N PRO D 188 -1.72 29.20 -31.93
CA PRO D 188 -2.91 30.08 -32.01
C PRO D 188 -4.13 29.40 -32.61
N ASP D 189 -3.96 28.38 -33.45
CA ASP D 189 -5.08 27.75 -34.13
C ASP D 189 -5.63 26.52 -33.41
N VAL D 190 -4.81 25.84 -32.60
CA VAL D 190 -5.22 24.57 -32.02
C VAL D 190 -5.49 24.65 -30.52
N SER D 191 -4.78 25.50 -29.78
CA SER D 191 -4.84 25.48 -28.33
C SER D 191 -6.18 25.99 -27.81
N LEU D 192 -6.61 25.42 -26.68
CA LEU D 192 -7.79 25.89 -26.00
C LEU D 192 -7.52 27.13 -25.15
N GLY D 193 -6.27 27.30 -24.71
CA GLY D 193 -5.89 28.52 -24.04
C GLY D 193 -5.55 29.63 -25.02
N ARG D 194 -5.42 30.84 -24.48
CA ARG D 194 -5.03 32.01 -25.27
C ARG D 194 -3.64 32.44 -24.83
N TYR D 195 -2.67 32.32 -25.73
CA TYR D 195 -1.28 32.59 -25.42
C TYR D 195 -0.74 33.64 -26.37
N ALA D 196 0.18 34.45 -25.87
CA ALA D 196 0.94 35.41 -26.67
C ALA D 196 2.40 35.00 -26.67
N TYR D 197 3.07 35.24 -27.80
CA TYR D 197 4.47 34.92 -27.95
C TYR D 197 5.35 36.00 -27.33
N VAL D 198 6.56 35.60 -26.95
CA VAL D 198 7.58 36.50 -26.43
C VAL D 198 8.82 36.36 -27.31
N ARG D 199 9.39 37.49 -27.71
CA ARG D 199 10.52 37.52 -28.62
C ARG D 199 11.72 38.18 -27.96
N GLY D 200 12.91 37.70 -28.33
CA GLY D 200 14.14 38.33 -27.88
C GLY D 200 14.34 38.24 -26.39
N GLY D 201 14.94 39.28 -25.82
CA GLY D 201 15.13 39.34 -24.39
C GLY D 201 16.34 38.60 -23.87
N GLY D 202 17.35 38.38 -24.70
CA GLY D 202 18.59 37.78 -24.25
C GLY D 202 18.66 36.30 -24.55
N ASP D 203 19.76 35.71 -24.11
CA ASP D 203 20.04 34.31 -24.41
C ASP D 203 18.98 33.40 -23.78
N PRO D 204 18.67 32.28 -24.43
CA PRO D 204 19.25 31.77 -25.68
C PRO D 204 18.61 32.35 -26.94
N TRP D 205 17.71 33.32 -26.82
CA TRP D 205 17.00 33.86 -27.97
C TRP D 205 17.75 35.07 -28.53
N THR D 206 17.92 35.08 -29.85
CA THR D 206 18.32 36.31 -30.52
C THR D 206 17.14 37.26 -30.62
N ASN D 207 17.42 38.51 -30.95
CA ASN D 207 16.35 39.49 -31.09
C ASN D 207 15.37 39.03 -32.16
N GLY D 208 14.08 39.12 -31.85
CA GLY D 208 13.05 38.74 -32.77
C GLY D 208 12.73 37.26 -32.82
N SER D 209 13.43 36.44 -32.05
CA SER D 209 13.24 34.99 -32.07
C SER D 209 12.38 34.57 -30.88
N GLY D 210 11.41 33.71 -31.13
CA GLY D 210 10.54 33.22 -30.09
C GLY D 210 10.97 31.89 -29.52
N LEU D 211 11.54 31.02 -30.35
CA LEU D 211 11.90 29.67 -29.94
C LEU D 211 13.36 29.40 -30.25
N ALA D 212 14.06 28.80 -29.29
CA ALA D 212 15.47 28.42 -29.47
C ALA D 212 15.57 26.91 -29.42
N LEU D 213 16.12 26.31 -30.49
CA LEU D 213 16.31 24.87 -30.59
C LEU D 213 17.81 24.61 -30.64
N CYS D 214 18.36 24.08 -29.56
CA CYS D 214 19.81 24.00 -29.38
C CYS D 214 20.25 22.56 -29.17
N GLN D 215 21.34 22.18 -29.82
CA GLN D 215 21.98 20.90 -29.57
C GLN D 215 23.38 21.12 -29.04
N ARG D 216 23.74 20.34 -28.02
CA ARG D 216 25.02 20.43 -27.35
C ARG D 216 25.74 19.11 -27.50
N TYR D 217 27.00 19.18 -27.94
CA TYR D 217 27.81 18.00 -28.24
C TYR D 217 29.27 18.28 -27.93
N TYR D 218 30.08 17.22 -27.89
CA TYR D 218 31.51 17.36 -27.62
C TYR D 218 32.22 18.06 -28.77
N HIS D 219 33.23 18.85 -28.43
CA HIS D 219 34.00 19.57 -29.44
C HIS D 219 34.67 18.62 -30.43
N ARG D 220 35.29 17.56 -29.91
CA ARG D 220 35.85 16.49 -30.74
C ARG D 220 35.35 15.17 -30.18
N GLY D 221 34.75 14.35 -31.03
CA GLY D 221 34.01 13.19 -30.57
C GLY D 221 34.21 11.87 -31.28
N HIS D 222 35.44 11.52 -31.64
N HIS D 222 35.44 11.52 -31.64
CA HIS D 222 35.67 10.27 -32.38
CA HIS D 222 35.67 10.27 -32.38
C HIS D 222 35.46 9.08 -31.45
C HIS D 222 35.46 9.08 -31.45
N VAL D 223 34.49 8.23 -31.78
CA VAL D 223 34.14 7.07 -30.95
C VAL D 223 34.13 5.84 -31.84
N ASP D 224 34.94 4.85 -31.49
CA ASP D 224 35.15 3.66 -32.33
C ASP D 224 35.13 2.42 -31.45
N PRO D 225 33.95 1.99 -31.00
CA PRO D 225 33.89 0.79 -30.17
C PRO D 225 34.35 -0.47 -30.89
N ALA D 226 34.31 -0.50 -32.22
CA ALA D 226 34.80 -1.67 -32.94
C ALA D 226 36.27 -1.91 -32.66
N ASN D 227 37.07 -0.85 -32.62
CA ASN D 227 38.48 -0.92 -32.30
C ASN D 227 38.77 -0.63 -30.83
N ASP D 228 37.74 -0.52 -30.00
CA ASP D 228 37.90 -0.20 -28.58
C ASP D 228 38.69 1.10 -28.41
N THR D 229 38.34 2.11 -29.20
CA THR D 229 39.12 3.33 -29.28
C THR D 229 38.21 4.55 -29.18
N PHE D 230 38.79 5.66 -28.73
CA PHE D 230 38.09 6.93 -28.82
C PHE D 230 39.06 8.08 -28.61
N ASP D 231 38.72 9.21 -29.20
CA ASP D 231 39.45 10.46 -29.07
C ASP D 231 38.42 11.56 -28.81
N ILE D 232 38.43 12.09 -27.60
CA ILE D 232 37.40 13.00 -27.12
C ILE D 232 38.05 14.27 -26.59
N ASP D 233 37.52 15.41 -27.01
CA ASP D 233 37.71 16.68 -26.32
C ASP D 233 36.38 17.03 -25.67
N PRO D 234 36.22 16.82 -24.36
CA PRO D 234 34.87 16.88 -23.78
C PRO D 234 34.32 18.28 -23.57
N MET D 235 34.99 19.30 -24.10
CA MET D 235 34.42 20.64 -24.11
C MET D 235 33.12 20.65 -24.89
N VAL D 236 32.09 21.29 -24.34
CA VAL D 236 30.76 21.26 -24.91
C VAL D 236 30.57 22.44 -25.87
N VAL D 237 30.14 22.14 -27.08
CA VAL D 237 29.79 23.13 -28.09
C VAL D 237 28.27 23.15 -28.21
N THR D 238 27.71 24.36 -28.25
CA THR D 238 26.28 24.57 -28.42
C THR D 238 26.01 25.14 -29.80
N ASP D 239 25.04 24.57 -30.50
CA ASP D 239 24.59 25.06 -31.80
C ASP D 239 23.09 25.30 -31.72
N CYS D 240 22.67 26.53 -31.97
CA CYS D 240 21.31 26.97 -31.70
C CYS D 240 20.66 27.43 -33.01
N ILE D 241 19.42 27.01 -33.24
CA ILE D 241 18.60 27.48 -34.33
C ILE D 241 17.48 28.33 -33.76
N GLN D 242 17.22 29.47 -34.37
CA GLN D 242 16.23 30.42 -33.89
C GLN D 242 15.00 30.35 -34.79
N VAL D 243 13.83 30.25 -34.18
CA VAL D 243 12.56 30.21 -34.89
C VAL D 243 11.73 31.40 -34.43
N ASP D 244 11.28 32.20 -35.39
CA ASP D 244 10.39 33.31 -35.08
C ASP D 244 8.95 32.81 -35.04
N PRO D 245 8.13 33.33 -34.13
CA PRO D 245 6.72 32.95 -34.11
C PRO D 245 6.03 33.42 -35.38
N PRO D 246 4.93 32.77 -35.78
CA PRO D 246 4.23 33.12 -37.03
C PRO D 246 3.73 34.57 -37.03
N SER D 265 13.46 26.34 -41.61
CA SER D 265 14.87 26.01 -41.66
C SER D 265 15.28 25.13 -40.49
N TYR D 266 14.43 25.08 -39.46
CA TYR D 266 14.68 24.15 -38.36
C TYR D 266 14.49 22.70 -38.81
N LYS D 267 13.83 22.47 -39.93
CA LYS D 267 13.66 21.12 -40.44
C LYS D 267 14.96 20.54 -41.01
N ASN D 268 15.98 21.36 -41.20
CA ASN D 268 17.28 20.93 -41.66
C ASN D 268 18.20 20.52 -40.51
N LEU D 269 17.69 20.46 -39.29
CA LEU D 269 18.50 20.08 -38.15
C LEU D 269 19.15 18.71 -38.40
N THR D 270 20.44 18.63 -38.13
CA THR D 270 21.20 17.38 -38.26
C THR D 270 21.87 17.10 -36.93
N LEU D 271 21.41 16.07 -36.24
CA LEU D 271 21.94 15.74 -34.93
C LEU D 271 23.24 14.95 -35.06
N LYS D 272 24.21 15.28 -34.21
CA LYS D 272 25.47 14.56 -34.14
C LYS D 272 25.35 13.50 -33.06
N PHE D 273 24.74 12.38 -33.43
CA PHE D 273 24.27 11.41 -32.45
C PHE D 273 25.41 10.84 -31.62
N HIS D 274 26.55 10.54 -32.26
CA HIS D 274 27.61 9.82 -31.56
C HIS D 274 28.28 10.65 -30.47
N LYS D 275 28.23 11.98 -30.56
CA LYS D 275 28.80 12.85 -29.52
C LYS D 275 27.76 13.81 -28.96
N LEU D 276 26.48 13.53 -29.15
CA LEU D 276 25.43 14.44 -28.71
C LEU D 276 25.30 14.40 -27.19
N VAL D 277 25.31 15.57 -26.56
CA VAL D 277 25.10 15.67 -25.13
C VAL D 277 23.62 15.89 -24.80
N ASN D 278 22.99 16.89 -25.39
CA ASN D 278 21.54 16.97 -25.26
C ASN D 278 20.96 17.93 -26.28
N VAL D 279 19.63 17.96 -26.33
CA VAL D 279 18.88 18.88 -27.17
C VAL D 279 17.86 19.59 -26.30
N THR D 280 17.75 20.90 -26.44
CA THR D 280 16.81 21.69 -25.66
C THR D 280 15.99 22.60 -26.57
N ILE D 281 14.73 22.79 -26.20
CA ILE D 281 13.85 23.75 -26.84
C ILE D 281 13.39 24.72 -25.76
N HIS D 282 13.61 26.01 -26.00
CA HIS D 282 13.26 27.07 -25.05
C HIS D 282 12.28 28.02 -25.71
N PHE D 283 11.17 28.32 -25.02
CA PHE D 283 10.30 29.40 -25.49
C PHE D 283 9.44 29.90 -24.35
N ARG D 284 8.91 31.11 -24.50
CA ARG D 284 8.10 31.75 -23.48
C ARG D 284 6.72 32.07 -24.02
N LEU D 285 5.71 31.94 -23.17
CA LEU D 285 4.32 32.21 -23.53
C LEU D 285 3.67 33.08 -22.46
N LYS D 286 2.86 34.03 -22.88
CA LYS D 286 2.14 34.91 -21.97
C LYS D 286 0.66 34.56 -21.96
N THR D 287 0.08 34.55 -20.76
CA THR D 287 -1.34 34.26 -20.61
C THR D 287 -1.86 35.03 -19.40
N ILE D 288 -3.19 35.02 -19.23
CA ILE D 288 -3.85 35.77 -18.17
C ILE D 288 -4.66 34.79 -17.33
N ASN D 289 -4.48 34.85 -16.01
CA ASN D 289 -5.16 33.94 -15.08
C ASN D 289 -6.55 34.50 -14.78
N LEU D 290 -7.49 34.20 -15.68
CA LEU D 290 -8.83 34.76 -15.58
C LEU D 290 -9.63 34.21 -14.41
N GLN D 291 -9.31 33.00 -13.95
CA GLN D 291 -10.11 32.38 -12.89
C GLN D 291 -10.13 33.22 -11.62
N SER D 292 -9.15 34.12 -11.45
CA SER D 292 -9.15 34.99 -10.29
C SER D 292 -10.43 35.79 -10.17
N LEU D 293 -11.14 36.03 -11.27
CA LEU D 293 -12.41 36.76 -11.20
C LEU D 293 -13.39 36.10 -10.25
N ILE D 294 -13.34 34.77 -10.11
CA ILE D 294 -14.28 34.09 -9.23
C ILE D 294 -14.02 34.43 -7.77
N ASN D 295 -12.83 34.91 -7.42
CA ASN D 295 -12.51 35.33 -6.07
C ASN D 295 -12.59 36.84 -5.91
N ASN D 296 -13.23 37.53 -6.86
CA ASN D 296 -13.33 38.99 -6.84
C ASN D 296 -11.96 39.65 -6.81
N GLU D 297 -11.03 39.11 -7.61
CA GLU D 297 -9.68 39.65 -7.71
C GLU D 297 -9.38 39.98 -9.16
N ILE D 298 -8.46 40.90 -9.36
CA ILE D 298 -8.03 41.27 -10.71
C ILE D 298 -7.07 40.20 -11.23
N PRO D 299 -7.31 39.65 -12.42
CA PRO D 299 -6.38 38.65 -12.95
C PRO D 299 -4.97 39.18 -13.11
N ASP D 300 -3.99 38.30 -12.87
CA ASP D 300 -2.59 38.60 -13.09
C ASP D 300 -2.14 38.16 -14.48
N CYS D 301 -1.00 38.68 -14.90
CA CYS D 301 -0.39 38.33 -16.18
C CYS D 301 0.77 37.37 -15.93
N TYR D 302 0.68 36.16 -16.49
CA TYR D 302 1.68 35.13 -16.31
C TYR D 302 2.56 35.02 -17.54
N THR D 303 3.86 34.84 -17.32
CA THR D 303 4.79 34.43 -18.36
C THR D 303 5.33 33.06 -17.98
N PHE D 304 5.12 32.08 -18.85
CA PHE D 304 5.62 30.73 -18.67
C PHE D 304 6.87 30.57 -19.53
N SER D 305 7.98 30.25 -18.90
CA SER D 305 9.21 29.89 -19.59
C SER D 305 9.25 28.36 -19.68
N VAL D 306 9.22 27.83 -20.89
CA VAL D 306 9.05 26.42 -21.17
C VAL D 306 10.36 25.87 -21.70
N LEU D 307 10.83 24.80 -21.07
CA LEU D 307 12.06 24.11 -21.46
C LEU D 307 11.74 22.64 -21.72
N ILE D 308 12.02 22.18 -22.93
CA ILE D 308 11.86 20.78 -23.30
C ILE D 308 13.27 20.20 -23.49
N THR D 309 13.57 19.13 -22.77
CA THR D 309 14.89 18.52 -22.76
C THR D 309 14.83 17.11 -23.32
N PHE D 310 15.69 16.83 -24.29
CA PHE D 310 15.98 15.49 -24.78
C PHE D 310 17.39 15.19 -24.30
N ASP D 311 17.50 14.36 -23.27
CA ASP D 311 18.73 14.20 -22.51
C ASP D 311 19.49 12.94 -22.96
N ASN D 312 20.71 13.12 -23.43
CA ASN D 312 21.56 12.02 -23.89
C ASN D 312 22.84 11.91 -23.08
N LYS D 313 22.83 12.36 -21.83
CA LYS D 313 24.07 12.39 -21.05
C LYS D 313 24.56 10.99 -20.68
N ALA D 314 23.66 10.00 -20.65
CA ALA D 314 24.07 8.63 -20.36
C ALA D 314 24.63 7.91 -21.58
N HIS D 315 24.36 8.40 -22.80
CA HIS D 315 24.83 7.76 -24.03
C HIS D 315 24.49 6.28 -24.04
N SER D 316 23.27 5.95 -23.61
CA SER D 316 22.87 4.56 -23.38
C SER D 316 21.91 4.03 -24.43
N GLY D 317 21.62 4.78 -25.48
CA GLY D 317 20.62 4.40 -26.45
C GLY D 317 19.20 4.77 -26.06
N ARG D 318 18.98 5.31 -24.87
CA ARG D 318 17.67 5.75 -24.42
C ARG D 318 17.78 7.23 -24.06
N ILE D 319 16.95 8.05 -24.70
CA ILE D 319 17.00 9.49 -24.46
C ILE D 319 15.71 9.93 -23.78
N PRO D 320 15.70 10.17 -22.48
CA PRO D 320 14.49 10.67 -21.82
C PRO D 320 14.13 12.07 -22.27
N ILE D 321 12.83 12.32 -22.32
CA ILE D 321 12.25 13.58 -22.78
C ILE D 321 11.42 14.15 -21.64
N SER D 322 11.65 15.43 -21.32
CA SER D 322 10.91 16.08 -20.25
C SER D 322 10.56 17.50 -20.64
N LEU D 323 9.52 18.02 -19.98
CA LEU D 323 9.08 19.40 -20.14
C LEU D 323 8.97 20.03 -18.76
N GLU D 324 9.55 21.22 -18.60
CA GLU D 324 9.46 21.96 -17.36
C GLU D 324 9.06 23.40 -17.64
N THR D 325 8.41 24.03 -16.66
CA THR D 325 7.97 25.41 -16.78
C THR D 325 8.40 26.21 -15.56
N GLN D 326 8.72 27.47 -15.79
CA GLN D 326 8.90 28.46 -14.74
C GLN D 326 7.87 29.57 -14.96
N ALA D 327 7.12 29.91 -13.92
CA ALA D 327 6.08 30.91 -14.02
C ALA D 327 6.52 32.20 -13.36
N HIS D 328 6.35 33.32 -14.06
CA HIS D 328 6.63 34.65 -13.54
C HIS D 328 5.34 35.46 -13.60
N ILE D 329 4.96 36.03 -12.46
CA ILE D 329 3.70 36.76 -12.33
C ILE D 329 3.98 38.25 -12.35
N GLN D 330 3.18 39.00 -13.11
CA GLN D 330 3.25 40.44 -13.16
C GLN D 330 1.84 41.01 -13.08
N GLU D 331 1.75 42.28 -12.72
CA GLU D 331 0.49 43.01 -12.81
C GLU D 331 0.27 43.42 -14.27
N CYS D 332 -0.96 43.26 -14.74
CA CYS D 332 -1.26 43.62 -16.11
C CYS D 332 -1.35 45.15 -16.25
N LYS D 333 -1.17 45.62 -17.47
CA LYS D 333 -1.10 47.06 -17.75
C LYS D 333 -2.51 47.61 -17.91
N HIS D 334 -2.93 48.43 -16.95
CA HIS D 334 -4.24 49.08 -16.96
C HIS D 334 -5.35 48.11 -17.32
N PRO D 335 -5.62 47.12 -16.47
CA PRO D 335 -6.73 46.19 -16.74
C PRO D 335 -8.08 46.87 -16.59
N SER D 336 -9.16 46.12 -16.83
CA SER D 336 -10.50 46.69 -16.74
C SER D 336 -11.48 45.57 -16.46
N VAL D 337 -12.04 45.55 -15.26
CA VAL D 337 -13.08 44.59 -14.89
C VAL D 337 -14.34 45.38 -14.53
N PHE D 338 -15.43 45.06 -15.20
CA PHE D 338 -16.66 45.85 -15.08
C PHE D 338 -17.29 45.67 -13.71
N GLN D 339 -17.55 46.78 -13.03
CA GLN D 339 -18.24 46.78 -11.73
C GLN D 339 -17.57 45.80 -10.76
N HIS D 340 -16.25 45.83 -10.73
CA HIS D 340 -15.49 44.98 -9.84
C HIS D 340 -15.82 45.31 -8.38
N PHE D 345 -14.63 42.57 3.83
CA PHE D 345 -13.51 43.16 3.12
C PHE D 345 -12.20 42.57 3.63
N ARG D 346 -11.37 42.09 2.70
CA ARG D 346 -10.14 41.42 3.10
C ARG D 346 -9.19 42.38 3.82
N LEU D 347 -9.08 43.61 3.35
CA LEU D 347 -8.15 44.55 3.98
C LEU D 347 -8.54 44.84 5.42
N LEU D 348 -9.83 45.05 5.67
CA LEU D 348 -10.28 45.30 7.04
C LEU D 348 -10.04 44.11 7.94
N PHE D 349 -10.28 42.89 7.44
CA PHE D 349 -10.03 41.70 8.25
C PHE D 349 -8.54 41.55 8.54
N ASP D 350 -7.69 41.85 7.56
CA ASP D 350 -6.26 41.81 7.80
C ASP D 350 -5.84 42.80 8.87
N VAL D 351 -6.40 44.02 8.81
CA VAL D 351 -6.09 45.01 9.84
C VAL D 351 -6.58 44.53 11.20
N VAL D 352 -7.74 43.87 11.25
CA VAL D 352 -8.25 43.35 12.52
C VAL D 352 -7.31 42.30 13.08
N VAL D 353 -6.82 41.39 12.22
CA VAL D 353 -5.86 40.40 12.67
C VAL D 353 -4.60 41.07 13.20
N ILE D 354 -4.12 42.09 12.49
CA ILE D 354 -2.91 42.77 12.92
C ILE D 354 -3.11 43.43 14.28
N LEU D 355 -4.27 44.07 14.48
CA LEU D 355 -4.53 44.71 15.77
C LEU D 355 -4.63 43.70 16.89
N THR D 356 -5.32 42.57 16.66
CA THR D 356 -5.43 41.55 17.68
C THR D 356 -4.05 41.01 18.05
N CYS D 357 -3.22 40.71 17.05
CA CYS D 357 -1.91 40.17 17.33
C CYS D 357 -1.02 41.21 18.01
N SER D 358 -1.16 42.48 17.65
CA SER D 358 -0.37 43.54 18.28
C SER D 358 -0.74 43.71 19.75
N LEU D 359 -2.03 43.69 20.06
CA LEU D 359 -2.45 43.78 21.46
C LEU D 359 -1.96 42.58 22.25
N SER D 360 -2.06 41.38 21.67
CA SER D 360 -1.55 40.19 22.33
C SER D 360 -0.04 40.32 22.57
N PHE D 361 0.69 40.81 21.58
CA PHE D 361 2.13 40.98 21.72
C PHE D 361 2.46 41.96 22.84
N LEU D 362 1.75 43.08 22.92
CA LEU D 362 2.03 44.06 23.97
C LEU D 362 1.74 43.48 25.35
N LEU D 363 0.62 42.77 25.50
CA LEU D 363 0.33 42.17 26.79
C LEU D 363 1.36 41.13 27.18
N CYS D 364 1.81 40.31 26.22
CA CYS D 364 2.83 39.31 26.52
C CYS D 364 4.16 39.97 26.88
N ALA D 365 4.53 41.04 26.19
CA ALA D 365 5.76 41.75 26.54
C ALA D 365 5.68 42.35 27.93
N ARG D 366 4.52 42.90 28.28
CA ARG D 366 4.33 43.41 29.64
C ARG D 366 4.48 42.30 30.67
N SER D 367 3.88 41.15 30.42
CA SER D 367 4.01 40.03 31.36
C SER D 367 5.46 39.58 31.48
N LEU D 368 6.17 39.50 30.36
CA LEU D 368 7.57 39.07 30.41
C LEU D 368 8.43 40.07 31.18
N LEU D 369 8.18 41.36 30.99
CA LEU D 369 8.92 42.37 31.76
C LEU D 369 8.62 42.24 33.25
N ARG D 370 7.36 42.03 33.61
CA ARG D 370 7.01 41.84 35.01
C ARG D 370 7.74 40.62 35.59
N GLY D 371 7.77 39.52 34.84
CA GLY D 371 8.47 38.33 35.30
C GLY D 371 9.96 38.58 35.47
N PHE D 372 10.57 39.32 34.55
CA PHE D 372 11.98 39.63 34.67
C PHE D 372 12.26 40.48 35.90
N LEU D 373 11.42 41.47 36.16
CA LEU D 373 11.60 42.30 37.35
C LEU D 373 11.46 41.47 38.61
N LEU D 374 10.45 40.59 38.66
CA LEU D 374 10.27 39.75 39.83
C LEU D 374 11.46 38.83 40.04
N GLN D 375 12.00 38.27 38.95
CA GLN D 375 13.23 37.50 39.05
C GLN D 375 14.32 38.34 39.69
N ASN D 376 14.73 39.42 39.02
CA ASN D 376 15.77 40.30 39.55
C ASN D 376 15.59 40.55 41.04
N GLU D 377 14.36 40.87 41.46
CA GLU D 377 14.10 41.13 42.87
C GLU D 377 14.41 39.91 43.72
N PHE D 378 13.87 38.75 43.34
CA PHE D 378 14.04 37.55 44.15
C PHE D 378 15.50 37.12 44.22
N VAL D 379 16.23 37.20 43.10
CA VAL D 379 17.62 36.80 43.09
C VAL D 379 18.46 37.75 43.94
N GLY D 380 18.21 39.06 43.83
CA GLY D 380 18.91 40.00 44.68
C GLY D 380 18.64 39.74 46.16
N PHE D 381 17.40 39.45 46.51
CA PHE D 381 17.07 39.12 47.90
C PHE D 381 17.78 37.85 48.34
N MET D 382 17.81 36.83 47.47
CA MET D 382 18.43 35.57 47.83
C MET D 382 19.94 35.71 48.03
N TRP D 383 20.57 36.66 47.31
CA TRP D 383 22.00 36.86 47.53
C TRP D 383 22.27 37.51 48.87
N ARG D 384 21.37 38.37 49.35
CA ARG D 384 21.56 39.08 50.62
C ARG D 384 20.85 38.39 51.78
N GLN D 385 20.78 37.07 51.76
CA GLN D 385 20.10 36.32 52.81
C GLN D 385 20.62 34.90 52.90
N LEU D 392 21.58 29.49 37.67
CA LEU D 392 20.94 30.02 36.47
C LEU D 392 19.70 29.22 36.13
N TRP D 393 19.74 27.91 36.37
CA TRP D 393 18.58 27.06 36.11
C TRP D 393 17.38 27.51 36.93
N GLU D 394 17.61 28.00 38.15
CA GLU D 394 16.52 28.56 38.94
C GLU D 394 16.08 29.92 38.42
N ARG D 395 16.97 30.64 37.73
CA ARG D 395 16.57 31.91 37.12
C ARG D 395 15.57 31.70 35.99
N LEU D 396 15.75 30.65 35.20
CA LEU D 396 14.81 30.36 34.12
C LEU D 396 13.58 29.68 34.69
N GLU D 397 12.95 30.30 35.68
CA GLU D 397 11.70 29.85 36.25
C GLU D 397 10.63 30.93 36.25
N PHE D 398 11.03 32.20 36.31
CA PHE D 398 10.11 33.30 36.07
C PHE D 398 9.84 33.52 34.59
N VAL D 399 10.61 32.89 33.71
CA VAL D 399 10.41 33.02 32.26
C VAL D 399 9.24 32.12 31.87
N ASN D 400 8.18 32.73 31.34
CA ASN D 400 7.01 31.99 30.88
C ASN D 400 7.23 31.63 29.42
N GLY D 401 7.62 30.38 29.17
CA GLY D 401 7.86 29.95 27.81
C GLY D 401 6.64 30.05 26.92
N TRP D 402 5.46 29.93 27.52
CA TRP D 402 4.23 30.08 26.74
C TRP D 402 4.13 31.47 26.15
N TYR D 403 4.59 32.49 26.87
CA TYR D 403 4.53 33.85 26.36
C TYR D 403 5.60 34.10 25.31
N ILE D 404 6.75 33.43 25.40
CA ILE D 404 7.71 33.47 24.30
C ILE D 404 7.09 32.87 23.04
N LEU D 405 6.40 31.74 23.19
CA LEU D 405 5.71 31.15 22.06
C LEU D 405 4.65 32.11 21.50
N LEU D 406 3.92 32.78 22.38
CA LEU D 406 2.87 33.70 21.94
C LEU D 406 3.44 34.88 21.17
N VAL D 407 4.54 35.46 21.66
CA VAL D 407 5.12 36.60 20.94
C VAL D 407 5.70 36.15 19.61
N THR D 408 6.31 34.96 19.57
CA THR D 408 6.79 34.44 18.29
C THR D 408 5.65 34.27 17.31
N SER D 409 4.53 33.71 17.77
CA SER D 409 3.37 33.52 16.91
C SER D 409 2.82 34.86 16.43
N ASP D 410 2.80 35.86 17.32
CA ASP D 410 2.30 37.18 16.93
C ASP D 410 3.19 37.80 15.86
N VAL D 411 4.51 37.68 16.02
CA VAL D 411 5.42 38.22 15.02
C VAL D 411 5.23 37.53 13.68
N LEU D 412 5.12 36.19 13.71
CA LEU D 412 4.89 35.45 12.47
C LEU D 412 3.58 35.85 11.82
N THR D 413 2.52 35.99 12.60
CA THR D 413 1.23 36.35 12.05
C THR D 413 1.27 37.74 11.42
N ILE D 414 1.91 38.71 12.09
CA ILE D 414 1.97 40.05 11.53
C ILE D 414 2.78 40.06 10.24
N SER D 415 3.92 39.35 10.21
CA SER D 415 4.70 39.28 8.99
C SER D 415 3.90 38.65 7.85
N GLY D 416 3.22 37.55 8.13
CA GLY D 416 2.43 36.90 7.10
C GLY D 416 1.28 37.76 6.62
N THR D 417 0.65 38.51 7.53
CA THR D 417 -0.44 39.39 7.13
C THR D 417 0.06 40.53 6.25
N ILE D 418 1.23 41.10 6.59
CA ILE D 418 1.79 42.15 5.75
C ILE D 418 2.12 41.60 4.37
N MET D 419 2.70 40.40 4.32
CA MET D 419 3.00 39.79 3.03
C MET D 419 1.72 39.52 2.24
N LYS D 420 0.67 39.07 2.90
CA LYS D 420 -0.59 38.82 2.24
C LYS D 420 -1.19 40.09 1.67
N ILE D 421 -1.13 41.18 2.43
CA ILE D 421 -1.59 42.47 1.93
C ILE D 421 -0.77 42.89 0.71
N GLY D 422 0.54 42.72 0.78
CA GLY D 422 1.38 43.07 -0.35
C GLY D 422 1.04 42.27 -1.59
N ILE D 423 0.77 40.98 -1.43
CA ILE D 423 0.40 40.14 -2.57
C ILE D 423 -0.94 40.58 -3.13
N GLU D 424 -1.89 40.91 -2.25
CA GLU D 424 -3.19 41.38 -2.73
C GLU D 424 -3.05 42.69 -3.50
N ALA D 425 -2.20 43.60 -3.02
CA ALA D 425 -1.93 44.84 -3.74
C ALA D 425 -1.07 44.61 -4.98
N LYS D 426 -0.60 43.39 -5.20
CA LYS D 426 0.22 43.01 -6.36
C LYS D 426 1.61 43.62 -6.31
N ASN D 427 2.09 43.99 -5.13
CA ASN D 427 3.48 44.35 -4.95
C ASN D 427 4.39 43.14 -4.79
N LEU D 428 3.85 42.02 -4.33
CA LEU D 428 4.61 40.79 -4.10
C LEU D 428 3.91 39.63 -4.78
N ALA D 429 4.65 38.53 -4.94
CA ALA D 429 4.07 37.33 -5.55
C ALA D 429 4.55 36.05 -4.86
N SER D 430 5.06 36.14 -3.62
CA SER D 430 5.64 34.98 -2.94
C SER D 430 4.55 34.27 -2.15
N TYR D 431 3.74 33.50 -2.87
CA TYR D 431 2.64 32.79 -2.25
C TYR D 431 3.13 31.74 -1.27
N ASP D 432 4.21 31.03 -1.61
CA ASP D 432 4.67 29.93 -0.76
C ASP D 432 5.18 30.43 0.59
N VAL D 433 5.97 31.50 0.60
CA VAL D 433 6.49 32.04 1.85
C VAL D 433 5.33 32.52 2.73
N CYS D 434 4.39 33.25 2.13
CA CYS D 434 3.23 33.72 2.89
C CYS D 434 2.45 32.56 3.47
N SER D 435 2.22 31.52 2.66
CA SER D 435 1.46 30.38 3.14
C SER D 435 2.16 29.69 4.29
N ILE D 436 3.48 29.55 4.21
CA ILE D 436 4.22 28.92 5.29
C ILE D 436 4.12 29.76 6.57
N LEU D 437 4.30 31.07 6.44
CA LEU D 437 4.22 31.94 7.61
C LEU D 437 2.84 31.84 8.27
N LEU D 438 1.78 31.95 7.47
CA LEU D 438 0.44 31.95 8.03
C LEU D 438 0.05 30.59 8.58
N GLY D 439 0.45 29.50 7.92
CA GLY D 439 0.15 28.18 8.44
C GLY D 439 0.87 27.88 9.74
N THR D 440 2.15 28.22 9.82
CA THR D 440 2.88 28.02 11.07
C THR D 440 2.28 28.87 12.19
N SER D 441 1.91 30.11 11.89
CA SER D 441 1.30 30.96 12.91
C SER D 441 -0.03 30.38 13.37
N THR D 442 -0.82 29.83 12.45
CA THR D 442 -2.08 29.21 12.83
C THR D 442 -1.85 28.02 13.76
N LEU D 443 -0.89 27.17 13.41
CA LEU D 443 -0.59 26.02 14.27
C LEU D 443 -0.15 26.48 15.66
N LEU D 444 0.73 27.48 15.72
CA LEU D 444 1.20 27.95 17.03
C LEU D 444 0.08 28.60 17.82
N VAL D 445 -0.82 29.33 17.15
CA VAL D 445 -1.94 29.95 17.86
C VAL D 445 -2.83 28.88 18.46
N TRP D 446 -3.10 27.82 17.70
CA TRP D 446 -3.90 26.72 18.26
C TRP D 446 -3.18 26.07 19.44
N VAL D 447 -1.88 25.85 19.32
CA VAL D 447 -1.15 25.18 20.40
C VAL D 447 -1.09 26.04 21.65
N GLY D 448 -0.97 27.37 21.49
CA GLY D 448 -0.72 28.24 22.62
C GLY D 448 -1.83 28.28 23.64
N VAL D 449 -3.03 27.85 23.27
CA VAL D 449 -4.14 27.83 24.22
C VAL D 449 -3.97 26.76 25.29
N ILE D 450 -3.05 25.81 25.08
CA ILE D 450 -2.81 24.77 26.08
C ILE D 450 -2.26 25.35 27.37
N ARG D 451 -1.69 26.56 27.31
CA ARG D 451 -1.16 27.19 28.52
C ARG D 451 -2.20 27.20 29.63
N TYR D 452 -3.46 27.46 29.28
CA TYR D 452 -4.51 27.61 30.26
C TYR D 452 -5.01 26.27 30.80
N LEU D 453 -4.60 25.16 30.20
CA LEU D 453 -4.87 23.84 30.73
C LEU D 453 -3.77 23.35 31.67
N THR D 454 -2.66 24.07 31.77
CA THR D 454 -1.54 23.61 32.58
C THR D 454 -1.78 23.76 34.07
N PHE D 455 -2.71 24.64 34.47
CA PHE D 455 -2.94 24.84 35.90
C PHE D 455 -3.66 23.66 36.53
N PHE D 456 -4.45 22.93 35.75
CA PHE D 456 -5.22 21.80 36.25
C PHE D 456 -4.50 20.51 35.91
N HIS D 457 -4.11 19.76 36.93
CA HIS D 457 -3.27 18.58 36.71
C HIS D 457 -4.00 17.55 35.86
N ASN D 458 -5.30 17.39 36.08
CA ASN D 458 -6.06 16.40 35.32
C ASN D 458 -6.03 16.67 33.83
N TYR D 459 -5.74 17.90 33.42
CA TYR D 459 -5.67 18.25 32.01
C TYR D 459 -4.25 18.48 31.51
N ASN D 460 -3.23 18.25 32.35
CA ASN D 460 -1.87 18.62 32.05
C ASN D 460 -0.95 17.41 31.86
N ILE D 461 -1.52 16.23 31.62
CA ILE D 461 -0.72 15.00 31.58
C ILE D 461 0.34 15.09 30.49
N LEU D 462 -0.05 15.54 29.30
CA LEU D 462 0.88 15.54 28.17
C LEU D 462 2.09 16.43 28.44
N ILE D 463 1.85 17.68 28.86
CA ILE D 463 2.94 18.62 29.04
C ILE D 463 3.82 18.22 30.21
N ALA D 464 3.21 17.77 31.32
CA ALA D 464 4.00 17.32 32.46
C ALA D 464 4.89 16.14 32.08
N THR D 465 4.33 15.16 31.37
CA THR D 465 5.11 14.02 30.93
C THR D 465 6.23 14.45 30.00
N LEU D 466 5.95 15.36 29.06
CA LEU D 466 6.98 15.79 28.13
C LEU D 466 8.11 16.48 28.87
N ARG D 467 7.77 17.35 29.83
CA ARG D 467 8.80 18.05 30.58
C ARG D 467 9.66 17.07 31.35
N VAL D 468 9.07 16.02 31.92
CA VAL D 468 9.87 15.06 32.66
C VAL D 468 10.73 14.22 31.72
N ALA D 469 10.20 13.85 30.55
CA ALA D 469 10.84 12.85 29.70
C ALA D 469 11.88 13.40 28.74
N LEU D 470 11.75 14.66 28.31
CA LEU D 470 12.59 15.14 27.22
C LEU D 470 14.10 14.97 27.46
N PRO D 471 14.66 15.27 28.64
CA PRO D 471 16.11 15.12 28.79
C PRO D 471 16.62 13.71 28.54
N SER D 472 15.96 12.71 29.14
CA SER D 472 16.39 11.33 28.94
C SER D 472 16.20 10.92 27.48
N VAL D 473 15.12 11.40 26.85
CA VAL D 473 14.89 11.08 25.44
C VAL D 473 16.00 11.64 24.57
N MET D 474 16.42 12.87 24.84
CA MET D 474 17.52 13.46 24.07
C MET D 474 18.81 12.68 24.27
N ARG D 475 19.10 12.28 25.51
CA ARG D 475 20.30 11.50 25.76
C ARG D 475 20.25 10.17 25.02
N PHE D 476 19.08 9.53 24.98
CA PHE D 476 18.91 8.28 24.25
C PHE D 476 19.10 8.48 22.74
N CYS D 477 18.54 9.57 22.22
CA CYS D 477 18.66 9.86 20.80
C CYS D 477 20.11 10.12 20.41
N CYS D 478 20.92 10.63 21.34
CA CYS D 478 22.34 10.84 21.05
C CYS D 478 22.98 9.54 20.56
N CYS D 479 22.70 8.43 21.25
CA CYS D 479 23.27 7.15 20.86
C CYS D 479 22.54 6.56 19.65
N VAL D 480 21.22 6.73 19.56
CA VAL D 480 20.50 6.14 18.44
C VAL D 480 20.88 6.78 17.11
N ALA D 481 21.22 8.08 17.12
CA ALA D 481 21.39 8.82 15.89
C ALA D 481 22.58 8.33 15.08
N VAL D 482 23.67 7.93 15.74
CA VAL D 482 24.83 7.47 14.99
C VAL D 482 24.52 6.18 14.25
N ILE D 483 23.79 5.26 14.90
CA ILE D 483 23.37 4.04 14.23
C ILE D 483 22.46 4.35 13.06
N TYR D 484 21.50 5.26 13.26
CA TYR D 484 20.58 5.63 12.20
C TYR D 484 21.33 6.21 11.00
N LEU D 485 22.29 7.12 11.26
CA LEU D 485 23.03 7.76 10.18
C LEU D 485 23.92 6.76 9.45
N GLY D 486 24.55 5.84 10.20
CA GLY D 486 25.32 4.80 9.55
C GLY D 486 24.48 3.98 8.58
N TYR D 487 23.29 3.57 9.03
CA TYR D 487 22.40 2.82 8.16
C TYR D 487 21.97 3.67 6.96
N CYS D 488 21.69 4.96 7.18
CA CYS D 488 21.28 5.83 6.09
C CYS D 488 22.36 5.89 5.01
N PHE D 489 23.61 6.14 5.39
CA PHE D 489 24.68 6.25 4.41
C PHE D 489 24.92 4.94 3.69
N CYS D 490 24.99 3.83 4.45
CA CYS D 490 25.19 2.53 3.84
C CYS D 490 24.10 2.23 2.81
N GLY D 491 22.84 2.38 3.21
CA GLY D 491 21.76 2.10 2.29
C GLY D 491 21.79 3.00 1.07
N TRP D 492 22.00 4.31 1.29
CA TRP D 492 21.99 5.26 0.18
C TRP D 492 23.03 4.89 -0.87
N ILE D 493 24.24 4.53 -0.46
CA ILE D 493 25.28 4.30 -1.44
C ILE D 493 25.24 2.89 -1.99
N VAL D 494 25.04 1.86 -1.16
CA VAL D 494 25.09 0.49 -1.66
C VAL D 494 23.82 0.14 -2.42
N LEU D 495 22.65 0.46 -1.87
CA LEU D 495 21.39 0.01 -2.44
C LEU D 495 20.75 1.01 -3.40
N GLY D 496 21.14 2.29 -3.33
CA GLY D 496 20.51 3.32 -4.12
C GLY D 496 20.47 3.08 -5.60
N PRO D 497 21.54 2.59 -6.22
CA PRO D 497 21.49 2.28 -7.66
C PRO D 497 20.49 1.19 -8.02
N TYR D 498 20.12 0.31 -7.08
CA TYR D 498 19.25 -0.81 -7.38
C TYR D 498 17.83 -0.67 -6.84
N HIS D 499 17.59 0.23 -5.90
CA HIS D 499 16.32 0.29 -5.18
C HIS D 499 15.70 1.68 -5.37
N VAL D 500 14.45 1.71 -5.83
CA VAL D 500 13.80 2.99 -6.12
C VAL D 500 13.66 3.84 -4.87
N LYS D 501 13.57 3.22 -3.69
CA LYS D 501 13.36 3.95 -2.45
C LYS D 501 14.64 4.42 -1.80
N PHE D 502 15.80 4.16 -2.40
CA PHE D 502 17.09 4.54 -1.84
C PHE D 502 17.87 5.49 -2.75
N ARG D 503 17.17 6.24 -3.60
CA ARG D 503 17.86 7.02 -4.63
C ARG D 503 18.64 8.18 -4.04
N SER D 504 18.09 8.85 -3.03
CA SER D 504 18.72 10.00 -2.41
C SER D 504 18.72 9.84 -0.90
N LEU D 505 19.51 10.66 -0.23
CA LEU D 505 19.64 10.55 1.22
C LEU D 505 18.32 10.83 1.93
N SER D 506 17.62 11.89 1.54
CA SER D 506 16.33 12.19 2.16
C SER D 506 15.33 11.07 1.90
N MET D 507 15.34 10.51 0.69
CA MET D 507 14.48 9.37 0.40
C MET D 507 14.83 8.17 1.27
N VAL D 508 16.12 7.93 1.49
CA VAL D 508 16.53 6.83 2.35
C VAL D 508 16.03 7.04 3.77
N SER D 509 16.16 8.26 4.27
CA SER D 509 15.68 8.54 5.62
C SER D 509 14.17 8.34 5.72
N GLU D 510 13.42 8.78 4.71
CA GLU D 510 11.99 8.54 4.71
C GLU D 510 11.67 7.05 4.72
N CYS D 511 12.38 6.26 3.91
CA CYS D 511 12.13 4.83 3.86
C CYS D 511 12.43 4.16 5.20
N LEU D 512 13.56 4.50 5.82
CA LEU D 512 13.92 3.89 7.09
C LEU D 512 12.96 4.30 8.20
N PHE D 513 12.58 5.58 8.24
CA PHE D 513 11.61 6.04 9.23
C PHE D 513 10.27 5.32 9.06
N SER D 514 9.82 5.14 7.82
CA SER D 514 8.58 4.41 7.59
C SER D 514 8.71 2.95 8.02
N LEU D 515 9.86 2.33 7.75
CA LEU D 515 10.06 0.95 8.19
C LEU D 515 9.98 0.82 9.70
N ILE D 516 10.58 1.78 10.43
CA ILE D 516 10.51 1.72 11.88
C ILE D 516 9.06 1.72 12.35
N ASN D 517 8.20 2.43 11.64
CA ASN D 517 6.79 2.49 11.98
C ASN D 517 5.97 1.38 11.34
N GLY D 518 6.63 0.38 10.75
CA GLY D 518 5.94 -0.77 10.20
C GLY D 518 5.24 -0.54 8.88
N ASP D 519 5.65 0.46 8.11
CA ASP D 519 4.95 0.84 6.89
C ASP D 519 5.79 0.49 5.67
N ASP D 520 5.13 -0.06 4.64
CA ASP D 520 5.72 -0.24 3.32
C ASP D 520 6.88 -1.24 3.36
N MET D 521 6.74 -2.28 4.18
CA MET D 521 7.83 -3.21 4.42
C MET D 521 7.96 -4.24 3.30
N PHE D 522 6.86 -4.91 2.95
CA PHE D 522 6.94 -5.97 1.96
C PHE D 522 7.38 -5.45 0.60
N VAL D 523 6.89 -4.28 0.20
N VAL D 523 6.87 -4.28 0.19
CA VAL D 523 7.28 -3.71 -1.09
CA VAL D 523 7.30 -3.72 -1.10
C VAL D 523 8.77 -3.35 -1.08
C VAL D 523 8.77 -3.37 -1.08
N THR D 524 9.27 -2.91 0.07
CA THR D 524 10.71 -2.67 0.20
C THR D 524 11.49 -3.96 -0.03
N PHE D 525 11.03 -5.07 0.56
CA PHE D 525 11.68 -6.35 0.31
C PHE D 525 11.56 -6.77 -1.16
N ALA D 526 10.38 -6.54 -1.75
CA ALA D 526 10.08 -7.06 -3.07
C ALA D 526 10.83 -6.31 -4.16
N ALA D 527 11.14 -5.04 -3.93
CA ALA D 527 11.90 -4.29 -4.92
C ALA D 527 13.26 -4.94 -5.20
N MET D 528 13.80 -5.68 -4.24
CA MET D 528 15.09 -6.33 -4.41
C MET D 528 14.99 -7.74 -4.98
N GLN D 529 13.79 -8.31 -5.07
CA GLN D 529 13.67 -9.67 -5.58
C GLN D 529 14.03 -9.77 -7.06
N ALA D 530 13.98 -8.66 -7.79
CA ALA D 530 14.39 -8.69 -9.20
C ALA D 530 15.90 -8.89 -9.34
N GLN D 531 16.68 -8.40 -8.37
CA GLN D 531 18.13 -8.52 -8.45
C GLN D 531 18.66 -9.86 -7.97
N GLN D 532 17.80 -10.74 -7.46
CA GLN D 532 18.28 -12.01 -6.94
C GLN D 532 18.97 -12.83 -8.02
N GLY D 533 18.48 -12.78 -9.26
CA GLY D 533 19.14 -13.44 -10.35
C GLY D 533 20.36 -12.66 -10.84
N ARG D 534 20.16 -11.39 -11.17
CA ARG D 534 21.25 -10.59 -11.72
C ARG D 534 22.39 -10.43 -10.74
N SER D 535 22.14 -9.75 -9.61
CA SER D 535 23.18 -9.42 -8.64
C SER D 535 22.86 -10.14 -7.33
N SER D 536 23.34 -11.38 -7.22
CA SER D 536 22.99 -12.21 -6.06
C SER D 536 23.63 -11.67 -4.78
N LEU D 537 24.88 -11.19 -4.86
CA LEU D 537 25.55 -10.69 -3.68
C LEU D 537 24.85 -9.44 -3.13
N VAL D 538 24.42 -8.55 -4.02
CA VAL D 538 23.67 -7.37 -3.59
C VAL D 538 22.36 -7.78 -2.94
N TRP D 539 21.69 -8.79 -3.50
CA TRP D 539 20.44 -9.25 -2.90
C TRP D 539 20.64 -9.80 -1.50
N LEU D 540 21.69 -10.60 -1.32
CA LEU D 540 21.99 -11.13 0.00
C LEU D 540 22.30 -10.02 0.99
N PHE D 541 23.12 -9.05 0.57
CA PHE D 541 23.43 -7.93 1.44
C PHE D 541 22.16 -7.17 1.80
N SER D 542 21.24 -6.99 0.85
CA SER D 542 20.01 -6.28 1.13
C SER D 542 19.15 -7.04 2.13
N GLN D 543 19.11 -8.37 2.02
CA GLN D 543 18.42 -9.17 3.02
C GLN D 543 18.98 -8.90 4.42
N LEU D 544 20.30 -9.01 4.56
CA LEU D 544 20.91 -8.78 5.86
C LEU D 544 20.62 -7.37 6.36
N TYR D 545 20.78 -6.39 5.49
CA TYR D 545 20.60 -4.99 5.85
C TYR D 545 19.18 -4.74 6.36
N LEU D 546 18.18 -5.13 5.58
CA LEU D 546 16.80 -4.84 5.95
C LEU D 546 16.39 -5.60 7.20
N TYR D 547 16.69 -6.89 7.27
CA TYR D 547 16.26 -7.67 8.44
C TYR D 547 16.90 -7.12 9.71
N SER D 548 18.21 -6.86 9.67
CA SER D 548 18.88 -6.35 10.86
C SER D 548 18.36 -4.98 11.26
N PHE D 549 18.18 -4.07 10.30
CA PHE D 549 17.67 -2.76 10.65
C PHE D 549 16.29 -2.84 11.29
N ILE D 550 15.38 -3.59 10.67
CA ILE D 550 14.02 -3.66 11.16
C ILE D 550 14.01 -4.26 12.56
N SER D 551 14.70 -5.38 12.75
CA SER D 551 14.71 -6.02 14.06
C SER D 551 15.25 -5.08 15.12
N LEU D 552 16.45 -4.53 14.89
CA LEU D 552 17.09 -3.69 15.89
C LEU D 552 16.22 -2.48 16.24
N PHE D 553 15.69 -1.79 15.23
CA PHE D 553 15.04 -0.52 15.52
C PHE D 553 13.60 -0.70 16.00
N ILE D 554 12.82 -1.61 15.40
CA ILE D 554 11.45 -1.78 15.85
C ILE D 554 11.42 -2.43 17.23
N TYR D 555 12.22 -3.47 17.46
CA TYR D 555 12.02 -4.26 18.66
C TYR D 555 12.87 -3.82 19.84
N MET D 556 13.97 -3.11 19.60
CA MET D 556 14.87 -2.71 20.66
C MET D 556 14.89 -1.20 20.88
N VAL D 557 15.16 -0.44 19.82
CA VAL D 557 15.29 1.01 19.97
C VAL D 557 13.95 1.64 20.30
N LEU D 558 12.93 1.40 19.46
CA LEU D 558 11.63 1.99 19.68
C LEU D 558 11.00 1.54 20.99
N SER D 559 11.25 0.28 21.38
CA SER D 559 10.75 -0.20 22.67
C SER D 559 11.23 0.67 23.81
N LEU D 560 12.54 0.93 23.87
CA LEU D 560 13.08 1.73 24.97
C LEU D 560 12.70 3.19 24.82
N PHE D 561 12.59 3.69 23.60
CA PHE D 561 12.10 5.05 23.39
C PHE D 561 10.73 5.23 24.02
N ILE D 562 9.82 4.29 23.78
CA ILE D 562 8.49 4.36 24.37
C ILE D 562 8.55 4.14 25.87
N ALA D 563 9.45 3.25 26.32
CA ALA D 563 9.55 2.96 27.75
C ALA D 563 9.98 4.18 28.55
N LEU D 564 10.86 5.00 27.99
CA LEU D 564 11.26 6.23 28.67
C LEU D 564 10.06 7.15 28.89
N ILE D 565 9.22 7.32 27.86
CA ILE D 565 8.06 8.20 27.96
C ILE D 565 7.05 7.65 28.96
N THR D 566 6.78 6.35 28.91
CA THR D 566 5.81 5.78 29.84
C THR D 566 6.34 5.80 31.27
N GLY D 567 7.66 5.64 31.46
CA GLY D 567 8.23 5.79 32.80
C GLY D 567 8.13 7.20 33.32
N ALA D 568 8.35 8.19 32.46
CA ALA D 568 8.14 9.57 32.87
C ALA D 568 6.69 9.79 33.28
N TYR D 569 5.74 9.25 32.52
CA TYR D 569 4.34 9.36 32.89
C TYR D 569 4.06 8.71 34.23
N ASP D 570 4.63 7.51 34.45
CA ASP D 570 4.47 6.86 35.74
C ASP D 570 5.00 7.74 36.87
N THR D 571 6.09 8.46 36.61
CA THR D 571 6.63 9.38 37.61
C THR D 571 5.64 10.50 37.90
N ILE D 572 5.15 11.19 36.87
CA ILE D 572 4.22 12.30 37.09
C ILE D 572 2.81 11.82 37.42
N LYS D 573 2.50 10.56 37.15
CA LYS D 573 1.19 10.00 37.46
C LYS D 573 0.86 10.20 38.94
C1 NAG E . 16.05 -23.64 -23.49
C2 NAG E . 16.44 -23.19 -22.07
C3 NAG E . 17.70 -23.94 -21.63
C4 NAG E . 17.34 -25.42 -21.61
C5 NAG E . 17.03 -25.83 -23.06
C6 NAG E . 16.64 -27.28 -23.20
C7 NAG E . 17.55 -21.05 -22.59
C8 NAG E . 17.53 -19.58 -22.28
N2 NAG E . 16.62 -21.77 -21.96
O3 NAG E . 18.10 -23.46 -20.38
O4 NAG E . 18.37 -26.17 -20.98
O5 NAG E . 15.95 -25.05 -23.54
O6 NAG E . 15.75 -27.63 -22.17
O7 NAG E . 18.36 -21.53 -23.38
C1 NAG E . 19.63 -26.18 -21.69
C2 NAG E . 20.68 -26.62 -20.67
C3 NAG E . 22.02 -26.97 -21.30
C4 NAG E . 21.84 -27.85 -22.53
C5 NAG E . 20.84 -27.16 -23.46
C6 NAG E . 20.62 -27.88 -24.77
C7 NAG E . 20.48 -25.64 -18.42
C8 NAG E . 20.79 -24.40 -17.60
N2 NAG E . 20.88 -25.56 -19.71
O3 NAG E . 22.79 -27.61 -20.33
O4 NAG E . 23.10 -28.02 -23.13
O5 NAG E . 19.61 -27.07 -22.77
O6 NAG E . 20.18 -29.20 -24.54
O7 NAG E . 19.93 -26.61 -17.94
C1 NAG F . -20.92 26.16 -15.70
C2 NAG F . -20.95 25.53 -14.31
C3 NAG F . -22.06 26.19 -13.48
C4 NAG F . -21.68 27.66 -13.36
C5 NAG F . -21.73 28.26 -14.77
C6 NAG F . -21.36 29.71 -14.83
C7 NAG F . -22.19 23.44 -14.80
C8 NAG F . -22.12 21.95 -14.69
N2 NAG F . -21.12 24.10 -14.33
O3 NAG F . -22.15 25.55 -12.24
O4 NAG F . -22.52 28.30 -12.41
O5 NAG F . -20.82 27.56 -15.59
O6 NAG F . -20.24 29.95 -14.01
O7 NAG F . -23.16 24.01 -15.30
C1 NAG F . -23.91 28.39 -12.79
C2 NAG F . -24.67 28.68 -11.48
C3 NAG F . -26.13 29.09 -11.73
C4 NAG F . -26.23 30.12 -12.84
C5 NAG F . -25.49 29.58 -14.06
C6 NAG F . -25.59 30.45 -15.29
C7 NAG F . -23.95 27.43 -9.50
C8 NAG F . -24.06 26.10 -8.79
N2 NAG F . -24.64 27.51 -10.65
O3 NAG F . -26.62 29.59 -10.51
O4 NAG F . -27.60 30.34 -13.09
O5 NAG F . -24.13 29.42 -13.71
O6 NAG F . -25.09 31.74 -15.01
O7 NAG F . -23.27 28.34 -9.05
C1 NAG G . -27.35 -17.52 -17.71
C2 NAG G . -26.63 -17.83 -16.39
C3 NAG G . -27.27 -19.05 -15.74
C4 NAG G . -28.72 -18.71 -15.47
C5 NAG G . -29.39 -18.49 -16.82
C6 NAG G . -30.85 -18.11 -16.72
C7 NAG G . -24.61 -18.95 -17.22
C8 NAG G . -23.10 -18.91 -17.20
N2 NAG G . -25.22 -17.99 -16.52
O3 NAG G . -26.55 -19.38 -14.58
O4 NAG G . -29.32 -19.70 -14.66
O5 NAG G . -28.73 -17.44 -17.49
O6 NAG G . -31.02 -17.16 -15.70
O7 NAG G . -25.21 -19.81 -17.86
C1 NAG G . -29.45 -21.00 -15.27
C2 NAG G . -29.67 -21.99 -14.13
C3 NAG G . -30.11 -23.37 -14.60
C4 NAG G . -31.22 -23.26 -15.65
C5 NAG G . -30.73 -22.31 -16.74
C6 NAG G . -31.68 -22.18 -17.92
C7 NAG G . -28.29 -21.65 -12.11
C8 NAG G . -26.92 -21.90 -11.52
N2 NAG G . -28.45 -22.11 -13.37
O3 NAG G . -30.55 -24.08 -13.48
O4 NAG G . -31.47 -24.56 -16.14
O5 NAG G . -30.53 -21.05 -16.16
O6 NAG G . -32.93 -21.73 -17.47
O7 NAG G . -29.17 -21.07 -11.49
C1 NAG H . 22.48 20.04 -21.48
C2 NAG H . 22.12 20.16 -19.99
C3 NAG H . 22.91 21.32 -19.37
C4 NAG H . 24.38 20.95 -19.51
C5 NAG H . 24.70 20.92 -21.00
C6 NAG H . 26.13 20.55 -21.31
C7 NAG H . 19.97 21.36 -20.17
C8 NAG H . 18.51 21.28 -19.78
N2 NAG H . 20.70 20.32 -19.76
O3 NAG H . 22.51 21.48 -18.04
O4 NAG H . 25.18 21.84 -18.74
O5 NAG H . 23.88 19.95 -21.63
O6 NAG H . 26.52 19.49 -20.48
O7 NAG H . 20.41 22.30 -20.82
C1 NAG H . 25.17 23.21 -19.21
C2 NAG H . 25.68 24.06 -18.04
C3 NAG H . 26.02 25.50 -18.43
C4 NAG H . 26.82 25.53 -19.72
C5 NAG H . 26.07 24.73 -20.78
C6 NAG H . 26.70 24.75 -22.15
C7 NAG H . 24.83 23.44 -15.81
C8 NAG H . 23.65 23.60 -14.88
N2 NAG H . 24.69 24.07 -16.99
O3 NAG H . 26.72 26.06 -17.37
O4 NAG H . 26.97 26.89 -20.08
O5 NAG H . 26.00 23.39 -20.32
O6 NAG H . 28.03 24.27 -22.08
O7 NAG H . 25.82 22.80 -15.50
C1 LNK I . 41.34 -6.49 -2.26
C2 LNK I . 41.93 -7.41 -1.20
C3 LNK I . 42.74 -6.66 -0.16
C4 LNK I . 43.23 -7.54 0.98
C5 LNK I . 43.86 -6.75 2.11
C1 OCT J . 37.05 -10.66 -4.32
C2 OCT J . 37.93 -10.56 -3.08
C3 OCT J . 37.18 -10.08 -1.86
C4 OCT J . 37.92 -10.36 -0.55
C5 OCT J . 37.52 -9.41 0.58
C6 OCT J . 38.01 -9.87 1.94
C7 OCT J . 37.80 -8.84 3.04
C8 OCT J . 37.48 -9.47 4.39
C1 OCT K . 30.69 -2.55 26.87
C2 OCT K . 30.28 -4.02 27.00
C3 OCT K . 29.46 -4.51 25.80
C4 OCT K . 30.11 -5.67 25.06
C5 OCT K . 31.34 -5.25 24.26
C6 OCT K . 31.13 -5.33 22.76
C7 OCT K . 30.04 -4.41 22.24
C8 OCT K . 30.00 -4.35 20.72
C27 R16 L . 14.84 -18.40 -3.53
C28 R16 L . 15.07 -18.51 -2.03
C29 R16 L . 16.51 -18.81 -1.66
C30 R16 L . 16.71 -19.32 -0.23
C31 R16 L . 16.94 -18.21 0.79
C32 R16 L . 16.79 -18.67 2.23
C33 R16 L . 15.34 -18.80 2.70
C34 R16 L . 14.86 -17.61 3.52
C35 R16 L . 14.98 -17.81 5.03
C36 R16 L . 13.84 -18.61 5.63
C37 R16 L . 13.71 -18.45 7.14
C38 R16 L . 14.91 -18.97 7.92
C39 R16 L . 15.08 -18.36 9.31
C40 R16 L . 14.41 -19.16 10.42
C41 R16 L . 14.79 -18.67 11.82
C42 R16 L . 16.24 -18.97 12.19
C1 HEX M . 33.14 -12.80 -3.42
C2 HEX M . 32.28 -11.89 -2.56
C3 HEX M . 32.72 -11.85 -1.10
C4 HEX M . 32.25 -10.60 -0.37
C5 HEX M . 32.08 -10.79 1.13
C6 HEX M . 32.07 -9.49 1.91
C1 EUJ N . 46.05 4.78 25.36
C2 EUJ N . 44.57 4.68 25.71
C3 EUJ N . 44.34 3.60 26.75
C4 EUJ N . 45.17 3.86 28.00
C5 EUJ N . 46.65 3.93 27.64
C6 EUJ N . 46.89 5.03 26.61
O1 EUJ N . 46.25 5.89 24.43
O2 EUJ N . 44.12 5.93 26.20
O3 EUJ N . 42.93 3.57 27.13
O4 EUJ N . 44.95 2.81 28.95
O5 EUJ N . 47.41 4.24 28.84
O6 EUJ N . 48.27 5.07 26.26
P1 EUJ N . 45.76 5.87 22.90
O11 EUJ N . 44.55 6.74 22.75
O12 EUJ N . 45.68 4.44 22.43
O13 EUJ N . 47.04 6.55 22.21
P3 EUJ N . 41.79 2.94 26.18
O31 EUJ N . 41.74 3.78 24.91
O32 EUJ N . 40.49 3.01 26.96
O33 EUJ N . 42.23 1.52 25.91
P5 EUJ N . 48.97 3.85 29.01
O51 EUJ N . 49.04 2.34 28.90
O52 EUJ N . 49.73 4.53 27.88
O53 EUJ N . 49.40 4.36 30.37
C1A EUJ N . 50.14 8.25 20.18
C1B EUJ N . 52.05 4.43 20.95
C1C EUJ N . 48.31 5.85 22.27
C2A EUJ N . 50.04 8.57 18.72
C2B EUJ N . 53.09 4.75 22.00
C2C EUJ N . 49.45 6.79 21.95
C3A EUJ N . 51.33 8.35 17.99
C3B EUJ N . 54.33 3.92 21.89
C3C EUJ N . 50.80 6.13 22.10
C4A EUJ N . 51.29 8.81 16.54
C4B EUJ N . 54.06 2.45 22.11
C5A EUJ N . 51.05 10.28 16.36
C5B EUJ N . 55.29 1.57 21.96
C6A EUJ N . 51.31 10.79 14.96
C6B EUJ N . 55.02 0.09 22.13
C7A EUJ N . 50.48 10.12 13.89
C7B EUJ N . 54.44 -0.30 23.47
C8A EUJ N . 50.77 10.64 12.50
C8B EUJ N . 55.32 0.05 24.65
O1A EUJ N . 50.86 8.83 20.96
O1B EUJ N . 52.23 3.62 20.09
O2C EUJ N . 49.33 7.26 20.58
O3C EUJ N . 50.92 5.15 21.05
C1 A1IV1 O . 10.47 -10.33 16.76
C3 A1IV1 O . 9.23 -10.67 14.66
C7 A1IV1 O . 9.81 -13.45 16.03
C8 A1IV1 O . 10.98 -13.71 16.71
C10 A1IV1 O . 11.59 -15.28 15.03
C15 A1IV1 O . 12.82 -15.39 11.96
C16 A1IV1 O . 13.41 -14.13 11.32
C19 A1IV1 O . 15.82 -13.87 10.31
C22 A1IV1 O . 17.13 -14.82 6.85
C23 A1IV1 O . 17.02 -14.14 5.64
C24 A1IV1 O . 17.82 -14.48 4.57
C25 A1IV1 O . 18.75 -15.47 4.69
C27 A1IV1 O . 18.90 -16.17 5.87
C28 A1IV1 O . 18.10 -15.85 6.93
C31 A1IV1 O . 13.96 -14.21 8.78
C35 A1IV1 O . 15.08 -12.53 14.92
C36 A1IV1 O . 14.62 -13.83 14.80
C37 A1IV1 O . 14.08 -14.27 13.61
C38 A1IV1 O . 10.42 -15.02 14.35
C39 A1IV1 O . 9.52 -14.11 14.85
C17 A1IV1 O . 12.27 -13.25 10.81
C18 A1IV1 O . 14.43 -14.48 10.20
C20 A1IV1 O . 16.76 -14.54 9.32
C30 A1IV1 O . 14.89 -14.86 7.77
C32 A1IV1 O . 14.03 -13.42 12.51
C33 A1IV1 O . 14.50 -12.12 12.63
C34 A1IV1 O . 15.02 -11.68 13.83
C9 A1IV1 O . 11.87 -14.62 16.21
F29 A1IV1 O . 18.27 -16.55 8.07
N14 A1IV1 O . 13.55 -15.54 13.27
N2 A1IV1 O . 9.27 -10.88 16.12
N21 A1IV1 O . 16.28 -14.45 7.93
O12 A1IV1 O . 12.07 -17.47 13.70
O13 A1IV1 O . 13.68 -16.75 15.44
O5 A1IV1 O . 7.41 -12.47 16.06
O6 A1IV1 O . 8.80 -12.24 18.10
S11 A1IV1 O . 12.75 -16.43 14.40
S4 A1IV1 O . 8.67 -12.28 16.68
CL26 A1IV1 O . 19.76 -15.87 3.32
H41 A1IV1 O . 10.37 -9.36 16.85
H40 A1IV1 O . 11.25 -10.53 16.23
H42 A1IV1 O . 10.57 -10.72 17.65
H45 A1IV1 O . 8.80 -11.44 14.23
H44 A1IV1 O . 10.13 -10.57 14.31
H43 A1IV1 O . 8.71 -9.86 14.46
H46 A1IV1 O . 11.17 -13.25 17.54
H49 A1IV1 O . 12.97 -16.18 11.40
H48 A1IV1 O . 11.87 -15.28 12.11
H54 A1IV1 O . 15.78 -12.90 10.13
H55 A1IV1 O . 16.18 -14.00 11.21
H58 A1IV1 O . 16.38 -13.45 5.55
H59 A1IV1 O . 17.73 -14.01 3.74
H60 A1IV1 O . 19.55 -16.87 5.94
H63 A1IV1 O . 13.05 -14.58 8.65
H64 A1IV1 O . 13.92 -13.25 8.61
H67 A1IV1 O . 15.45 -12.22 15.75
H68 A1IV1 O . 14.65 -14.41 15.54
H69 A1IV1 O . 10.22 -15.48 13.52
H70 A1IV1 O . 8.70 -13.93 14.38
H51 A1IV1 O . 11.69 -13.76 10.21
H50 A1IV1 O . 12.64 -12.47 10.33
H52 A1IV1 O . 11.75 -12.93 11.57
H53 A1IV1 O . 14.56 -15.45 10.26
H57 A1IV1 O . 17.64 -14.14 9.39
H56 A1IV1 O . 16.83 -15.49 9.57
H61 A1IV1 O . 14.83 -15.84 7.86
H62 A1IV1 O . 14.59 -14.63 6.87
H65 A1IV1 O . 14.46 -11.53 11.88
H66 A1IV1 O . 15.35 -10.79 13.90
H47 A1IV1 O . 12.69 -14.81 16.68
C27 R16 P . -18.50 -15.10 0.81
C28 R16 P . -18.33 -15.23 2.32
C29 R16 P . -18.51 -16.67 2.81
C30 R16 P . -18.79 -16.79 4.31
C31 R16 P . -17.52 -16.91 5.15
C32 R16 P . -17.76 -16.68 6.64
C33 R16 P . -17.74 -15.21 7.04
C34 R16 P . -16.40 -14.74 7.60
C35 R16 P . -16.33 -14.75 9.12
C36 R16 P . -17.03 -13.56 9.79
C37 R16 P . -16.60 -13.33 11.22
C38 R16 P . -16.95 -14.47 12.16
C39 R16 P . -16.09 -14.55 13.41
C40 R16 P . -16.68 -13.84 14.62
C41 R16 P . -15.93 -14.13 15.93
C42 R16 P . -16.13 -15.56 16.42
C1 LNK Q . -40.54 6.08 8.71
C2 LNK Q . -40.84 6.85 9.98
C3 LNK Q . -41.39 5.96 11.09
C4 LNK Q . -41.56 6.69 12.42
C5 LNK Q . -41.92 5.74 13.56
C1 OCT R . -36.82 10.54 6.21
C2 OCT R . -37.38 10.28 7.60
C3 OCT R . -36.35 9.65 8.54
C4 OCT R . -36.75 9.75 10.01
C5 OCT R . -36.10 8.68 10.88
C6 OCT R . -36.24 8.96 12.37
C7 OCT R . -35.79 7.80 13.25
C8 OCT R . -35.13 8.25 14.54
C1 OCT S . -23.18 -1.33 33.64
C2 OCT S . -22.73 0.11 33.84
C3 OCT S . -22.21 0.76 32.55
C4 OCT S . -23.01 1.99 32.15
C5 OCT S . -24.41 1.66 31.62
C6 OCT S . -24.57 1.93 30.14
C7 OCT S . -23.65 1.10 29.25
C8 OCT S . -23.98 1.23 27.78
C1 HEX T . -32.76 12.60 6.38
C2 HEX T . -31.70 11.66 6.93
C3 HEX T . -31.86 11.36 8.41
C4 HEX T . -31.20 10.04 8.83
C5 HEX T . -30.67 10.06 10.25
C6 HEX T . -30.49 8.67 10.84
C1 EUJ U . -38.56 -8.65 35.00
C2 EUJ U . -37.05 -8.58 34.98
C3 EUJ U . -36.55 -7.63 36.07
C4 EUJ U . -37.05 -8.05 37.43
C5 EUJ U . -38.57 -8.11 37.44
C6 EUJ U . -39.08 -9.07 36.37
O1 EUJ U . -39.00 -9.63 34.01
O2 EUJ U . -36.50 -9.88 35.19
O3 EUJ U . -35.09 -7.64 36.08
O4 EUJ U . -36.58 -7.14 38.42
O5 EUJ U . -39.02 -8.57 38.76
O6 EUJ U . -40.50 -9.10 36.36
P1 EUJ U . -38.91 -9.42 32.43
O11 EUJ U . -37.79 -10.25 31.87
O12 EUJ U . -38.92 -7.94 32.13
O13 EUJ U . -40.32 -10.03 31.99
P3 EUJ U . -34.20 -6.88 34.98
O31 EUJ U . -34.47 -7.55 33.64
O32 EUJ U . -32.75 -7.02 35.39
O33 EUJ U . -34.67 -5.44 34.99
P5 EUJ U . -40.48 -8.24 39.33
O51 EUJ U . -40.56 -6.73 39.44
O52 EUJ U . -41.50 -8.79 38.36
O53 EUJ U . -40.57 -8.90 40.69
C1A EUJ U . -43.84 -11.51 30.57
C1B EUJ U . -45.45 -7.84 32.26
C1C EUJ U . -41.52 -9.36 32.44
C2A EUJ U . -44.11 -11.64 29.10
C2B EUJ U . -46.20 -8.32 33.48
C2C EUJ U . -42.72 -10.27 32.29
C3A EUJ U . -45.53 -11.35 28.74
C3B EUJ U . -47.41 -7.49 33.78
C3C EUJ U . -43.99 -9.66 32.84
C4A EUJ U . -45.85 -11.62 27.28
C4B EUJ U . -47.09 -6.05 34.11
C5A EUJ U . -45.70 -13.06 26.86
C5B EUJ U . -48.30 -5.19 34.38
C6A EUJ U . -46.28 -13.39 25.52
C6B EUJ U . -47.98 -3.74 34.67
C7A EUJ U . -45.74 -12.58 24.37
C7B EUJ U . -47.08 -3.51 35.86
C8A EUJ U . -46.36 -12.92 23.03
C8B EUJ U . -47.66 -4.02 37.16
O1A EUJ U . -44.36 -12.19 31.42
O1B EUJ U . -45.82 -6.94 31.58
O2C EUJ U . -42.94 -10.56 30.89
O3C EUJ U . -44.35 -8.55 32.00
C1 A1IV1 V . -5.90 7.97 19.98
C3 A1IV1 V . -5.21 8.59 17.69
C7 A1IV1 V . -5.40 11.18 19.50
C8 A1IV1 V . -6.37 11.32 20.47
C10 A1IV1 V . -7.34 13.08 19.20
C15 A1IV1 V . -9.29 13.56 16.57
C16 A1IV1 V . -10.03 12.37 15.93
C19 A1IV1 V . -12.62 12.21 15.51
C22 A1IV1 V . -14.71 13.57 12.63
C23 A1IV1 V . -14.91 13.05 11.34
C24 A1IV1 V . -15.94 13.51 10.55
C25 A1IV1 V . -16.80 14.47 11.02
C27 A1IV1 V . -16.65 15.01 12.28
C28 A1IV1 V . -15.62 14.56 13.07
C31 A1IV1 V . -11.17 12.77 13.63
C35 A1IV1 V . -10.80 10.32 19.60
C36 A1IV1 V . -10.35 11.63 19.53
C37 A1IV1 V . -10.12 12.22 18.31
C38 A1IV1 V . -6.37 12.94 18.21
C39 A1IV1 V . -5.40 11.98 18.38
C17 A1IV1 V . -9.06 11.58 15.05
C18 A1IV1 V . -11.29 12.85 15.14
C20 A1IV1 V . -13.75 12.98 14.87
C30 A1IV1 V . -12.31 13.53 12.96
C32 A1IV1 V . -10.35 11.52 17.13
C33 A1IV1 V . -10.79 10.21 17.19
C34 A1IV1 V . -11.02 9.61 18.43
C9 A1IV1 V . -7.34 12.28 20.32
F29 A1IV1 V . -15.50 15.11 14.30
N14 A1IV1 V . -9.66 13.53 18.02
N2 A1IV1 V . -4.89 8.62 19.13
N21 A1IV1 V . -13.63 13.08 13.41
O12 A1IV1 V . -8.09 15.41 18.31
O13 A1IV1 V . -9.24 14.45 20.28
O5 A1IV1 V . -3.08 10.23 18.81
O6 A1IV1 V . -3.92 9.73 21.09
S11 A1IV1 V . -8.60 14.29 19.02
S4 A1IV1 V . -4.16 9.95 19.70
CL26 A1IV1 V . -18.10 15.02 10.00
H41 A1IV1 V . -5.80 7.01 19.91
H40 A1IV1 V . -6.79 8.23 19.68
H42 A1IV1 V . -5.78 8.25 20.91
H45 A1IV1 V . -4.88 9.41 17.27
H44 A1IV1 V . -6.18 8.53 17.57
H43 A1IV1 V . -4.79 7.81 17.28
H46 A1IV1 V . -6.36 10.76 21.25
H49 A1IV1 V . -9.55 14.41 16.16
H48 A1IV1 V . -8.32 13.45 16.46
H54 A1IV1 V . -12.64 11.28 15.21
H55 A1IV1 V . -12.74 12.22 16.48
H58 A1IV1 V . -14.32 12.39 11.02
H59 A1IV1 V . -16.07 13.15 9.68
H60 A1IV1 V . -17.25 15.68 12.60
H63 A1IV1 V . -10.32 13.17 13.34
H64 A1IV1 V . -11.19 11.84 13.34
H67 A1IV1 V . -10.96 9.90 20.45
H68 A1IV1 V . -10.20 12.11 20.33
H69 A1IV1 V . -6.38 13.49 17.44
H70 A1IV1 V . -4.72 11.87 17.70
H51 A1IV1 V . -8.64 12.18 14.40
H50 A1IV1 V . -9.55 10.87 14.58
H52 A1IV1 V . -8.37 11.18 15.61
H53 A1IV1 V . -11.38 13.80 15.36
H57 A1IV1 V . -14.60 12.57 15.10
H56 A1IV1 V . -13.75 13.90 15.25
H61 A1IV1 V . -12.22 14.49 13.16
H62 A1IV1 V . -12.24 13.42 12.00
H65 A1IV1 V . -10.95 9.72 16.39
H66 A1IV1 V . -11.34 8.71 18.47
H47 A1IV1 V . -8.00 12.38 21.00
C27 R16 W . 18.38 15.17 -1.81
C28 R16 W . 18.58 15.11 -0.30
C29 R16 W . 18.93 16.47 0.31
C30 R16 W . 19.52 16.38 1.70
C31 R16 W . 18.48 16.42 2.81
C32 R16 W . 19.02 16.00 4.18
C33 R16 W . 19.15 14.50 4.36
C34 R16 W . 18.01 13.86 5.15
C35 R16 W . 18.30 13.71 6.64
C36 R16 W . 19.11 12.47 6.97
C37 R16 W . 19.04 12.06 8.44
C38 R16 W . 19.62 13.10 9.39
C39 R16 W . 19.09 13.02 10.82
C40 R16 W . 19.94 12.15 11.74
C41 R16 W . 19.55 12.26 13.21
C42 R16 W . 19.88 13.61 13.83
C27 R16 X . -14.95 18.47 2.58
C28 R16 X . -14.82 18.38 4.08
C29 R16 X . -16.14 18.64 4.80
C30 R16 X . -15.99 18.95 6.28
C31 R16 X . -15.94 17.71 7.17
C32 R16 X . -15.45 17.97 8.59
C33 R16 X . -13.93 18.06 8.69
C34 R16 X . -13.28 16.79 9.22
C35 R16 X . -13.03 16.81 10.73
C36 R16 X . -11.75 17.53 11.13
C37 R16 X . -11.26 17.18 12.53
C38 R16 X . -12.24 17.57 13.64
C39 R16 X . -12.07 16.80 14.94
C40 R16 X . -11.15 17.46 15.95
C41 R16 X . -11.17 16.81 17.32
C42 R16 X . -12.48 17.02 18.06
C1 LNK Y . -6.17 -41.43 1.39
C2 LNK Y . -6.87 -41.95 2.63
C3 LNK Y . -5.93 -42.71 3.56
C4 LNK Y . -6.57 -43.12 4.87
C5 LNK Y . -5.57 -43.68 5.88
C1 OCT Z . -10.72 -37.29 -0.10
C2 OCT Z . -10.38 -38.10 1.14
C3 OCT Z . -9.68 -37.27 2.21
C4 OCT Z . -9.69 -37.92 3.59
C5 OCT Z . -8.57 -37.45 4.50
C6 OCT Z . -8.76 -37.86 5.95
C7 OCT Z . -7.55 -37.59 6.83
C8 OCT Z . -7.92 -37.19 8.24
C1 OCT AA . 2.94 -29.03 28.61
C2 OCT AA . 1.52 -28.61 28.99
C3 OCT AA . 0.81 -27.88 27.86
C4 OCT AA . -0.47 -28.58 27.39
C5 OCT AA . -0.19 -29.85 26.59
C6 OCT AA . -0.55 -29.74 25.12
C7 OCT AA . 0.25 -28.67 24.37
C8 OCT AA . 0.02 -28.72 22.87
C1 HEX BA . -12.71 -33.33 0.95
C2 HEX BA . -11.67 -32.42 1.58
C3 HEX BA . -11.34 -32.78 3.02
C4 HEX BA . -9.99 -32.26 3.48
C5 HEX BA . -9.91 -31.99 4.98
C6 HEX BA . -8.49 -31.94 5.51
C1 EUJ CA . 10.09 -44.43 26.66
C2 EUJ CA . 10.04 -42.93 26.93
C3 EUJ CA . 9.16 -42.65 28.15
C4 EUJ CA . 9.66 -43.41 29.37
C5 EUJ CA . 9.70 -44.89 29.08
C6 EUJ CA . 10.59 -45.19 27.88
O1 EUJ CA . 11.02 -44.68 25.55
O2 EUJ CA . 11.36 -42.43 27.16
O3 EUJ CA . 9.19 -41.21 28.44
O4 EUJ CA . 8.80 -43.14 30.47
O5 EUJ CA . 10.23 -45.58 30.26
O6 EUJ CA . 10.59 -46.59 27.60
P1 EUJ CA . 10.70 -44.28 24.03
O11 EUJ CA . 11.51 -43.07 23.64
O12 EUJ CA . 9.21 -44.23 23.83
O13 EUJ CA . 11.27 -45.59 23.30
P3 EUJ CA . 8.37 -40.14 27.56
O31 EUJ CA . 8.97 -40.16 26.17
O32 EUJ CA . 8.56 -38.80 28.24
O33 EUJ CA . 6.94 -40.60 27.58
P5 EUJ CA . 9.89 -47.13 30.57
O51 EUJ CA . 8.39 -47.21 30.76
O52 EUJ CA . 10.37 -47.96 29.39
O53 EUJ CA . 10.65 -47.48 31.85
C1A EUJ CA . 12.61 -48.80 21.17
C1B EUJ CA . 9.02 -50.68 22.75
C1C EUJ CA . 10.62 -46.86 23.56
C2A EUJ CA . 12.65 -48.80 19.67
C2B EUJ CA . 9.56 -51.64 23.78
C2C EUJ CA . 11.49 -48.02 23.14
C3A EUJ CA . 12.31 -50.13 19.08
C3B EUJ CA . 8.74 -52.89 23.89
C3C EUJ CA . 10.89 -49.36 23.49
C4A EUJ CA . 12.49 -50.17 17.57
C4B EUJ CA . 7.32 -52.63 24.37
C5A EUJ CA . 13.91 -49.94 17.09
C5B EUJ CA . 6.45 -53.86 24.46
C6A EUJ CA . 14.15 -50.28 15.65
C6B EUJ CA . 5.02 -53.59 24.89
C7A EUJ CA . 13.28 -49.52 14.67
C7B EUJ CA . 4.88 -52.93 26.24
C8A EUJ CA . 13.54 -49.89 13.22
C8B EUJ CA . 5.46 -53.74 27.38
O1A EUJ CA . 13.33 -49.46 21.86
O1B EUJ CA . 8.07 -50.91 22.06
O2C EUJ CA . 11.69 -47.97 21.69
O3C EUJ CA . 9.73 -49.55 22.65
C1 A1IV1 DA . -6.88 -9.49 18.98
C3 A1IV1 DA . -7.63 -8.38 16.90
C7 A1IV1 DA . -10.11 -8.88 18.79
C8 A1IV1 DA . -10.20 -10.01 19.58
C10 A1IV1 DA . -12.05 -10.73 18.26
C15 A1IV1 DA . -12.71 -12.14 15.34
C16 A1IV1 DA . -11.58 -12.77 14.50
C19 A1IV1 DA . -11.48 -15.23 13.61
C22 A1IV1 DA . -13.03 -16.75 10.47
C23 A1IV1 DA . -12.60 -16.71 9.15
C24 A1IV1 DA . -13.11 -17.57 8.21
C25 A1IV1 DA . -14.06 -18.50 8.57
C27 A1IV1 DA . -14.52 -18.58 9.86
C28 A1IV1 DA . -14.02 -17.72 10.79
C31 A1IV1 DA . -12.13 -13.46 12.06
C35 A1IV1 DA . -9.32 -14.21 17.84
C36 A1IV1 DA . -10.63 -13.76 17.94
C37 A1IV1 DA . -11.28 -13.30 16.82
C38 A1IV1 DA . -11.95 -9.60 17.47
C39 A1IV1 DA . -10.97 -8.67 17.74
C17 A1IV1 DA . -10.83 -11.66 13.77
C18 A1IV1 DA . -12.12 -13.85 13.53
C20 A1IV1 DA . -12.30 -16.23 12.82
C30 A1IV1 DA . -12.94 -14.45 11.24
C32 A1IV1 DA . -10.66 -13.30 15.58
C33 A1IV1 DA . -9.35 -13.76 15.48
C34 A1IV1 DA . -8.69 -14.22 16.61
C9 A1IV1 DA . -11.18 -10.94 19.31
F29 A1IV1 DA . -14.48 -17.83 12.06
N14 A1IV1 DA . -12.61 -12.79 16.69
N2 A1IV1 DA . -7.56 -8.33 18.37
N21 A1IV1 DA . -12.48 -15.83 11.41
O12 A1IV1 DA . -14.45 -11.29 17.39
O13 A1IV1 DA . -13.39 -12.79 19.05
O5 A1IV1 DA . -9.16 -6.49 18.50
O6 A1IV1 DA . -8.54 -7.75 20.54
S11 A1IV1 DA . -13.29 -11.93 17.92
S4 A1IV1 DA . -8.85 -7.71 19.14
CL26 A1IV1 DA . -14.68 -19.59 7.35
H41 A1IV1 DA . -5.91 -9.38 18.87
H40 A1IV1 DA . -7.17 -10.30 18.53
H42 A1IV1 DA . -7.10 -9.54 19.92
H45 A1IV1 DA . -8.47 -7.97 16.60
H44 A1IV1 DA . -7.59 -9.31 16.59
H43 A1IV1 DA . -6.87 -7.89 16.53
H46 A1IV1 DA . -9.60 -10.15 20.31
H49 A1IV1 DA . -13.60 -12.32 14.94
H48 A1IV1 DA . -12.60 -11.18 15.41
H54 A1IV1 DA . -10.56 -15.20 13.25
H55 A1IV1 DA . -11.44 -15.53 14.54
H58 A1IV1 DA . -11.94 -16.07 8.89
H59 A1IV1 DA . -12.80 -17.53 7.30
H60 A1IV1 DA . -15.18 -19.23 10.10
H63 A1IV1 DA . -12.53 -12.57 11.96
H64 A1IV1 DA . -11.21 -13.43 11.72
H67 A1IV1 DA . -8.86 -14.53 18.62
H68 A1IV1 DA . -11.06 -13.76 18.78
H69 A1IV1 DA . -12.55 -9.46 16.74
H70 A1IV1 DA . -10.89 -7.88 17.20
H51 A1IV1 DA . -11.45 -11.12 13.25
H50 A1IV1 DA . -10.16 -12.05 13.18
H52 A1IV1 DA . -10.38 -11.08 14.43
H53 A1IV1 DA . -13.06 -13.98 13.78
H57 A1IV1 DA . -11.89 -17.11 12.86
H56 A1IV1 DA . -13.19 -16.29 13.25
H61 A1IV1 DA . -13.88 -14.40 11.51
H62 A1IV1 DA . -12.88 -14.21 10.30
H65 A1IV1 DA . -8.92 -13.77 14.63
H66 A1IV1 DA . -7.79 -14.54 16.53
H47 A1IV1 DA . -11.26 -11.73 19.85
C1 LNK EA . 6.97 41.01 5.05
C2 LNK EA . 7.96 41.39 6.15
C3 LNK EA . 7.29 42.00 7.36
C4 LNK EA . 8.23 42.26 8.52
C5 LNK EA . 7.52 42.68 9.80
C1 OCT FA . 10.95 37.17 1.99
C2 OCT FA . 10.94 37.81 3.37
C3 OCT FA . 10.51 36.84 4.47
C4 OCT FA . 10.87 37.31 5.87
C5 OCT FA . 10.00 36.72 6.96
C6 OCT FA . 10.53 36.94 8.36
C7 OCT FA . 9.57 36.54 9.46
C8 OCT FA . 10.27 35.97 10.68
C1 OCT GA . 4.57 25.15 31.89
C2 OCT GA . 6.03 24.72 31.85
C3 OCT GA . 6.44 24.13 30.50
C4 OCT GA . 7.57 24.90 29.82
C5 OCT GA . 7.12 26.25 29.29
C6 OCT GA . 7.10 26.33 27.77
C7 OCT GA . 6.14 25.36 27.11
C8 OCT GA . 5.99 25.59 25.62
C1 HEX HA . 13.08 33.15 2.02
C2 HEX HA . 12.21 32.14 2.76
C3 HEX HA . 12.26 32.30 4.27
C4 HEX HA . 11.04 31.71 4.98
C5 HEX HA . 11.32 31.27 6.41
C6 HEX HA . 10.06 31.12 7.25
C1 EUJ IA . -2.60 40.55 33.70
C2 EUJ IA . -2.51 39.04 33.75
C3 EUJ IA . -1.37 38.61 34.67
C4 EUJ IA . -1.53 39.19 36.06
C5 EUJ IA . -1.61 40.71 35.99
C6 EUJ IA . -2.76 41.15 35.09
O1 EUJ IA . -3.76 40.93 32.89
O2 EUJ IA . -3.74 38.50 34.23
O3 EUJ IA . -1.35 37.16 34.78
O4 EUJ IA . -0.44 38.80 36.89
O5 EUJ IA . -1.83 41.24 37.34
O6 EUJ IA . -2.81 42.57 35.00
P1 EUJ IA . -3.83 40.74 31.30
O11 EUJ IA . -4.73 39.58 30.97
O12 EUJ IA . -2.44 40.73 30.73
O13 EUJ IA . -4.54 42.12 30.90
P3 EUJ IA . -0.80 36.21 33.60
O31 EUJ IA . -1.70 36.39 32.40
O32 EUJ IA . -0.83 34.79 34.13
O33 EUJ IA . 0.62 36.68 33.33
P5 EUJ IA . -1.41 42.74 37.76
O51 EUJ IA . 0.09 42.82 37.58
O52 EUJ IA . -2.15 43.69 36.84
O53 EUJ IA . -1.81 42.91 39.20
C1A EUJ IA . -6.31 45.55 29.58
C1B EUJ IA . -2.41 47.27 30.46
C1C EUJ IA . -3.82 43.35 31.15
C2A EUJ IA . -6.72 45.73 28.15
C2B EUJ IA . -2.67 48.09 31.70
C2C EUJ IA . -4.75 44.54 31.10
C3A EUJ IA . -6.51 47.13 27.66
C3B EUJ IA . -1.83 49.33 31.77
C3C EUJ IA . -4.07 45.83 31.46
C4A EUJ IA . -7.05 47.35 26.25
C4B EUJ IA . -0.34 49.03 31.85
C5A EUJ IA . -8.54 47.17 26.11
C5B EUJ IA . 0.55 50.25 31.88
C6A EUJ IA . -9.12 47.68 24.83
C6B EUJ IA . 2.03 49.95 31.91
C7A EUJ IA . -8.53 47.06 23.58
C7B EUJ IA . 2.49 49.13 33.09
C8A EUJ IA . -9.13 47.61 22.30
C8B EUJ IA . 2.21 49.77 34.43
O1A EUJ IA . -6.83 46.11 30.51
O1B EUJ IA . -1.66 47.60 29.60
O2C EUJ IA . -5.30 44.67 29.76
O3C EUJ IA . -3.14 46.15 30.40
C1 A1IV1 JA . 11.44 7.13 17.77
C3 A1IV1 JA . 11.64 6.30 15.45
C7 A1IV1 JA . 14.52 6.60 16.73
C8 A1IV1 JA . 14.82 7.63 17.61
C10 A1IV1 JA . 16.30 8.53 15.98
C15 A1IV1 JA . 16.26 10.32 13.19
C16 A1IV1 JA . 14.96 11.02 12.74
C19 A1IV1 JA . 14.69 13.57 12.22
C22 A1IV1 JA . 15.45 15.50 9.01
C23 A1IV1 JA . 14.70 15.61 7.83
C24 A1IV1 JA . 14.98 16.60 6.91
C25 A1IV1 JA . 16.00 17.49 7.15
C27 A1IV1 JA . 16.77 17.41 8.29
C28 A1IV1 JA . 16.49 16.44 9.20
C31 A1IV1 JA . 14.91 12.02 10.35
C35 A1IV1 JA . 13.61 12.00 16.67
C36 A1IV1 JA . 14.89 11.55 16.40
C37 A1IV1 JA . 15.24 11.25 15.10
C38 A1IV1 JA . 15.99 7.50 15.10
C39 A1IV1 JA . 15.09 6.54 15.48
C17 A1IV1 JA . 14.03 10.00 12.08
C18 A1IV1 JA . 15.26 12.22 11.81
C20 A1IV1 JA . 15.31 14.67 11.37
C30 A1IV1 JA . 15.51 13.12 9.48
C32 A1IV1 JA . 14.34 11.40 14.06
C33 A1IV1 JA . 13.05 11.85 14.34
C34 A1IV1 JA . 12.69 12.14 15.65
C9 A1IV1 JA . 15.72 8.59 17.22
F29 A1IV1 JA . 17.26 16.39 10.31
N14 A1IV1 JA . 16.49 10.78 14.59
N2 A1IV1 JA . 11.94 6.07 16.87
N21 A1IV1 JA . 15.13 14.46 9.93
O12 A1IV1 JA . 18.42 9.24 14.63
O13 A1IV1 JA . 17.82 10.50 16.67
O5 A1IV1 JA . 13.49 4.25 16.38
O6 A1IV1 JA . 13.41 5.23 18.65
S11 A1IV1 JA . 17.44 9.78 15.50
S4 A1IV1 JA . 13.36 5.37 17.23
CL26 A1IV1 JA . 16.34 18.73 5.96
H41 A1IV1 JA . 10.49 7.01 17.89
H40 A1IV1 JA . 11.62 8.00 17.37
H42 A1IV1 JA . 11.89 7.06 18.63
H45 A1IV1 JA . 12.37 5.96 14.91
H44 A1IV1 JA . 11.54 7.26 15.28
H43 A1IV1 JA . 10.82 5.84 15.22
H46 A1IV1 JA . 14.42 7.66 18.48
H49 A1IV1 JA . 17.02 10.55 12.61
H48 A1IV1 JA . 16.14 9.35 13.16
H54 A1IV1 JA . 13.71 13.57 12.09
H55 A1IV1 JA . 14.87 13.75 13.16
H58 A1IV1 JA . 14.00 15.01 7.67
H59 A1IV1 JA . 14.47 16.67 6.11
H60 A1IV1 JA . 17.48 18.03 8.44
H63 A1IV1 JA . 15.25 11.16 10.04
H64 A1IV1 JA . 13.94 12.02 10.23
H67 A1IV1 JA . 13.35 12.21 17.58
H68 A1IV1 JA . 15.51 11.45 17.10
H69 A1IV1 JA . 16.39 7.47 14.23
H70 A1IV1 JA . 14.87 5.82 14.88
H51 A1IV1 JA . 14.51 9.54 11.36
H50 A1IV1 JA . 13.24 10.45 11.72
H52 A1IV1 JA . 13.75 9.34 12.75
H53 A1IV1 JA . 16.24 12.34 11.84
H57 A1IV1 JA . 14.93 15.53 11.63
H56 A1IV1 JA . 16.27 14.70 11.57
H61 A1IV1 JA . 16.48 13.05 9.51
H62 A1IV1 JA . 15.22 12.99 8.56
H65 A1IV1 JA . 12.43 11.95 13.64
H66 A1IV1 JA . 11.81 12.46 15.84
H47 A1IV1 JA . 15.94 9.31 17.83
#